data_6G81
#
_entry.id   6G81
#
loop_
_entity.id
_entity.type
_entity.pdbx_description
1 polymer 'Hydrogenase maturation factor HypA'
2 non-polymer 'ZINC ION'
#
_entity_poly.entity_id   1
_entity_poly.type   'polypeptide(L)'
_entity_poly.pdbx_seq_one_letter_code
;MHEYSVVSSLIALCEEHAKKNQAHKIERVVVGIGERSAMDKSLFVSAFETFREESLVCKDAILDIVDEKVELECKDCSHV
FKPNALDYGVCEKCHSKNVIITQGNEMRLLSLEMLAE
;
_entity_poly.pdbx_strand_id   A
#
loop_
_chem_comp.id
_chem_comp.type
_chem_comp.name
_chem_comp.formula
ZN non-polymer 'ZINC ION' 'Zn 2'
#
# COMPACT_ATOMS: atom_id res chain seq x y z
N MET A 1 0.14 -3.34 -9.67
CA MET A 1 -1.26 -2.86 -9.49
C MET A 1 -2.21 -4.02 -9.36
N HIS A 2 -2.07 -5.06 -10.17
CA HIS A 2 -3.00 -6.21 -10.11
C HIS A 2 -2.79 -6.89 -8.75
N GLU A 3 -3.82 -7.46 -8.14
CA GLU A 3 -3.72 -7.84 -6.73
C GLU A 3 -2.70 -8.90 -6.39
N TYR A 4 -2.64 -9.97 -7.15
CA TYR A 4 -1.74 -11.07 -6.84
C TYR A 4 -0.29 -10.61 -7.10
N SER A 5 -0.07 -9.70 -8.05
CA SER A 5 1.25 -9.24 -8.36
C SER A 5 1.72 -8.33 -7.21
N VAL A 6 0.84 -7.53 -6.67
CA VAL A 6 1.21 -6.63 -5.56
C VAL A 6 1.48 -7.46 -4.33
N VAL A 7 0.67 -8.49 -4.08
CA VAL A 7 0.89 -9.33 -2.89
C VAL A 7 2.16 -10.12 -3.08
N SER A 8 2.46 -10.63 -4.27
CA SER A 8 3.72 -11.35 -4.44
C SER A 8 4.91 -10.42 -4.18
N SER A 9 4.74 -9.15 -4.55
CA SER A 9 5.78 -8.15 -4.30
C SER A 9 5.84 -7.85 -2.79
N LEU A 10 4.69 -7.80 -2.15
CA LEU A 10 4.57 -7.54 -0.73
C LEU A 10 5.24 -8.61 0.10
N ILE A 11 5.08 -9.88 -0.21
CA ILE A 11 5.71 -10.92 0.61
C ILE A 11 7.23 -10.74 0.51
N ALA A 12 7.75 -10.42 -0.66
CA ALA A 12 9.19 -10.24 -0.79
C ALA A 12 9.61 -8.99 -0.04
N LEU A 13 8.75 -7.98 -0.07
CA LEU A 13 9.01 -6.71 0.61
C LEU A 13 9.01 -6.94 2.13
N CYS A 14 8.16 -7.83 2.57
CA CYS A 14 8.11 -8.16 3.99
C CYS A 14 9.41 -8.88 4.36
N GLU A 15 9.88 -9.77 3.49
CA GLU A 15 11.13 -10.45 3.76
C GLU A 15 12.32 -9.51 3.75
N GLU A 16 12.36 -8.55 2.84
CA GLU A 16 13.51 -7.67 2.83
C GLU A 16 13.51 -6.83 4.11
N HIS A 17 12.35 -6.45 4.60
CA HIS A 17 12.25 -5.69 5.82
C HIS A 17 12.66 -6.55 6.97
N ALA A 18 12.41 -7.84 6.86
CA ALA A 18 12.84 -8.76 7.89
C ALA A 18 14.37 -8.79 7.90
N LYS A 19 15.00 -8.75 6.73
CA LYS A 19 16.48 -8.74 6.69
C LYS A 19 17.01 -7.40 7.24
N LYS A 20 16.31 -6.33 6.92
CA LYS A 20 16.72 -4.97 7.30
C LYS A 20 16.50 -4.74 8.77
N ASN A 21 15.57 -5.45 9.39
CA ASN A 21 15.31 -5.26 10.80
C ASN A 21 15.96 -6.37 11.58
N GLN A 22 16.71 -7.21 10.88
CA GLN A 22 17.41 -8.34 11.51
C GLN A 22 16.41 -9.19 12.31
N ALA A 23 15.30 -9.50 11.68
CA ALA A 23 14.22 -10.26 12.27
C ALA A 23 13.98 -11.53 11.44
N HIS A 24 13.55 -12.59 12.07
CA HIS A 24 13.35 -13.89 11.37
C HIS A 24 11.88 -14.22 11.10
N LYS A 25 10.93 -13.55 11.77
CA LYS A 25 9.52 -13.91 11.64
C LYS A 25 8.58 -12.70 11.84
N ILE A 26 7.62 -12.49 10.99
CA ILE A 26 6.70 -11.34 11.07
C ILE A 26 5.35 -11.87 11.56
N GLU A 27 4.83 -11.30 12.65
CA GLU A 27 3.55 -11.72 13.19
C GLU A 27 2.36 -10.92 12.67
N ARG A 28 2.60 -9.70 12.21
CA ARG A 28 1.51 -8.84 11.73
C ARG A 28 2.04 -7.89 10.66
N VAL A 29 1.28 -7.69 9.60
CA VAL A 29 1.62 -6.75 8.53
C VAL A 29 0.39 -5.86 8.42
N VAL A 30 0.55 -4.56 8.54
CA VAL A 30 -0.59 -3.66 8.38
C VAL A 30 -0.26 -2.79 7.17
N VAL A 31 -1.25 -2.58 6.32
CA VAL A 31 -1.06 -1.86 5.07
C VAL A 31 -2.09 -0.75 4.97
N GLY A 32 -1.82 0.16 4.07
CA GLY A 32 -2.73 1.24 3.80
C GLY A 32 -3.08 1.11 2.33
N ILE A 33 -4.36 1.14 2.00
CA ILE A 33 -4.82 1.03 0.64
C ILE A 33 -5.71 2.25 0.48
N GLY A 34 -5.53 2.97 -0.62
CA GLY A 34 -6.31 4.16 -0.85
C GLY A 34 -7.78 3.92 -1.03
N GLU A 35 -8.57 4.90 -0.59
CA GLU A 35 -10.01 4.87 -0.69
C GLU A 35 -10.52 4.92 -2.17
N ARG A 36 -9.73 5.49 -3.05
CA ARG A 36 -10.05 5.57 -4.49
C ARG A 36 -9.03 4.79 -5.30
N SER A 37 -8.44 3.81 -4.66
CA SER A 37 -7.38 3.04 -5.29
C SER A 37 -7.84 2.12 -6.40
N ALA A 38 -6.89 1.78 -7.26
CA ALA A 38 -7.09 0.88 -8.38
C ALA A 38 -7.01 -0.57 -7.89
N MET A 39 -7.26 -0.79 -6.59
CA MET A 39 -7.10 -2.12 -6.00
C MET A 39 -8.36 -2.60 -5.28
N ASP A 40 -8.48 -3.92 -5.27
CA ASP A 40 -9.62 -4.64 -4.67
C ASP A 40 -9.24 -5.28 -3.33
N LYS A 41 -9.75 -4.73 -2.23
CA LYS A 41 -9.41 -5.25 -0.91
C LYS A 41 -9.85 -6.68 -0.67
N SER A 42 -10.94 -7.09 -1.31
CA SER A 42 -11.45 -8.44 -1.09
C SER A 42 -10.51 -9.46 -1.68
N LEU A 43 -9.95 -9.15 -2.84
CA LEU A 43 -8.99 -10.08 -3.44
C LEU A 43 -7.62 -9.90 -2.81
N PHE A 44 -7.35 -8.72 -2.28
CA PHE A 44 -6.08 -8.46 -1.63
C PHE A 44 -5.90 -9.34 -0.39
N VAL A 45 -6.93 -9.48 0.43
CA VAL A 45 -6.81 -10.31 1.63
C VAL A 45 -6.82 -11.81 1.24
N SER A 46 -7.41 -12.19 0.09
CA SER A 46 -7.38 -13.59 -0.31
C SER A 46 -6.01 -13.93 -0.89
N ALA A 47 -5.42 -12.99 -1.64
CA ALA A 47 -4.12 -13.19 -2.24
C ALA A 47 -3.07 -13.22 -1.13
N PHE A 48 -3.29 -12.45 -0.07
CA PHE A 48 -2.32 -12.44 1.02
C PHE A 48 -2.27 -13.84 1.64
N GLU A 49 -3.42 -14.49 1.77
CA GLU A 49 -3.40 -15.83 2.34
C GLU A 49 -2.79 -16.80 1.36
N THR A 50 -2.99 -16.59 0.07
CA THR A 50 -2.47 -17.49 -0.95
C THR A 50 -0.94 -17.46 -0.97
N PHE A 51 -0.35 -16.27 -0.91
CA PHE A 51 1.14 -16.12 -0.95
C PHE A 51 1.87 -16.21 0.39
N ARG A 52 1.23 -15.97 1.52
CA ARG A 52 1.99 -15.94 2.79
C ARG A 52 2.53 -17.31 3.17
N GLU A 53 1.87 -18.37 2.75
CA GLU A 53 2.31 -19.74 3.07
C GLU A 53 3.64 -20.06 2.40
N GLU A 54 3.93 -19.35 1.31
CA GLU A 54 5.18 -19.57 0.55
C GLU A 54 6.40 -19.22 1.35
N SER A 55 6.24 -18.38 2.35
CA SER A 55 7.39 -17.98 3.19
C SER A 55 7.13 -18.09 4.70
N LEU A 56 8.07 -18.70 5.41
CA LEU A 56 7.96 -18.91 6.87
C LEU A 56 7.84 -17.59 7.58
N VAL A 57 8.55 -16.61 7.04
CA VAL A 57 8.62 -15.28 7.61
C VAL A 57 7.22 -14.63 7.67
N CYS A 58 6.41 -14.81 6.64
CA CYS A 58 5.10 -14.16 6.56
C CYS A 58 3.93 -15.10 6.81
N LYS A 59 4.21 -16.38 6.99
CA LYS A 59 3.19 -17.41 7.08
C LYS A 59 2.08 -17.19 8.11
N ASP A 60 2.44 -16.67 9.27
CA ASP A 60 1.46 -16.50 10.34
C ASP A 60 1.09 -15.03 10.52
N ALA A 61 1.51 -14.18 9.59
CA ALA A 61 1.26 -12.75 9.73
C ALA A 61 -0.23 -12.39 9.61
N ILE A 62 -0.71 -11.56 10.51
CA ILE A 62 -2.07 -11.07 10.52
C ILE A 62 -2.10 -9.88 9.59
N LEU A 63 -3.05 -9.86 8.67
CA LEU A 63 -3.13 -8.74 7.72
C LEU A 63 -4.29 -7.82 8.05
N ASP A 64 -4.00 -6.53 8.22
CA ASP A 64 -4.98 -5.49 8.52
C ASP A 64 -4.87 -4.40 7.45
N ILE A 65 -5.99 -3.78 7.07
CA ILE A 65 -5.96 -2.70 6.05
C ILE A 65 -6.58 -1.38 6.58
N VAL A 66 -5.87 -0.30 6.36
CA VAL A 66 -6.31 1.04 6.72
C VAL A 66 -6.63 1.76 5.42
N ASP A 67 -7.81 2.38 5.36
CA ASP A 67 -8.23 3.08 4.16
C ASP A 67 -7.64 4.50 4.19
N GLU A 68 -6.91 4.90 3.15
CA GLU A 68 -6.28 6.21 3.11
C GLU A 68 -6.78 7.15 2.00
N LYS A 69 -6.75 8.43 2.29
CA LYS A 69 -7.14 9.48 1.36
C LYS A 69 -6.04 9.67 0.33
N VAL A 70 -6.46 9.95 -0.90
CA VAL A 70 -5.51 10.13 -2.02
C VAL A 70 -4.72 11.44 -1.92
N GLU A 71 -3.55 11.44 -2.58
CA GLU A 71 -2.69 12.63 -2.65
C GLU A 71 -2.49 12.90 -4.15
N LEU A 72 -2.47 14.15 -4.55
CA LEU A 72 -2.41 14.51 -5.97
C LEU A 72 -1.23 15.43 -6.30
N GLU A 73 -0.75 15.31 -7.51
CA GLU A 73 0.32 16.13 -8.05
C GLU A 73 -0.22 16.66 -9.30
N CYS A 74 0.14 17.88 -9.65
CA CYS A 74 -0.34 18.48 -10.89
C CYS A 74 0.83 18.40 -11.85
N LYS A 75 0.60 18.06 -13.11
CA LYS A 75 1.60 18.05 -14.14
C LYS A 75 2.09 19.49 -14.16
N ASP A 76 3.33 19.76 -14.52
CA ASP A 76 4.09 20.90 -14.00
C ASP A 76 3.41 22.25 -13.72
N CYS A 77 3.02 22.27 -12.41
CA CYS A 77 2.37 23.33 -11.61
C CYS A 77 2.98 22.87 -10.28
N SER A 78 3.54 23.75 -9.45
CA SER A 78 4.10 23.17 -8.20
C SER A 78 2.96 23.13 -7.21
N HIS A 79 2.41 21.94 -7.03
CA HIS A 79 1.25 21.74 -6.20
C HIS A 79 0.93 20.59 -5.26
N VAL A 80 1.84 19.69 -4.88
CA VAL A 80 1.38 18.39 -4.38
C VAL A 80 0.73 18.59 -2.99
N PHE A 81 -0.47 18.04 -2.94
CA PHE A 81 -1.43 18.26 -1.83
C PHE A 81 -2.44 17.12 -1.72
N LYS A 82 -3.24 17.13 -0.66
CA LYS A 82 -4.37 16.20 -0.52
C LYS A 82 -5.62 17.05 -0.83
N PRO A 83 -6.50 16.58 -1.74
CA PRO A 83 -7.69 17.41 -2.04
C PRO A 83 -8.68 17.43 -0.86
N ASN A 84 -9.41 18.54 -0.75
CA ASN A 84 -10.31 18.74 0.39
C ASN A 84 -11.81 18.84 0.03
N ALA A 85 -12.14 18.62 -1.23
CA ALA A 85 -13.49 18.83 -1.77
C ALA A 85 -13.73 17.84 -2.88
N LEU A 86 -14.90 17.95 -3.52
CA LEU A 86 -15.33 17.12 -4.65
C LEU A 86 -14.52 17.43 -5.93
N ASP A 87 -13.54 18.29 -5.73
CA ASP A 87 -12.66 18.75 -6.77
C ASP A 87 -11.53 17.73 -7.01
N TYR A 88 -11.78 16.46 -6.69
CA TYR A 88 -10.83 15.39 -6.94
C TYR A 88 -10.60 15.34 -8.44
N GLY A 89 -9.39 15.01 -8.86
CA GLY A 89 -9.09 14.83 -10.29
C GLY A 89 -8.58 16.07 -10.99
N VAL A 90 -8.46 17.21 -10.30
CA VAL A 90 -7.88 18.43 -10.85
C VAL A 90 -7.05 19.03 -9.73
N CYS A 91 -6.15 19.93 -10.06
CA CYS A 91 -5.33 20.64 -9.09
C CYS A 91 -6.28 21.63 -8.39
N GLU A 92 -5.89 22.19 -7.27
CA GLU A 92 -6.70 23.27 -6.65
C GLU A 92 -6.04 24.64 -6.88
N LYS A 93 -4.74 24.70 -7.22
CA LYS A 93 -4.03 25.96 -7.45
C LYS A 93 -4.51 26.61 -8.74
N CYS A 94 -4.82 25.73 -9.66
CA CYS A 94 -5.35 25.95 -10.98
C CYS A 94 -6.29 24.79 -10.95
N HIS A 95 -7.19 24.64 -11.90
CA HIS A 95 -8.05 23.45 -11.95
C HIS A 95 -7.75 22.73 -13.24
N SER A 96 -6.46 22.69 -13.52
CA SER A 96 -5.97 22.08 -14.72
C SER A 96 -6.26 20.58 -14.71
N LYS A 97 -6.60 20.09 -15.87
CA LYS A 97 -6.81 18.66 -16.16
C LYS A 97 -5.41 18.10 -16.22
N ASN A 98 -5.31 16.77 -16.13
CA ASN A 98 -4.04 16.05 -16.15
C ASN A 98 -3.26 16.28 -14.86
N VAL A 99 -3.83 15.79 -13.78
CA VAL A 99 -3.12 15.73 -12.51
C VAL A 99 -3.01 14.24 -12.28
N ILE A 100 -2.10 13.80 -11.45
CA ILE A 100 -1.93 12.36 -11.21
C ILE A 100 -1.92 12.06 -9.72
N ILE A 101 -2.44 10.91 -9.36
CA ILE A 101 -2.46 10.47 -7.98
C ILE A 101 -1.08 9.95 -7.63
N THR A 102 -0.51 10.44 -6.56
CA THR A 102 0.82 10.01 -6.16
C THR A 102 0.75 8.94 -5.09
N GLN A 103 -0.24 9.09 -4.23
CA GLN A 103 -0.43 8.14 -3.14
C GLN A 103 -1.92 7.87 -3.03
N GLY A 104 -2.27 6.68 -2.54
CA GLY A 104 -3.67 6.33 -2.41
C GLY A 104 -4.22 5.64 -3.65
N ASN A 105 -3.39 5.38 -4.64
CA ASN A 105 -3.85 4.66 -5.84
C ASN A 105 -3.54 3.19 -5.74
N GLU A 106 -2.46 2.93 -5.03
CA GLU A 106 -1.92 1.59 -4.84
C GLU A 106 -1.48 1.45 -3.34
N MET A 107 -1.31 0.20 -2.95
CA MET A 107 -1.01 -0.20 -1.56
C MET A 107 0.37 0.23 -1.04
N ARG A 108 0.40 0.54 0.26
CA ARG A 108 1.57 1.03 1.01
C ARG A 108 1.72 0.23 2.31
N LEU A 109 2.91 0.07 2.86
CA LEU A 109 3.09 -0.60 4.16
C LEU A 109 3.08 0.46 5.24
N LEU A 110 2.40 0.21 6.34
CA LEU A 110 2.40 1.17 7.44
C LEU A 110 3.26 0.72 8.63
N SER A 111 3.06 -0.50 9.10
CA SER A 111 3.83 -1.07 10.23
C SER A 111 3.93 -2.58 10.15
N LEU A 112 4.91 -3.14 10.82
CA LEU A 112 5.06 -4.61 10.91
C LEU A 112 5.32 -5.00 12.38
N GLU A 113 4.80 -6.13 12.84
CA GLU A 113 5.14 -6.63 14.19
C GLU A 113 6.13 -7.77 13.94
N MET A 114 7.29 -7.77 14.58
CA MET A 114 8.31 -8.71 14.17
C MET A 114 9.06 -9.37 15.33
N LEU A 115 9.62 -10.55 15.10
CA LEU A 115 10.36 -11.26 16.13
C LEU A 115 11.86 -11.22 15.72
N ALA A 116 12.71 -10.80 16.66
CA ALA A 116 14.15 -10.66 16.40
C ALA A 116 14.80 -12.04 16.16
N GLU A 117 15.85 -12.06 15.34
CA GLU A 117 16.60 -13.26 15.01
C GLU A 117 17.36 -13.77 16.24
ZN ZN B . -2.05 22.75 -10.81
N MET A 1 -1.10 -2.97 -9.59
CA MET A 1 -2.54 -2.56 -9.52
C MET A 1 -3.46 -3.75 -9.30
N HIS A 2 -3.20 -4.86 -9.99
CA HIS A 2 -4.01 -6.08 -9.83
C HIS A 2 -3.73 -6.68 -8.46
N GLU A 3 -4.68 -7.33 -7.81
CA GLU A 3 -4.48 -7.72 -6.42
C GLU A 3 -3.43 -8.78 -6.17
N TYR A 4 -3.33 -9.81 -7.00
CA TYR A 4 -2.32 -10.86 -6.73
C TYR A 4 -0.91 -10.36 -7.03
N SER A 5 -0.78 -9.45 -7.98
CA SER A 5 0.53 -8.85 -8.28
C SER A 5 0.98 -7.90 -7.14
N VAL A 6 0.06 -7.13 -6.59
CA VAL A 6 0.44 -6.20 -5.51
C VAL A 6 0.76 -6.98 -4.26
N VAL A 7 0.02 -8.04 -3.97
CA VAL A 7 0.36 -8.87 -2.80
C VAL A 7 1.68 -9.60 -3.02
N SER A 8 1.98 -10.01 -4.24
CA SER A 8 3.25 -10.68 -4.48
C SER A 8 4.42 -9.72 -4.14
N SER A 9 4.23 -8.44 -4.45
CA SER A 9 5.23 -7.43 -4.14
C SER A 9 5.23 -7.15 -2.63
N LEU A 10 4.06 -7.26 -1.99
CA LEU A 10 3.93 -7.01 -0.57
C LEU A 10 4.74 -8.00 0.23
N ILE A 11 4.70 -9.28 -0.13
CA ILE A 11 5.45 -10.28 0.62
C ILE A 11 6.95 -9.96 0.55
N ALA A 12 7.43 -9.53 -0.61
CA ALA A 12 8.87 -9.22 -0.75
C ALA A 12 9.21 -7.94 0.02
N LEU A 13 8.28 -7.00 -0.01
CA LEU A 13 8.47 -5.72 0.65
C LEU A 13 8.53 -5.95 2.17
N CYS A 14 7.72 -6.89 2.64
CA CYS A 14 7.72 -7.27 4.01
C CYS A 14 9.03 -7.96 4.36
N GLU A 15 9.56 -8.79 3.45
CA GLU A 15 10.84 -9.47 3.68
C GLU A 15 11.98 -8.46 3.75
N GLU A 16 11.99 -7.41 2.95
CA GLU A 16 13.15 -6.50 3.04
C GLU A 16 13.05 -5.76 4.39
N HIS A 17 11.84 -5.47 4.85
CA HIS A 17 11.73 -4.82 6.16
C HIS A 17 12.19 -5.75 7.24
N ALA A 18 11.95 -7.05 7.09
CA ALA A 18 12.45 -7.99 8.07
C ALA A 18 13.99 -7.89 8.14
N LYS A 19 14.63 -7.77 6.99
CA LYS A 19 16.11 -7.70 6.96
C LYS A 19 16.60 -6.39 7.57
N LYS A 20 15.86 -5.33 7.32
CA LYS A 20 16.18 -3.99 7.82
C LYS A 20 15.93 -3.88 9.32
N ASN A 21 15.07 -4.72 9.86
CA ASN A 21 14.72 -4.70 11.28
C ASN A 21 15.49 -5.83 11.99
N GLN A 22 16.36 -6.53 11.27
CA GLN A 22 17.11 -7.66 11.84
C GLN A 22 16.14 -8.64 12.46
N ALA A 23 15.09 -8.98 11.69
CA ALA A 23 14.03 -9.87 12.14
C ALA A 23 13.96 -11.02 11.10
N HIS A 24 13.47 -12.16 11.54
CA HIS A 24 13.39 -13.34 10.67
C HIS A 24 11.96 -13.87 10.48
N LYS A 25 11.02 -13.30 11.24
CA LYS A 25 9.67 -13.82 11.21
C LYS A 25 8.69 -12.67 11.51
N ILE A 26 7.62 -12.53 10.71
CA ILE A 26 6.66 -11.44 10.88
C ILE A 26 5.32 -11.93 11.50
N GLU A 27 4.92 -11.36 12.61
CA GLU A 27 3.67 -11.73 13.25
C GLU A 27 2.45 -10.98 12.73
N ARG A 28 2.63 -9.74 12.30
CA ARG A 28 1.51 -8.88 11.82
C ARG A 28 2.00 -7.92 10.75
N VAL A 29 1.19 -7.70 9.73
CA VAL A 29 1.45 -6.71 8.67
C VAL A 29 0.19 -5.87 8.57
N VAL A 30 0.30 -4.56 8.63
CA VAL A 30 -0.89 -3.72 8.41
C VAL A 30 -0.55 -2.86 7.20
N VAL A 31 -1.53 -2.68 6.34
CA VAL A 31 -1.32 -1.95 5.10
C VAL A 31 -2.33 -0.86 4.94
N GLY A 32 -2.01 0.09 4.08
CA GLY A 32 -2.91 1.16 3.76
C GLY A 32 -3.23 0.97 2.30
N ILE A 33 -4.49 0.80 1.94
CA ILE A 33 -4.85 0.61 0.54
C ILE A 33 -5.66 1.84 0.20
N GLY A 34 -5.26 2.51 -0.87
CA GLY A 34 -5.88 3.73 -1.28
C GLY A 34 -7.34 3.69 -1.66
N GLU A 35 -8.01 4.79 -1.42
CA GLU A 35 -9.42 4.99 -1.70
C GLU A 35 -9.76 5.03 -3.20
N ARG A 36 -8.76 5.22 -4.07
CA ARG A 36 -8.97 5.25 -5.53
C ARG A 36 -8.29 4.03 -6.14
N SER A 37 -7.97 3.04 -5.32
CA SER A 37 -7.27 1.88 -5.84
C SER A 37 -8.19 1.07 -6.72
N ALA A 38 -7.60 0.36 -7.68
CA ALA A 38 -8.34 -0.57 -8.54
C ALA A 38 -8.64 -1.87 -7.77
N MET A 39 -8.02 -1.99 -6.60
CA MET A 39 -7.97 -3.23 -5.85
C MET A 39 -9.28 -3.57 -5.12
N ASP A 40 -9.62 -4.85 -5.13
CA ASP A 40 -10.73 -5.38 -4.32
C ASP A 40 -10.13 -5.88 -3.04
N LYS A 41 -10.63 -5.39 -1.91
CA LYS A 41 -10.07 -5.74 -0.59
C LYS A 41 -10.35 -7.18 -0.25
N SER A 42 -11.43 -7.72 -0.77
CA SER A 42 -11.75 -9.14 -0.47
C SER A 42 -10.79 -10.09 -1.17
N LEU A 43 -10.41 -9.73 -2.39
CA LEU A 43 -9.46 -10.56 -3.10
C LEU A 43 -8.08 -10.30 -2.55
N PHE A 44 -7.84 -9.11 -2.00
CA PHE A 44 -6.51 -8.82 -1.45
C PHE A 44 -6.22 -9.70 -0.25
N VAL A 45 -7.18 -9.88 0.64
CA VAL A 45 -6.93 -10.70 1.81
C VAL A 45 -6.92 -12.18 1.40
N SER A 46 -7.56 -12.51 0.29
CA SER A 46 -7.57 -13.90 -0.20
C SER A 46 -6.17 -14.22 -0.76
N ALA A 47 -5.60 -13.25 -1.46
CA ALA A 47 -4.28 -13.34 -2.04
C ALA A 47 -3.20 -13.34 -0.95
N PHE A 48 -3.40 -12.61 0.14
CA PHE A 48 -2.36 -12.58 1.18
C PHE A 48 -2.22 -13.95 1.77
N GLU A 49 -3.33 -14.62 1.96
CA GLU A 49 -3.26 -16.00 2.48
C GLU A 49 -2.66 -16.91 1.46
N THR A 50 -2.88 -16.66 0.17
CA THR A 50 -2.30 -17.52 -0.86
C THR A 50 -0.77 -17.36 -0.98
N PHE A 51 -0.29 -16.11 -0.91
CA PHE A 51 1.15 -15.84 -1.04
C PHE A 51 1.95 -15.92 0.25
N ARG A 52 1.32 -15.77 1.41
CA ARG A 52 2.10 -15.76 2.66
C ARG A 52 2.81 -17.12 2.94
N GLU A 53 2.27 -18.20 2.46
CA GLU A 53 2.83 -19.51 2.66
C GLU A 53 4.14 -19.67 1.87
N GLU A 54 4.30 -18.84 0.82
CA GLU A 54 5.47 -18.93 -0.05
C GLU A 54 6.75 -18.50 0.65
N SER A 55 6.59 -17.83 1.79
CA SER A 55 7.73 -17.39 2.58
C SER A 55 7.52 -17.68 4.07
N LEU A 56 8.52 -18.29 4.70
CA LEU A 56 8.42 -18.60 6.14
C LEU A 56 8.29 -17.29 6.93
N VAL A 57 8.97 -16.26 6.42
CA VAL A 57 9.03 -14.97 7.07
C VAL A 57 7.62 -14.40 7.30
N CYS A 58 6.77 -14.52 6.30
CA CYS A 58 5.43 -13.90 6.33
C CYS A 58 4.29 -14.88 6.53
N LYS A 59 4.59 -16.17 6.71
CA LYS A 59 3.58 -17.22 6.83
C LYS A 59 2.56 -17.11 7.96
N ASP A 60 2.93 -16.64 9.13
CA ASP A 60 1.98 -16.52 10.26
C ASP A 60 1.52 -15.09 10.46
N ALA A 61 1.81 -14.23 9.50
CA ALA A 61 1.44 -12.83 9.62
C ALA A 61 -0.07 -12.64 9.58
N ILE A 62 -0.55 -11.60 10.25
CA ILE A 62 -1.96 -11.23 10.24
C ILE A 62 -2.03 -10.03 9.37
N LEU A 63 -2.95 -10.01 8.41
CA LEU A 63 -3.06 -8.87 7.53
C LEU A 63 -4.28 -8.04 7.90
N ASP A 64 -4.10 -6.72 7.96
CA ASP A 64 -5.17 -5.80 8.34
C ASP A 64 -5.09 -4.58 7.44
N ILE A 65 -6.18 -4.27 6.75
CA ILE A 65 -6.22 -3.12 5.81
C ILE A 65 -6.82 -1.85 6.48
N VAL A 66 -6.14 -0.74 6.26
CA VAL A 66 -6.57 0.59 6.68
C VAL A 66 -6.85 1.37 5.39
N ASP A 67 -8.05 1.92 5.28
CA ASP A 67 -8.39 2.74 4.09
C ASP A 67 -7.65 4.07 4.18
N GLU A 68 -7.04 4.52 3.08
CA GLU A 68 -6.30 5.80 3.09
C GLU A 68 -6.58 6.76 1.94
N LYS A 69 -6.38 8.03 2.26
CA LYS A 69 -6.52 9.15 1.34
C LYS A 69 -5.34 9.20 0.37
N VAL A 70 -5.59 9.79 -0.79
CA VAL A 70 -4.60 9.93 -1.85
C VAL A 70 -3.73 11.17 -1.69
N GLU A 71 -2.56 11.10 -2.30
CA GLU A 71 -1.65 12.22 -2.40
C GLU A 71 -1.55 12.40 -3.92
N LEU A 72 -1.48 13.65 -4.37
CA LEU A 72 -1.44 13.96 -5.79
C LEU A 72 -0.27 14.81 -6.16
N GLU A 73 0.13 14.69 -7.41
CA GLU A 73 1.19 15.51 -7.97
C GLU A 73 0.56 16.02 -9.27
N CYS A 74 0.93 17.23 -9.63
CA CYS A 74 0.42 17.85 -10.84
C CYS A 74 1.61 17.75 -11.78
N LYS A 75 1.37 17.41 -13.06
CA LYS A 75 2.45 17.36 -14.08
C LYS A 75 3.00 18.77 -14.04
N ASP A 76 4.25 18.98 -14.43
CA ASP A 76 5.04 20.05 -13.82
C ASP A 76 4.44 21.45 -13.57
N CYS A 77 4.01 21.46 -12.32
CA CYS A 77 3.43 22.55 -11.53
C CYS A 77 3.91 22.00 -10.18
N SER A 78 4.82 22.66 -9.48
CA SER A 78 5.30 22.03 -8.22
C SER A 78 4.34 22.26 -7.09
N HIS A 79 3.57 21.21 -6.79
CA HIS A 79 2.48 21.24 -5.82
C HIS A 79 2.21 20.05 -4.87
N VAL A 80 3.10 19.06 -4.73
CA VAL A 80 2.57 17.78 -4.25
C VAL A 80 2.10 17.83 -2.82
N PHE A 81 0.85 17.36 -2.70
CA PHE A 81 -0.03 17.60 -1.53
C PHE A 81 -1.08 16.52 -1.43
N LYS A 82 -1.83 16.54 -0.34
CA LYS A 82 -3.00 15.66 -0.22
C LYS A 82 -4.28 16.54 -0.37
N PRO A 83 -5.17 16.22 -1.33
CA PRO A 83 -6.39 17.04 -1.44
C PRO A 83 -7.31 16.79 -0.24
N ASN A 84 -8.11 17.80 0.17
CA ASN A 84 -9.06 17.59 1.28
C ASN A 84 -10.47 17.30 0.72
N ALA A 85 -10.80 17.98 -0.37
CA ALA A 85 -12.07 17.86 -1.06
C ALA A 85 -12.11 16.60 -1.89
N LEU A 86 -13.30 16.31 -2.46
CA LEU A 86 -13.49 15.16 -3.34
C LEU A 86 -13.44 15.62 -4.80
N ASP A 87 -12.81 16.77 -4.97
CA ASP A 87 -12.59 17.44 -6.24
C ASP A 87 -11.46 16.82 -7.01
N TYR A 88 -11.43 15.50 -6.94
CA TYR A 88 -10.40 14.68 -7.53
C TYR A 88 -10.27 14.91 -9.05
N GLY A 89 -9.03 14.76 -9.53
CA GLY A 89 -8.71 14.87 -10.96
C GLY A 89 -8.17 16.21 -11.44
N VAL A 90 -8.03 17.19 -10.55
CA VAL A 90 -7.44 18.51 -10.90
C VAL A 90 -6.47 18.94 -9.79
N CYS A 91 -5.57 19.86 -10.10
CA CYS A 91 -4.64 20.43 -9.13
C CYS A 91 -5.41 21.53 -8.36
N GLU A 92 -4.84 22.03 -7.27
CA GLU A 92 -5.43 23.17 -6.57
C GLU A 92 -4.57 24.45 -6.73
N LYS A 93 -3.31 24.27 -7.14
CA LYS A 93 -2.37 25.39 -7.39
C LYS A 93 -2.81 26.12 -8.62
N CYS A 94 -3.36 25.31 -9.52
CA CYS A 94 -3.91 25.67 -10.79
C CYS A 94 -5.08 24.70 -10.79
N HIS A 95 -6.03 24.75 -11.70
CA HIS A 95 -7.09 23.72 -11.71
C HIS A 95 -6.97 23.02 -13.03
N SER A 96 -5.71 22.82 -13.37
CA SER A 96 -5.39 22.11 -14.59
C SER A 96 -5.66 20.64 -14.44
N LYS A 97 -6.13 20.05 -15.49
CA LYS A 97 -6.32 18.61 -15.62
C LYS A 97 -4.93 18.04 -15.94
N ASN A 98 -4.76 16.74 -15.73
CA ASN A 98 -3.47 16.00 -15.87
C ASN A 98 -2.67 16.06 -14.57
N VAL A 99 -3.26 15.48 -13.56
CA VAL A 99 -2.61 15.32 -12.27
C VAL A 99 -2.53 13.84 -12.11
N ILE A 100 -1.62 13.39 -11.27
CA ILE A 100 -1.42 11.95 -11.08
C ILE A 100 -1.48 11.64 -9.60
N ILE A 101 -1.63 10.35 -9.27
CA ILE A 101 -1.73 9.90 -7.91
C ILE A 101 -0.37 9.38 -7.49
N THR A 102 0.19 9.93 -6.43
CA THR A 102 1.49 9.48 -5.97
C THR A 102 1.33 8.47 -4.86
N GLN A 103 0.31 8.62 -4.04
CA GLN A 103 0.04 7.67 -2.97
C GLN A 103 -1.44 7.37 -3.02
N GLY A 104 -1.85 6.18 -2.65
CA GLY A 104 -3.25 5.85 -2.64
C GLY A 104 -3.79 5.32 -3.96
N ASN A 105 -2.95 4.96 -4.93
CA ASN A 105 -3.45 4.34 -6.17
C ASN A 105 -3.45 2.82 -5.97
N GLU A 106 -2.65 2.33 -5.03
CA GLU A 106 -2.60 0.91 -4.76
C GLU A 106 -2.34 0.61 -3.28
N MET A 107 -1.12 0.33 -2.86
CA MET A 107 -0.83 -0.09 -1.49
C MET A 107 0.45 0.57 -0.88
N ARG A 108 0.46 0.67 0.45
CA ARG A 108 1.60 1.15 1.30
C ARG A 108 1.63 0.31 2.59
N LEU A 109 2.81 0.06 3.16
CA LEU A 109 2.93 -0.62 4.46
C LEU A 109 2.93 0.43 5.55
N LEU A 110 2.15 0.25 6.61
CA LEU A 110 2.12 1.23 7.69
C LEU A 110 2.98 0.81 8.89
N SER A 111 2.90 -0.44 9.32
CA SER A 111 3.73 -0.94 10.44
C SER A 111 3.75 -2.49 10.40
N LEU A 112 4.77 -3.11 10.98
CA LEU A 112 4.86 -4.58 11.00
C LEU A 112 5.27 -5.03 12.41
N GLU A 113 4.75 -6.15 12.87
CA GLU A 113 5.16 -6.73 14.15
C GLU A 113 6.11 -7.85 13.80
N MET A 114 7.30 -7.90 14.37
CA MET A 114 8.29 -8.90 13.98
C MET A 114 9.06 -9.54 15.13
N LEU A 115 9.55 -10.75 14.92
CA LEU A 115 10.36 -11.44 15.90
C LEU A 115 11.82 -11.32 15.43
N ALA A 116 12.71 -10.99 16.36
CA ALA A 116 14.09 -10.75 16.03
C ALA A 116 14.80 -12.02 15.57
N GLU A 117 15.80 -11.87 14.70
CA GLU A 117 16.59 -12.97 14.19
C GLU A 117 17.56 -13.57 15.21
ZN ZN B . -1.05 22.18 -10.78
N MET A 1 -0.08 -2.71 -9.94
CA MET A 1 -1.53 -2.44 -9.87
C MET A 1 -2.32 -3.68 -9.55
N HIS A 2 -2.02 -4.81 -10.19
CA HIS A 2 -2.80 -5.99 -9.94
C HIS A 2 -2.51 -6.50 -8.52
N GLU A 3 -3.54 -7.02 -7.84
CA GLU A 3 -3.39 -7.38 -6.42
C GLU A 3 -2.42 -8.51 -6.15
N TYR A 4 -2.43 -9.54 -6.96
CA TYR A 4 -1.52 -10.65 -6.74
C TYR A 4 -0.08 -10.29 -7.02
N SER A 5 0.17 -9.41 -7.96
CA SER A 5 1.54 -9.01 -8.24
C SER A 5 2.07 -8.12 -7.11
N VAL A 6 1.22 -7.25 -6.60
CA VAL A 6 1.64 -6.35 -5.51
C VAL A 6 1.83 -7.19 -4.28
N VAL A 7 0.98 -8.17 -4.02
CA VAL A 7 1.18 -9.02 -2.85
C VAL A 7 2.45 -9.88 -3.02
N SER A 8 2.73 -10.34 -4.22
CA SER A 8 3.92 -11.15 -4.45
C SER A 8 5.15 -10.30 -4.12
N SER A 9 5.09 -9.00 -4.45
CA SER A 9 6.21 -8.10 -4.12
C SER A 9 6.14 -7.69 -2.65
N LEU A 10 4.96 -7.77 -2.06
CA LEU A 10 4.80 -7.35 -0.66
C LEU A 10 5.46 -8.34 0.28
N ILE A 11 5.31 -9.61 0.00
CA ILE A 11 5.92 -10.60 0.87
C ILE A 11 7.42 -10.36 0.78
N ALA A 12 7.93 -10.10 -0.40
CA ALA A 12 9.39 -9.89 -0.53
C ALA A 12 9.80 -8.64 0.22
N LEU A 13 8.96 -7.63 0.13
CA LEU A 13 9.20 -6.35 0.79
C LEU A 13 9.18 -6.51 2.32
N CYS A 14 8.31 -7.38 2.79
CA CYS A 14 8.22 -7.65 4.21
C CYS A 14 9.48 -8.32 4.60
N GLU A 15 9.95 -9.25 3.77
CA GLU A 15 11.18 -9.98 4.06
C GLU A 15 12.39 -9.05 3.99
N GLU A 16 12.43 -8.06 3.09
CA GLU A 16 13.62 -7.18 3.10
C GLU A 16 13.61 -6.39 4.40
N HIS A 17 12.44 -6.00 4.90
CA HIS A 17 12.42 -5.28 6.15
C HIS A 17 12.89 -6.22 7.24
N ALA A 18 12.55 -7.51 7.12
CA ALA A 18 13.03 -8.45 8.12
C ALA A 18 14.56 -8.46 8.13
N LYS A 19 15.18 -8.45 6.97
CA LYS A 19 16.63 -8.45 6.86
C LYS A 19 17.21 -7.13 7.40
N LYS A 20 16.50 -6.03 7.19
CA LYS A 20 16.96 -4.72 7.68
C LYS A 20 16.82 -4.59 9.20
N ASN A 21 15.89 -5.35 9.75
CA ASN A 21 15.64 -5.29 11.21
C ASN A 21 16.18 -6.51 11.89
N GLN A 22 16.91 -7.36 11.14
CA GLN A 22 17.54 -8.57 11.69
C GLN A 22 16.48 -9.40 12.43
N ALA A 23 15.35 -9.58 11.76
CA ALA A 23 14.20 -10.28 12.32
C ALA A 23 13.91 -11.51 11.44
N HIS A 24 13.42 -12.58 12.06
CA HIS A 24 13.21 -13.84 11.32
C HIS A 24 11.73 -14.19 10.98
N LYS A 25 10.77 -13.55 11.66
CA LYS A 25 9.38 -13.86 11.42
C LYS A 25 8.48 -12.63 11.69
N ILE A 26 7.55 -12.36 10.81
CA ILE A 26 6.63 -11.23 10.95
C ILE A 26 5.24 -11.77 11.35
N GLU A 27 4.74 -11.33 12.49
CA GLU A 27 3.43 -11.75 12.97
C GLU A 27 2.25 -10.87 12.58
N ARG A 28 2.51 -9.65 12.15
CA ARG A 28 1.43 -8.74 11.74
C ARG A 28 1.93 -7.80 10.64
N VAL A 29 1.11 -7.57 9.63
CA VAL A 29 1.41 -6.65 8.58
C VAL A 29 0.20 -5.74 8.48
N VAL A 30 0.36 -4.45 8.67
CA VAL A 30 -0.80 -3.54 8.52
C VAL A 30 -0.44 -2.65 7.36
N VAL A 31 -1.42 -2.44 6.48
CA VAL A 31 -1.19 -1.70 5.24
C VAL A 31 -2.20 -0.59 5.06
N GLY A 32 -1.87 0.36 4.21
CA GLY A 32 -2.75 1.44 3.85
C GLY A 32 -3.12 1.24 2.40
N ILE A 33 -4.41 1.22 2.09
CA ILE A 33 -4.87 1.05 0.71
C ILE A 33 -5.66 2.30 0.42
N GLY A 34 -5.38 2.95 -0.69
CA GLY A 34 -6.07 4.18 -1.03
C GLY A 34 -7.52 3.95 -1.32
N GLU A 35 -8.36 4.92 -0.96
CA GLU A 35 -9.80 4.80 -1.14
C GLU A 35 -10.22 4.82 -2.62
N ARG A 36 -9.34 5.32 -3.50
CA ARG A 36 -9.57 5.33 -4.95
C ARG A 36 -8.52 4.47 -5.64
N SER A 37 -8.00 3.46 -4.93
CA SER A 37 -6.97 2.60 -5.49
C SER A 37 -7.58 1.69 -6.55
N ALA A 38 -6.73 1.24 -7.47
CA ALA A 38 -7.14 0.33 -8.56
C ALA A 38 -7.05 -1.09 -8.03
N MET A 39 -7.02 -1.24 -6.72
CA MET A 39 -6.87 -2.57 -6.12
C MET A 39 -8.12 -2.90 -5.33
N ASP A 40 -8.63 -4.11 -5.52
CA ASP A 40 -9.81 -4.56 -4.81
C ASP A 40 -9.33 -5.05 -3.43
N LYS A 41 -9.99 -4.67 -2.37
CA LYS A 41 -9.53 -5.04 -1.01
C LYS A 41 -9.80 -6.51 -0.81
N SER A 42 -10.84 -7.02 -1.44
CA SER A 42 -11.19 -8.41 -1.29
C SER A 42 -10.20 -9.31 -2.04
N LEU A 43 -9.70 -8.87 -3.20
CA LEU A 43 -8.74 -9.68 -3.92
C LEU A 43 -7.40 -9.54 -3.26
N PHE A 44 -7.14 -8.41 -2.62
CA PHE A 44 -5.86 -8.19 -1.96
C PHE A 44 -5.69 -9.14 -0.76
N VAL A 45 -6.73 -9.28 0.02
CA VAL A 45 -6.65 -10.16 1.18
C VAL A 45 -6.71 -11.59 0.74
N SER A 46 -7.29 -11.87 -0.43
CA SER A 46 -7.37 -13.25 -0.93
C SER A 46 -5.97 -13.62 -1.42
N ALA A 47 -5.33 -12.68 -2.09
CA ALA A 47 -3.99 -12.89 -2.59
C ALA A 47 -3.04 -12.99 -1.41
N PHE A 48 -3.27 -12.27 -0.30
CA PHE A 48 -2.38 -12.33 0.85
C PHE A 48 -2.44 -13.74 1.45
N GLU A 49 -3.62 -14.35 1.49
CA GLU A 49 -3.75 -15.71 1.99
C GLU A 49 -3.03 -16.69 1.07
N THR A 50 -3.07 -16.43 -0.23
CA THR A 50 -2.39 -17.30 -1.21
C THR A 50 -0.86 -17.21 -1.06
N PHE A 51 -0.34 -16.02 -0.86
CA PHE A 51 1.11 -15.81 -0.69
C PHE A 51 1.69 -16.02 0.71
N ARG A 52 0.93 -15.93 1.80
CA ARG A 52 1.53 -16.18 3.14
C ARG A 52 2.13 -17.58 3.19
N GLU A 53 1.56 -18.52 2.45
CA GLU A 53 2.01 -19.89 2.46
C GLU A 53 3.40 -20.06 1.87
N GLU A 54 3.76 -19.14 0.99
CA GLU A 54 5.01 -19.16 0.27
C GLU A 54 6.24 -18.79 1.11
N SER A 55 6.05 -18.24 2.31
CA SER A 55 7.18 -17.94 3.18
C SER A 55 6.78 -18.16 4.62
N LEU A 56 7.66 -18.78 5.40
CA LEU A 56 7.40 -19.04 6.83
C LEU A 56 7.35 -17.72 7.54
N VAL A 57 8.16 -16.78 7.06
CA VAL A 57 8.31 -15.46 7.66
C VAL A 57 6.98 -14.76 7.80
N CYS A 58 6.12 -14.86 6.80
CA CYS A 58 4.82 -14.19 6.85
C CYS A 58 3.63 -15.14 6.93
N LYS A 59 3.86 -16.45 7.15
CA LYS A 59 2.76 -17.41 7.11
C LYS A 59 1.66 -17.16 8.12
N ASP A 60 2.04 -16.80 9.34
CA ASP A 60 1.03 -16.55 10.39
C ASP A 60 0.72 -15.09 10.57
N ALA A 61 1.19 -14.26 9.65
CA ALA A 61 1.03 -12.84 9.76
C ALA A 61 -0.46 -12.47 9.72
N ILE A 62 -0.82 -11.45 10.46
CA ILE A 62 -2.19 -10.94 10.46
C ILE A 62 -2.23 -9.75 9.51
N LEU A 63 -3.10 -9.75 8.51
CA LEU A 63 -3.20 -8.63 7.58
C LEU A 63 -4.39 -7.75 8.04
N ASP A 64 -4.13 -6.45 8.19
CA ASP A 64 -5.19 -5.51 8.54
C ASP A 64 -5.06 -4.27 7.66
N ILE A 65 -6.14 -3.90 6.94
CA ILE A 65 -6.13 -2.78 6.01
C ILE A 65 -6.69 -1.55 6.66
N VAL A 66 -5.96 -0.44 6.51
CA VAL A 66 -6.38 0.88 6.95
C VAL A 66 -6.66 1.66 5.67
N ASP A 67 -7.82 2.29 5.56
CA ASP A 67 -8.15 3.07 4.36
C ASP A 67 -7.42 4.40 4.40
N GLU A 68 -6.85 4.81 3.27
CA GLU A 68 -6.13 6.11 3.22
C GLU A 68 -6.55 7.04 2.07
N LYS A 69 -6.40 8.33 2.32
CA LYS A 69 -6.67 9.38 1.28
C LYS A 69 -5.50 9.47 0.32
N VAL A 70 -5.83 9.76 -0.91
CA VAL A 70 -4.92 9.85 -2.06
C VAL A 70 -3.98 11.08 -2.05
N GLU A 71 -2.89 10.96 -2.76
CA GLU A 71 -1.94 12.04 -3.04
C GLU A 71 -2.13 12.27 -4.49
N LEU A 72 -2.14 13.54 -4.92
CA LEU A 72 -2.31 13.88 -6.31
C LEU A 72 -1.13 14.65 -6.83
N GLU A 73 -0.89 14.45 -8.13
CA GLU A 73 0.15 15.12 -8.90
C GLU A 73 -0.65 15.72 -10.05
N CYS A 74 -0.29 16.93 -10.45
CA CYS A 74 -0.98 17.61 -11.55
C CYS A 74 -0.06 17.43 -12.73
N LYS A 75 -0.64 17.10 -13.87
CA LYS A 75 0.15 16.96 -15.11
C LYS A 75 0.77 18.36 -15.24
N ASP A 76 1.91 18.47 -15.90
CA ASP A 76 2.88 19.50 -15.51
C ASP A 76 2.44 20.90 -15.14
N CYS A 77 2.31 20.95 -13.78
CA CYS A 77 2.02 22.04 -12.87
C CYS A 77 2.77 21.41 -11.66
N SER A 78 3.86 21.95 -11.18
CA SER A 78 4.54 21.25 -10.09
C SER A 78 3.85 21.61 -8.80
N HIS A 79 3.08 20.67 -8.32
CA HIS A 79 2.22 20.84 -7.17
C HIS A 79 1.99 19.72 -6.14
N VAL A 80 2.75 18.63 -6.10
CA VAL A 80 2.18 17.40 -5.54
C VAL A 80 1.90 17.49 -4.04
N PHE A 81 0.67 17.10 -3.70
CA PHE A 81 0.05 17.35 -2.40
C PHE A 81 -0.99 16.30 -2.05
N LYS A 82 -1.45 16.27 -0.81
CA LYS A 82 -2.51 15.35 -0.39
C LYS A 82 -3.84 16.08 -0.19
N PRO A 83 -4.83 15.90 -1.10
CA PRO A 83 -6.08 16.61 -0.86
C PRO A 83 -6.85 16.01 0.32
N ASN A 84 -7.72 16.77 0.96
CA ASN A 84 -8.53 16.33 2.09
C ASN A 84 -10.01 16.52 1.83
N ALA A 85 -10.35 16.88 0.62
CA ALA A 85 -11.73 17.19 0.26
C ALA A 85 -12.21 16.38 -0.93
N LEU A 86 -13.54 16.35 -1.04
CA LEU A 86 -14.28 15.56 -2.04
C LEU A 86 -14.08 16.03 -3.48
N ASP A 87 -13.48 17.20 -3.68
CA ASP A 87 -13.25 17.75 -5.01
C ASP A 87 -12.04 17.11 -5.67
N TYR A 88 -11.90 15.81 -5.49
CA TYR A 88 -10.79 15.05 -6.06
C TYR A 88 -10.87 15.15 -7.60
N GLY A 89 -9.74 15.03 -8.25
CA GLY A 89 -9.66 15.09 -9.71
C GLY A 89 -9.26 16.43 -10.28
N VAL A 90 -8.99 17.39 -9.40
CA VAL A 90 -8.48 18.68 -9.84
C VAL A 90 -7.31 19.02 -8.94
N CYS A 91 -6.45 19.87 -9.43
CA CYS A 91 -5.29 20.35 -8.66
C CYS A 91 -5.84 21.41 -7.71
N GLU A 92 -5.04 21.87 -6.76
CA GLU A 92 -5.47 22.99 -5.90
C GLU A 92 -4.71 24.27 -6.28
N LYS A 93 -3.62 24.14 -7.01
CA LYS A 93 -2.84 25.30 -7.48
C LYS A 93 -3.62 26.06 -8.55
N CYS A 94 -4.29 25.25 -9.32
CA CYS A 94 -5.11 25.60 -10.45
C CYS A 94 -6.21 24.61 -10.16
N HIS A 95 -7.37 24.68 -10.78
CA HIS A 95 -8.42 23.66 -10.52
C HIS A 95 -8.68 22.98 -11.84
N SER A 96 -7.61 22.83 -12.59
CA SER A 96 -7.68 22.19 -13.88
C SER A 96 -7.81 20.70 -13.64
N LYS A 97 -8.58 20.02 -14.47
CA LYS A 97 -8.65 18.56 -14.43
C LYS A 97 -7.42 18.15 -15.22
N ASN A 98 -6.98 16.90 -15.05
CA ASN A 98 -5.76 16.25 -15.64
C ASN A 98 -4.74 16.16 -14.53
N VAL A 99 -5.15 15.54 -13.43
CA VAL A 99 -4.29 15.22 -12.31
C VAL A 99 -4.25 13.71 -12.24
N ILE A 100 -3.24 13.17 -11.60
CA ILE A 100 -3.13 11.73 -11.47
C ILE A 100 -2.94 11.44 -10.01
N ILE A 101 -3.13 10.20 -9.64
CA ILE A 101 -2.96 9.77 -8.26
C ILE A 101 -1.61 9.11 -8.13
N THR A 102 -0.80 9.52 -7.18
CA THR A 102 0.53 8.91 -7.03
C THR A 102 0.71 8.11 -5.73
N GLN A 103 -0.18 8.31 -4.78
CA GLN A 103 -0.20 7.53 -3.53
C GLN A 103 -1.66 7.30 -3.36
N GLY A 104 -2.04 6.12 -2.88
CA GLY A 104 -3.46 5.84 -2.72
C GLY A 104 -4.04 5.31 -4.01
N ASN A 105 -3.18 5.11 -4.99
CA ASN A 105 -3.58 4.53 -6.27
C ASN A 105 -3.38 3.05 -6.16
N GLU A 106 -2.64 2.67 -5.14
CA GLU A 106 -2.32 1.28 -4.86
C GLU A 106 -2.28 1.04 -3.33
N MET A 107 -1.19 0.45 -2.83
CA MET A 107 -1.02 0.04 -1.45
C MET A 107 0.34 0.49 -0.90
N ARG A 108 0.40 0.73 0.42
CA ARG A 108 1.61 1.18 1.14
C ARG A 108 1.72 0.43 2.49
N LEU A 109 2.91 0.12 2.97
CA LEU A 109 3.09 -0.54 4.29
C LEU A 109 3.12 0.53 5.36
N LEU A 110 2.39 0.33 6.45
CA LEU A 110 2.43 1.32 7.52
C LEU A 110 3.27 0.87 8.72
N SER A 111 3.06 -0.37 9.16
CA SER A 111 3.77 -0.92 10.33
C SER A 111 3.82 -2.43 10.22
N LEU A 112 4.82 -3.04 10.83
CA LEU A 112 4.92 -4.52 10.86
C LEU A 112 5.23 -4.96 12.30
N GLU A 113 4.69 -6.07 12.75
CA GLU A 113 5.09 -6.63 14.07
C GLU A 113 6.11 -7.71 13.76
N MET A 114 7.29 -7.62 14.32
CA MET A 114 8.37 -8.47 13.93
C MET A 114 9.06 -9.12 15.11
N LEU A 115 9.56 -10.34 14.89
CA LEU A 115 10.28 -11.11 15.94
C LEU A 115 11.76 -11.22 15.60
N ALA A 116 12.62 -10.84 16.53
CA ALA A 116 14.07 -10.81 16.29
C ALA A 116 14.62 -12.23 16.01
N GLU A 117 15.67 -12.28 15.21
CA GLU A 117 16.31 -13.52 14.78
C GLU A 117 16.96 -14.27 15.96
ZN ZN B . -2.25 22.06 -11.17
N MET A 1 0.11 -3.37 -9.88
CA MET A 1 -1.34 -3.10 -10.03
C MET A 1 -2.17 -4.38 -9.88
N HIS A 2 -1.78 -5.48 -10.52
CA HIS A 2 -2.60 -6.71 -10.49
C HIS A 2 -2.61 -7.21 -9.04
N GLU A 3 -3.72 -7.73 -8.55
CA GLU A 3 -3.88 -7.91 -7.11
C GLU A 3 -2.88 -8.93 -6.54
N TYR A 4 -2.74 -10.06 -7.22
CA TYR A 4 -1.83 -11.12 -6.75
C TYR A 4 -0.40 -10.74 -6.98
N SER A 5 -0.18 -9.88 -7.95
CA SER A 5 1.19 -9.41 -8.21
C SER A 5 1.69 -8.42 -7.16
N VAL A 6 0.80 -7.55 -6.70
CA VAL A 6 1.16 -6.58 -5.67
C VAL A 6 1.44 -7.36 -4.40
N VAL A 7 0.64 -8.36 -4.11
CA VAL A 7 0.88 -9.19 -2.95
C VAL A 7 2.16 -10.00 -3.13
N SER A 8 2.43 -10.49 -4.31
CA SER A 8 3.66 -11.26 -4.50
C SER A 8 4.89 -10.39 -4.15
N SER A 9 4.85 -9.09 -4.48
CA SER A 9 5.92 -8.15 -4.16
C SER A 9 5.89 -7.75 -2.70
N LEU A 10 4.74 -7.88 -2.05
CA LEU A 10 4.59 -7.51 -0.65
C LEU A 10 5.30 -8.57 0.18
N ILE A 11 5.15 -9.84 -0.17
CA ILE A 11 5.76 -10.88 0.63
C ILE A 11 7.27 -10.69 0.60
N ALA A 12 7.84 -10.43 -0.57
CA ALA A 12 9.29 -10.27 -0.68
C ALA A 12 9.76 -9.02 0.08
N LEU A 13 8.93 -7.99 0.02
CA LEU A 13 9.23 -6.75 0.70
C LEU A 13 9.23 -7.01 2.21
N CYS A 14 8.32 -7.87 2.64
CA CYS A 14 8.25 -8.24 4.04
C CYS A 14 9.51 -9.03 4.42
N GLU A 15 9.96 -9.91 3.52
CA GLU A 15 11.14 -10.68 3.80
C GLU A 15 12.37 -9.78 3.87
N GLU A 16 12.46 -8.74 3.05
CA GLU A 16 13.67 -7.93 3.11
C GLU A 16 13.65 -7.10 4.37
N HIS A 17 12.45 -6.74 4.83
CA HIS A 17 12.36 -6.00 6.08
C HIS A 17 12.77 -6.88 7.20
N ALA A 18 12.45 -8.17 7.11
CA ALA A 18 12.88 -9.07 8.14
C ALA A 18 14.43 -9.06 8.23
N LYS A 19 15.08 -9.06 7.08
CA LYS A 19 16.54 -9.01 7.06
C LYS A 19 17.08 -7.69 7.60
N LYS A 20 16.40 -6.59 7.29
CA LYS A 20 16.83 -5.28 7.72
C LYS A 20 16.61 -5.09 9.21
N ASN A 21 15.63 -5.79 9.77
CA ASN A 21 15.31 -5.65 11.18
C ASN A 21 15.87 -6.81 12.01
N GLN A 22 16.67 -7.69 11.38
CA GLN A 22 17.31 -8.81 12.09
C GLN A 22 16.21 -9.58 12.80
N ALA A 23 15.14 -9.88 12.05
CA ALA A 23 13.99 -10.61 12.56
C ALA A 23 13.76 -11.83 11.67
N HIS A 24 13.21 -12.90 12.25
CA HIS A 24 12.98 -14.15 11.49
C HIS A 24 11.54 -14.34 11.12
N LYS A 25 10.62 -13.65 11.82
CA LYS A 25 9.17 -13.85 11.57
C LYS A 25 8.37 -12.61 11.89
N ILE A 26 7.38 -12.28 11.06
CA ILE A 26 6.50 -11.11 11.23
C ILE A 26 5.15 -11.61 11.73
N GLU A 27 4.66 -11.08 12.85
CA GLU A 27 3.39 -11.52 13.42
C GLU A 27 2.20 -10.72 12.92
N ARG A 28 2.42 -9.47 12.53
CA ARG A 28 1.33 -8.63 12.03
C ARG A 28 1.91 -7.71 10.96
N VAL A 29 1.19 -7.56 9.87
CA VAL A 29 1.53 -6.67 8.79
C VAL A 29 0.34 -5.78 8.58
N VAL A 30 0.47 -4.48 8.71
CA VAL A 30 -0.64 -3.62 8.36
C VAL A 30 -0.18 -2.82 7.15
N VAL A 31 -1.08 -2.60 6.22
CA VAL A 31 -0.74 -1.90 4.98
C VAL A 31 -1.65 -0.72 4.81
N GLY A 32 -1.21 0.20 3.99
CA GLY A 32 -2.04 1.31 3.62
C GLY A 32 -2.36 1.08 2.16
N ILE A 33 -3.63 1.05 1.80
CA ILE A 33 -4.02 0.89 0.41
C ILE A 33 -4.82 2.13 0.15
N GLY A 34 -4.48 2.81 -0.93
CA GLY A 34 -5.13 4.05 -1.24
C GLY A 34 -6.59 3.91 -1.46
N GLU A 35 -7.31 4.92 -1.02
CA GLU A 35 -8.76 4.91 -1.12
C GLU A 35 -9.24 4.92 -2.58
N ARG A 36 -8.43 5.46 -3.50
CA ARG A 36 -8.75 5.53 -4.93
C ARG A 36 -7.74 4.71 -5.72
N SER A 37 -7.22 3.69 -5.07
CA SER A 37 -6.23 2.85 -5.68
C SER A 37 -6.87 1.99 -6.76
N ALA A 38 -6.01 1.49 -7.67
CA ALA A 38 -6.37 0.58 -8.74
C ALA A 38 -6.40 -0.86 -8.22
N MET A 39 -6.80 -1.02 -6.96
CA MET A 39 -6.76 -2.30 -6.26
C MET A 39 -8.13 -2.71 -5.68
N ASP A 40 -8.34 -4.01 -5.58
CA ASP A 40 -9.54 -4.61 -5.03
C ASP A 40 -9.18 -5.18 -3.65
N LYS A 41 -9.70 -4.59 -2.58
CA LYS A 41 -9.34 -5.03 -1.23
C LYS A 41 -9.83 -6.44 -0.92
N SER A 42 -10.91 -6.87 -1.56
CA SER A 42 -11.46 -8.19 -1.25
C SER A 42 -10.56 -9.28 -1.79
N LEU A 43 -10.00 -9.01 -2.97
CA LEU A 43 -9.07 -9.97 -3.59
C LEU A 43 -7.71 -9.83 -2.97
N PHE A 44 -7.40 -8.66 -2.44
CA PHE A 44 -6.09 -8.45 -1.82
C PHE A 44 -5.91 -9.30 -0.59
N VAL A 45 -6.93 -9.34 0.27
CA VAL A 45 -6.81 -10.12 1.50
C VAL A 45 -6.81 -11.60 1.17
N SER A 46 -7.40 -11.99 0.04
CA SER A 46 -7.42 -13.40 -0.35
C SER A 46 -6.08 -13.79 -0.90
N ALA A 47 -5.50 -12.89 -1.69
CA ALA A 47 -4.20 -13.14 -2.29
C ALA A 47 -3.11 -13.23 -1.20
N PHE A 48 -3.28 -12.48 -0.12
CA PHE A 48 -2.28 -12.49 0.97
C PHE A 48 -2.23 -13.87 1.61
N GLU A 49 -3.38 -14.50 1.76
CA GLU A 49 -3.43 -15.83 2.31
C GLU A 49 -2.80 -16.83 1.30
N THR A 50 -3.01 -16.57 0.01
CA THR A 50 -2.51 -17.50 -1.01
C THR A 50 -0.97 -17.49 -1.05
N PHE A 51 -0.36 -16.33 -1.00
CA PHE A 51 1.09 -16.20 -1.05
C PHE A 51 1.82 -16.34 0.28
N ARG A 52 1.17 -16.10 1.43
CA ARG A 52 1.89 -16.18 2.70
C ARG A 52 2.36 -17.58 3.00
N GLU A 53 1.72 -18.56 2.35
CA GLU A 53 2.10 -19.95 2.54
C GLU A 53 3.48 -20.21 1.96
N GLU A 54 3.90 -19.38 1.02
CA GLU A 54 5.21 -19.49 0.36
C GLU A 54 6.39 -19.19 1.29
N SER A 55 6.16 -18.42 2.34
CA SER A 55 7.27 -18.07 3.25
C SER A 55 6.89 -18.09 4.71
N LEU A 56 7.68 -18.74 5.54
CA LEU A 56 7.42 -18.83 6.99
C LEU A 56 7.41 -17.44 7.64
N VAL A 57 8.22 -16.54 7.13
CA VAL A 57 8.36 -15.19 7.68
C VAL A 57 6.99 -14.47 7.75
N CYS A 58 6.12 -14.70 6.78
CA CYS A 58 4.84 -14.04 6.71
C CYS A 58 3.62 -14.99 6.80
N LYS A 59 3.86 -16.28 6.95
CA LYS A 59 2.74 -17.26 6.95
C LYS A 59 1.72 -17.05 8.05
N ASP A 60 2.17 -16.71 9.24
CA ASP A 60 1.26 -16.49 10.36
C ASP A 60 0.99 -15.01 10.59
N ALA A 61 1.44 -14.15 9.70
CA ALA A 61 1.24 -12.71 9.87
C ALA A 61 -0.22 -12.30 9.67
N ILE A 62 -0.72 -11.47 10.56
CA ILE A 62 -2.07 -10.98 10.46
C ILE A 62 -2.03 -9.82 9.49
N LEU A 63 -2.88 -9.85 8.47
CA LEU A 63 -2.94 -8.74 7.48
C LEU A 63 -4.16 -7.87 7.79
N ASP A 64 -3.97 -6.55 7.83
CA ASP A 64 -5.09 -5.63 8.06
C ASP A 64 -4.86 -4.41 7.15
N ILE A 65 -5.84 -4.05 6.34
CA ILE A 65 -5.74 -2.92 5.40
C ILE A 65 -6.29 -1.61 6.02
N VAL A 66 -5.55 -0.51 5.91
CA VAL A 66 -6.00 0.81 6.33
C VAL A 66 -6.15 1.61 5.03
N ASP A 67 -7.33 2.15 4.79
CA ASP A 67 -7.53 2.96 3.58
C ASP A 67 -6.85 4.29 3.85
N GLU A 68 -6.13 4.83 2.88
CA GLU A 68 -5.49 6.14 3.05
C GLU A 68 -5.88 7.14 1.97
N LYS A 69 -5.97 8.39 2.39
CA LYS A 69 -6.40 9.51 1.53
C LYS A 69 -5.37 9.90 0.50
N VAL A 70 -5.83 10.27 -0.65
CA VAL A 70 -5.00 10.67 -1.81
C VAL A 70 -4.23 11.99 -1.69
N GLU A 71 -3.18 12.05 -2.47
CA GLU A 71 -2.40 13.26 -2.69
C GLU A 71 -2.50 13.43 -4.21
N LEU A 72 -2.58 14.65 -4.70
CA LEU A 72 -2.74 14.91 -6.12
C LEU A 72 -1.62 15.79 -6.65
N GLU A 73 -1.32 15.55 -7.91
CA GLU A 73 -0.30 16.32 -8.64
C GLU A 73 -0.97 16.72 -9.91
N CYS A 74 -0.70 17.92 -10.35
CA CYS A 74 -1.28 18.44 -11.56
C CYS A 74 -0.23 18.36 -12.67
N LYS A 75 -0.64 17.93 -13.86
CA LYS A 75 0.26 17.89 -15.01
C LYS A 75 0.65 19.36 -15.18
N ASP A 76 1.83 19.62 -15.74
CA ASP A 76 2.58 20.88 -15.37
C ASP A 76 1.80 22.18 -15.10
N CYS A 77 1.62 22.31 -13.82
CA CYS A 77 1.01 23.35 -13.03
C CYS A 77 1.76 22.96 -11.75
N SER A 78 2.57 23.83 -11.10
CA SER A 78 3.30 23.36 -9.96
C SER A 78 2.36 23.40 -8.77
N HIS A 79 1.83 22.23 -8.39
CA HIS A 79 0.79 22.18 -7.36
C HIS A 79 0.64 21.11 -6.26
N VAL A 80 1.58 20.21 -5.98
CA VAL A 80 1.16 18.97 -5.30
C VAL A 80 0.74 19.22 -3.86
N PHE A 81 -0.42 18.66 -3.56
CA PHE A 81 -1.18 18.93 -2.33
C PHE A 81 -2.07 17.74 -1.99
N LYS A 82 -2.64 17.73 -0.79
CA LYS A 82 -3.65 16.71 -0.45
C LYS A 82 -4.97 17.45 -0.39
N PRO A 83 -5.99 16.97 -1.14
CA PRO A 83 -7.25 17.71 -1.06
C PRO A 83 -8.00 17.46 0.24
N ASN A 84 -8.78 18.43 0.69
CA ASN A 84 -9.54 18.31 1.97
C ASN A 84 -11.05 18.20 1.71
N ALA A 85 -11.45 18.09 0.43
CA ALA A 85 -12.86 18.14 0.05
C ALA A 85 -13.23 17.27 -1.13
N LEU A 86 -14.51 17.25 -1.45
CA LEU A 86 -15.10 16.46 -2.52
C LEU A 86 -14.64 16.90 -3.91
N ASP A 87 -13.73 17.85 -3.95
CA ASP A 87 -13.18 18.40 -5.19
C ASP A 87 -12.06 17.52 -5.77
N TYR A 88 -12.09 16.25 -5.37
CA TYR A 88 -11.12 15.27 -5.88
C TYR A 88 -11.15 15.20 -7.41
N GLY A 89 -10.01 14.89 -8.03
CA GLY A 89 -9.94 14.68 -9.48
C GLY A 89 -9.55 15.87 -10.30
N VAL A 90 -9.36 17.01 -9.65
CA VAL A 90 -8.92 18.23 -10.30
C VAL A 90 -7.85 18.84 -9.39
N CYS A 91 -7.07 19.74 -9.95
CA CYS A 91 -6.09 20.54 -9.18
C CYS A 91 -6.90 21.58 -8.38
N GLU A 92 -6.28 22.27 -7.43
CA GLU A 92 -6.96 23.41 -6.76
C GLU A 92 -6.36 24.76 -7.22
N LYS A 93 -5.18 24.75 -7.82
CA LYS A 93 -4.54 25.97 -8.33
C LYS A 93 -5.30 26.50 -9.51
N CYS A 94 -5.78 25.54 -10.23
CA CYS A 94 -6.59 25.66 -11.40
C CYS A 94 -7.52 24.53 -11.06
N HIS A 95 -8.65 24.35 -11.71
CA HIS A 95 -9.48 23.20 -11.37
C HIS A 95 -9.64 22.37 -12.61
N SER A 96 -8.53 22.28 -13.31
CA SER A 96 -8.47 21.57 -14.56
C SER A 96 -8.37 20.07 -14.36
N LYS A 97 -9.00 19.36 -15.30
CA LYS A 97 -8.93 17.91 -15.41
C LYS A 97 -7.53 17.53 -15.87
N ASN A 98 -7.16 16.24 -15.72
CA ASN A 98 -5.83 15.70 -16.04
C ASN A 98 -4.79 16.05 -15.01
N VAL A 99 -5.12 15.59 -13.82
CA VAL A 99 -4.25 15.58 -12.67
C VAL A 99 -4.05 14.11 -12.38
N ILE A 100 -3.04 13.76 -11.61
CA ILE A 100 -2.75 12.37 -11.33
C ILE A 100 -2.72 12.19 -9.81
N ILE A 101 -2.80 10.95 -9.35
CA ILE A 101 -2.79 10.64 -7.93
C ILE A 101 -1.40 10.15 -7.65
N THR A 102 -0.71 10.80 -6.74
CA THR A 102 0.67 10.41 -6.45
C THR A 102 0.78 9.55 -5.20
N GLN A 103 -0.18 9.68 -4.32
CA GLN A 103 -0.26 8.86 -3.12
C GLN A 103 -1.71 8.50 -2.98
N GLY A 104 -2.01 7.35 -2.42
CA GLY A 104 -3.40 6.92 -2.33
C GLY A 104 -3.79 6.20 -3.61
N ASN A 105 -2.80 5.93 -4.43
CA ASN A 105 -2.98 5.26 -5.71
C ASN A 105 -2.50 3.80 -5.66
N GLU A 106 -1.59 3.46 -4.74
CA GLU A 106 -0.99 2.13 -4.64
C GLU A 106 -0.77 1.74 -3.13
N MET A 107 -0.39 0.48 -2.90
CA MET A 107 -0.13 -0.10 -1.57
C MET A 107 1.15 0.49 -0.92
N ARG A 108 1.16 0.59 0.41
CA ARG A 108 2.30 1.07 1.24
C ARG A 108 2.36 0.21 2.50
N LEU A 109 3.53 -0.04 3.09
CA LEU A 109 3.58 -0.74 4.39
C LEU A 109 3.58 0.28 5.51
N LEU A 110 2.72 0.14 6.51
CA LEU A 110 2.65 1.17 7.57
C LEU A 110 3.38 0.77 8.87
N SER A 111 3.21 -0.45 9.33
CA SER A 111 3.84 -0.94 10.57
C SER A 111 3.99 -2.45 10.49
N LEU A 112 4.96 -3.02 11.16
CA LEU A 112 5.09 -4.47 11.20
C LEU A 112 5.33 -4.89 12.67
N GLU A 113 4.76 -6.00 13.09
CA GLU A 113 5.00 -6.54 14.44
C GLU A 113 5.97 -7.69 14.17
N MET A 114 7.16 -7.74 14.80
CA MET A 114 8.17 -8.73 14.36
C MET A 114 8.90 -9.42 15.54
N LEU A 115 9.35 -10.63 15.27
CA LEU A 115 10.10 -11.38 16.27
C LEU A 115 11.54 -11.49 15.86
N ALA A 116 12.43 -11.17 16.80
CA ALA A 116 13.86 -11.19 16.53
C ALA A 116 14.37 -12.59 16.24
N GLU A 117 15.37 -12.64 15.40
CA GLU A 117 16.00 -13.90 15.01
C GLU A 117 16.83 -14.41 16.16
ZN ZN B . -3.26 22.63 -11.62
N MET A 1 -5.71 -3.19 -11.73
CA MET A 1 -4.38 -3.77 -11.40
C MET A 1 -4.59 -5.06 -10.63
N HIS A 2 -3.68 -6.00 -10.77
CA HIS A 2 -3.84 -7.28 -10.09
C HIS A 2 -3.53 -7.16 -8.60
N GLU A 3 -4.36 -7.65 -7.69
CA GLU A 3 -4.04 -7.57 -6.26
C GLU A 3 -2.95 -8.58 -5.94
N TYR A 4 -2.99 -9.70 -6.66
CA TYR A 4 -2.05 -10.81 -6.45
C TYR A 4 -0.63 -10.41 -6.83
N SER A 5 -0.45 -9.53 -7.80
CA SER A 5 0.89 -9.08 -8.15
C SER A 5 1.44 -8.16 -7.08
N VAL A 6 0.60 -7.34 -6.49
CA VAL A 6 1.06 -6.42 -5.45
C VAL A 6 1.39 -7.20 -4.17
N VAL A 7 0.56 -8.17 -3.82
CA VAL A 7 0.78 -9.03 -2.63
C VAL A 7 2.01 -9.92 -2.85
N SER A 8 2.27 -10.34 -4.06
CA SER A 8 3.43 -11.19 -4.29
C SER A 8 4.69 -10.37 -3.91
N SER A 9 4.74 -9.09 -4.27
CA SER A 9 5.89 -8.27 -3.91
C SER A 9 5.85 -7.88 -2.45
N LEU A 10 4.66 -7.87 -1.86
CA LEU A 10 4.51 -7.51 -0.44
C LEU A 10 5.24 -8.50 0.43
N ILE A 11 5.10 -9.77 0.10
CA ILE A 11 5.73 -10.78 0.93
C ILE A 11 7.24 -10.58 0.87
N ALA A 12 7.77 -10.32 -0.30
CA ALA A 12 9.20 -10.08 -0.43
C ALA A 12 9.65 -8.82 0.30
N LEU A 13 8.81 -7.80 0.23
CA LEU A 13 9.12 -6.56 0.88
C LEU A 13 9.15 -6.79 2.38
N CYS A 14 8.26 -7.64 2.86
CA CYS A 14 8.21 -7.99 4.27
C CYS A 14 9.46 -8.79 4.62
N GLU A 15 9.91 -9.66 3.72
CA GLU A 15 11.13 -10.39 3.97
C GLU A 15 12.35 -9.49 3.97
N GLU A 16 12.41 -8.42 3.18
CA GLU A 16 13.61 -7.60 3.24
C GLU A 16 13.60 -6.85 4.56
N HIS A 17 12.41 -6.51 5.05
CA HIS A 17 12.28 -5.80 6.33
C HIS A 17 12.69 -6.75 7.44
N ALA A 18 12.42 -8.05 7.29
CA ALA A 18 12.88 -9.01 8.29
C ALA A 18 14.40 -8.96 8.36
N LYS A 19 15.06 -8.70 7.25
CA LYS A 19 16.54 -8.63 7.25
C LYS A 19 17.03 -7.31 7.89
N LYS A 20 16.29 -6.23 7.65
CA LYS A 20 16.62 -4.93 8.20
C LYS A 20 16.30 -4.86 9.68
N ASN A 21 15.38 -5.70 10.16
CA ASN A 21 14.97 -5.66 11.57
C ASN A 21 15.64 -6.83 12.31
N GLN A 22 16.45 -7.59 11.57
CA GLN A 22 17.18 -8.76 12.10
C GLN A 22 16.19 -9.72 12.79
N ALA A 23 15.09 -9.98 12.08
CA ALA A 23 14.02 -10.81 12.55
C ALA A 23 13.84 -12.01 11.60
N HIS A 24 13.37 -13.14 12.16
CA HIS A 24 13.21 -14.35 11.37
C HIS A 24 11.77 -14.64 10.96
N LYS A 25 10.78 -14.06 11.65
CA LYS A 25 9.36 -14.35 11.33
C LYS A 25 8.46 -13.15 11.63
N ILE A 26 7.50 -12.87 10.76
CA ILE A 26 6.58 -11.73 10.95
C ILE A 26 5.17 -12.26 11.39
N GLU A 27 4.67 -11.79 12.52
CA GLU A 27 3.35 -12.21 13.04
C GLU A 27 2.19 -11.35 12.57
N ARG A 28 2.46 -10.07 12.29
CA ARG A 28 1.40 -9.16 11.81
C ARG A 28 1.96 -8.16 10.82
N VAL A 29 1.21 -7.86 9.77
CA VAL A 29 1.59 -6.86 8.77
C VAL A 29 0.44 -5.91 8.65
N VAL A 30 0.62 -4.62 8.85
CA VAL A 30 -0.47 -3.70 8.60
C VAL A 30 -0.01 -2.90 7.41
N VAL A 31 -0.95 -2.60 6.49
CA VAL A 31 -0.62 -1.88 5.30
C VAL A 31 -1.48 -0.66 5.11
N GLY A 32 -1.03 0.24 4.26
CA GLY A 32 -1.75 1.44 3.96
C GLY A 32 -2.11 1.26 2.51
N ILE A 33 -3.39 1.38 2.16
CA ILE A 33 -3.80 1.23 0.78
C ILE A 33 -4.59 2.50 0.47
N GLY A 34 -4.21 3.15 -0.63
CA GLY A 34 -4.85 4.39 -1.03
C GLY A 34 -6.30 4.22 -1.42
N GLU A 35 -7.08 5.25 -1.12
CA GLU A 35 -8.52 5.26 -1.41
C GLU A 35 -8.83 5.26 -2.89
N ARG A 36 -7.86 5.57 -3.73
CA ARG A 36 -8.08 5.49 -5.19
C ARG A 36 -7.23 4.39 -5.79
N SER A 37 -6.72 3.46 -4.98
CA SER A 37 -5.88 2.41 -5.54
C SER A 37 -6.79 1.56 -6.45
N ALA A 38 -6.22 1.03 -7.53
CA ALA A 38 -6.93 0.19 -8.50
C ALA A 38 -7.00 -1.25 -7.99
N MET A 39 -7.17 -1.41 -6.68
CA MET A 39 -7.19 -2.69 -6.02
C MET A 39 -8.44 -2.92 -5.19
N ASP A 40 -8.93 -4.14 -5.21
CA ASP A 40 -10.08 -4.56 -4.38
C ASP A 40 -9.52 -5.02 -3.02
N LYS A 41 -10.07 -4.53 -1.93
CA LYS A 41 -9.56 -4.89 -0.60
C LYS A 41 -9.87 -6.32 -0.23
N SER A 42 -10.99 -6.83 -0.70
CA SER A 42 -11.34 -8.22 -0.36
C SER A 42 -10.46 -9.20 -1.04
N LEU A 43 -10.10 -8.92 -2.28
CA LEU A 43 -9.19 -9.78 -3.00
C LEU A 43 -7.78 -9.58 -2.50
N PHE A 44 -7.50 -8.43 -1.95
CA PHE A 44 -6.17 -8.20 -1.41
C PHE A 44 -5.91 -9.12 -0.26
N VAL A 45 -6.86 -9.23 0.66
CA VAL A 45 -6.66 -10.10 1.81
C VAL A 45 -6.75 -11.59 1.39
N SER A 46 -7.41 -11.85 0.27
CA SER A 46 -7.54 -13.22 -0.24
C SER A 46 -6.19 -13.62 -0.80
N ALA A 47 -5.57 -12.67 -1.50
CA ALA A 47 -4.27 -12.89 -2.08
C ALA A 47 -3.25 -13.03 -0.95
N PHE A 48 -3.46 -12.31 0.16
CA PHE A 48 -2.50 -12.39 1.25
C PHE A 48 -2.48 -13.80 1.78
N GLU A 49 -3.65 -14.43 1.86
CA GLU A 49 -3.71 -15.81 2.34
C GLU A 49 -3.03 -16.75 1.31
N THR A 50 -3.18 -16.42 0.03
CA THR A 50 -2.59 -17.24 -1.06
C THR A 50 -1.06 -17.14 -1.10
N PHE A 51 -0.50 -15.95 -0.98
CA PHE A 51 0.96 -15.82 -1.03
C PHE A 51 1.71 -15.99 0.25
N ARG A 52 1.08 -15.81 1.42
CA ARG A 52 1.84 -15.90 2.67
C ARG A 52 2.41 -17.28 2.88
N GLU A 53 1.80 -18.29 2.30
CA GLU A 53 2.29 -19.71 2.43
C GLU A 53 3.64 -19.94 1.69
N GLU A 54 3.92 -19.05 0.72
CA GLU A 54 5.10 -19.14 -0.12
C GLU A 54 6.38 -18.88 0.65
N SER A 55 6.24 -18.30 1.85
CA SER A 55 7.39 -18.04 2.68
C SER A 55 7.12 -18.28 4.16
N LEU A 56 8.06 -18.93 4.82
CA LEU A 56 7.95 -19.29 6.23
C LEU A 56 7.87 -18.01 7.06
N VAL A 57 8.60 -17.01 6.62
CA VAL A 57 8.71 -15.72 7.28
C VAL A 57 7.34 -15.05 7.46
N CYS A 58 6.46 -15.11 6.46
CA CYS A 58 5.15 -14.46 6.56
C CYS A 58 3.97 -15.42 6.60
N LYS A 59 4.21 -16.72 6.69
CA LYS A 59 3.10 -17.75 6.62
C LYS A 59 2.00 -17.58 7.62
N ASP A 60 2.33 -17.20 8.82
CA ASP A 60 1.33 -17.06 9.85
C ASP A 60 0.96 -15.61 10.10
N ALA A 61 1.41 -14.70 9.27
CA ALA A 61 1.12 -13.28 9.48
C ALA A 61 -0.37 -12.90 9.36
N ILE A 62 -0.78 -11.93 10.18
CA ILE A 62 -2.12 -11.38 10.17
C ILE A 62 -2.04 -10.11 9.36
N LEU A 63 -2.94 -9.95 8.40
CA LEU A 63 -2.98 -8.74 7.57
C LEU A 63 -4.12 -7.78 8.00
N ASP A 64 -3.86 -6.49 8.06
CA ASP A 64 -4.87 -5.48 8.40
C ASP A 64 -4.65 -4.20 7.57
N ILE A 65 -5.66 -3.78 6.84
CA ILE A 65 -5.57 -2.60 5.95
C ILE A 65 -6.06 -1.29 6.61
N VAL A 66 -5.25 -0.25 6.45
CA VAL A 66 -5.54 1.12 6.92
C VAL A 66 -5.72 1.94 5.63
N ASP A 67 -6.77 2.73 5.51
CA ASP A 67 -7.01 3.51 4.30
C ASP A 67 -6.13 4.78 4.28
N GLU A 68 -5.68 5.20 3.10
CA GLU A 68 -4.90 6.44 2.98
C GLU A 68 -5.56 7.38 2.01
N LYS A 69 -5.52 8.66 2.34
CA LYS A 69 -6.09 9.74 1.51
C LYS A 69 -5.08 10.17 0.48
N VAL A 70 -5.58 10.47 -0.71
CA VAL A 70 -4.74 10.88 -1.82
C VAL A 70 -4.25 12.30 -1.76
N GLU A 71 -3.14 12.51 -2.44
CA GLU A 71 -2.51 13.83 -2.61
C GLU A 71 -2.42 13.95 -4.14
N LEU A 72 -2.65 15.12 -4.68
CA LEU A 72 -2.68 15.29 -6.13
C LEU A 72 -1.72 16.40 -6.57
N GLU A 73 -1.27 16.25 -7.79
CA GLU A 73 -0.37 17.18 -8.48
C GLU A 73 -1.00 17.38 -9.83
N CYS A 74 -0.85 18.60 -10.33
CA CYS A 74 -1.34 18.95 -11.62
C CYS A 74 -0.06 18.96 -12.45
N LYS A 75 -0.16 18.44 -13.67
CA LYS A 75 0.98 18.42 -14.61
C LYS A 75 1.29 19.93 -14.75
N ASP A 76 2.54 20.26 -15.00
CA ASP A 76 3.09 21.55 -14.49
C ASP A 76 2.25 22.86 -14.53
N CYS A 77 1.66 22.97 -13.33
CA CYS A 77 0.82 24.00 -12.75
C CYS A 77 1.24 23.72 -11.32
N SER A 78 1.84 24.65 -10.59
CA SER A 78 2.34 24.32 -9.27
C SER A 78 1.26 24.48 -8.23
N HIS A 79 0.72 23.31 -7.89
CA HIS A 79 -0.44 23.22 -6.99
C HIS A 79 -0.50 22.11 -5.92
N VAL A 80 0.54 21.38 -5.59
CA VAL A 80 0.30 20.04 -5.03
C VAL A 80 -0.30 20.16 -3.65
N PHE A 81 -1.38 19.41 -3.47
CA PHE A 81 -2.26 19.53 -2.32
C PHE A 81 -3.09 18.25 -2.14
N LYS A 82 -3.66 18.05 -0.95
CA LYS A 82 -4.66 16.99 -0.76
C LYS A 82 -6.00 17.57 -1.14
N PRO A 83 -6.82 16.88 -1.98
CA PRO A 83 -8.10 17.54 -2.33
C PRO A 83 -9.10 17.54 -1.17
N ASN A 84 -9.94 18.57 -1.11
CA ASN A 84 -10.93 18.70 -0.01
C ASN A 84 -12.35 18.27 -0.44
N ALA A 85 -12.49 17.79 -1.67
CA ALA A 85 -13.80 17.43 -2.23
C ALA A 85 -13.62 16.23 -3.12
N LEU A 86 -14.74 15.67 -3.53
CA LEU A 86 -14.79 14.45 -4.34
C LEU A 86 -14.86 14.81 -5.82
N ASP A 87 -14.44 16.01 -6.10
CA ASP A 87 -14.39 16.59 -7.44
C ASP A 87 -13.10 16.12 -8.13
N TYR A 88 -12.82 14.85 -7.93
CA TYR A 88 -11.63 14.20 -8.39
C TYR A 88 -11.41 14.30 -9.90
N GLY A 89 -10.12 14.33 -10.27
CA GLY A 89 -9.69 14.35 -11.67
C GLY A 89 -9.33 15.72 -12.20
N VAL A 90 -9.44 16.78 -11.38
CA VAL A 90 -9.02 18.13 -11.83
C VAL A 90 -8.19 18.86 -10.76
N CYS A 91 -7.42 19.85 -11.18
CA CYS A 91 -6.66 20.74 -10.31
C CYS A 91 -7.68 21.70 -9.67
N GLU A 92 -7.32 22.46 -8.61
CA GLU A 92 -8.25 23.47 -8.09
C GLU A 92 -7.78 24.89 -8.45
N LYS A 93 -6.52 25.01 -8.84
CA LYS A 93 -5.92 26.30 -9.25
C LYS A 93 -6.41 26.71 -10.63
N CYS A 94 -6.60 25.69 -11.44
CA CYS A 94 -7.12 25.70 -12.79
C CYS A 94 -8.00 24.50 -12.60
N HIS A 95 -8.92 24.23 -13.49
CA HIS A 95 -9.76 23.04 -13.33
C HIS A 95 -9.61 22.18 -14.53
N SER A 96 -8.36 22.15 -14.95
CA SER A 96 -7.96 21.39 -16.11
C SER A 96 -7.82 19.92 -15.71
N LYS A 97 -8.13 19.07 -16.66
CA LYS A 97 -7.96 17.63 -16.56
C LYS A 97 -6.47 17.45 -16.84
N ASN A 98 -5.94 16.28 -16.47
CA ASN A 98 -4.49 15.91 -16.56
C ASN A 98 -3.79 16.29 -15.25
N VAL A 99 -4.30 15.68 -14.18
CA VAL A 99 -3.69 15.78 -12.89
C VAL A 99 -3.32 14.33 -12.59
N ILE A 100 -2.42 14.16 -11.65
CA ILE A 100 -1.93 12.82 -11.28
C ILE A 100 -2.00 12.66 -9.75
N ILE A 101 -1.90 11.43 -9.30
CA ILE A 101 -1.96 11.10 -7.90
C ILE A 101 -0.52 10.88 -7.44
N THR A 102 -0.11 11.60 -6.40
CA THR A 102 1.25 11.48 -5.90
C THR A 102 1.33 10.56 -4.70
N GLN A 103 0.27 10.54 -3.90
CA GLN A 103 0.17 9.67 -2.75
C GLN A 103 -1.23 9.07 -2.75
N GLY A 104 -1.41 7.88 -2.20
CA GLY A 104 -2.71 7.26 -2.17
C GLY A 104 -3.06 6.50 -3.44
N ASN A 105 -2.07 6.20 -4.26
CA ASN A 105 -2.30 5.46 -5.50
C ASN A 105 -1.96 3.99 -5.36
N GLU A 106 -1.09 3.65 -4.43
CA GLU A 106 -0.61 2.27 -4.27
C GLU A 106 -0.31 1.96 -2.81
N MET A 107 -0.09 0.66 -2.56
CA MET A 107 0.15 0.12 -1.22
C MET A 107 1.48 0.53 -0.53
N ARG A 108 1.45 0.71 0.79
CA ARG A 108 2.62 0.99 1.62
C ARG A 108 2.62 0.09 2.85
N LEU A 109 3.77 -0.17 3.45
CA LEU A 109 3.83 -0.88 4.75
C LEU A 109 3.85 0.16 5.81
N LEU A 110 2.98 0.06 6.82
CA LEU A 110 2.97 1.07 7.87
C LEU A 110 3.65 0.61 9.16
N SER A 111 3.42 -0.64 9.52
CA SER A 111 4.01 -1.23 10.74
C SER A 111 3.98 -2.74 10.64
N LEU A 112 4.96 -3.40 11.24
CA LEU A 112 5.03 -4.87 11.25
C LEU A 112 5.26 -5.35 12.69
N GLU A 113 4.66 -6.48 13.04
CA GLU A 113 4.92 -7.10 14.36
C GLU A 113 5.89 -8.21 14.05
N MET A 114 7.09 -8.23 14.62
CA MET A 114 8.12 -9.13 14.14
C MET A 114 8.81 -9.85 15.27
N LEU A 115 9.22 -11.08 15.01
CA LEU A 115 9.91 -11.93 15.98
C LEU A 115 11.39 -11.92 15.68
N ALA A 116 12.14 -11.39 16.61
CA ALA A 116 13.58 -11.25 16.49
C ALA A 116 14.29 -12.57 16.48
N GLU A 117 15.48 -12.55 15.91
CA GLU A 117 16.35 -13.70 15.80
C GLU A 117 16.77 -14.21 17.19
ZN ZN B . -3.61 23.01 -12.27
N MET A 1 -1.03 -2.46 -9.05
CA MET A 1 -2.38 -2.34 -9.68
C MET A 1 -3.16 -3.65 -9.55
N HIS A 2 -2.60 -4.78 -9.97
CA HIS A 2 -3.31 -6.08 -9.88
C HIS A 2 -3.09 -6.59 -8.44
N GLU A 3 -4.08 -7.18 -7.78
CA GLU A 3 -3.85 -7.55 -6.37
C GLU A 3 -2.85 -8.65 -6.19
N TYR A 4 -2.92 -9.68 -7.01
CA TYR A 4 -1.99 -10.80 -6.86
C TYR A 4 -0.58 -10.40 -7.20
N SER A 5 -0.36 -9.45 -8.09
CA SER A 5 0.98 -9.01 -8.42
C SER A 5 1.60 -8.17 -7.30
N VAL A 6 0.73 -7.42 -6.61
CA VAL A 6 1.21 -6.58 -5.52
C VAL A 6 1.51 -7.47 -4.34
N VAL A 7 0.64 -8.43 -4.07
CA VAL A 7 0.89 -9.31 -2.95
C VAL A 7 2.14 -10.15 -3.25
N SER A 8 2.36 -10.55 -4.48
CA SER A 8 3.59 -11.28 -4.78
C SER A 8 4.82 -10.43 -4.45
N SER A 9 4.79 -9.13 -4.76
CA SER A 9 5.93 -8.29 -4.41
C SER A 9 5.93 -7.99 -2.88
N LEU A 10 4.77 -8.02 -2.25
CA LEU A 10 4.64 -7.74 -0.82
C LEU A 10 5.36 -8.76 0.00
N ILE A 11 5.24 -10.01 -0.34
CA ILE A 11 5.90 -11.02 0.49
C ILE A 11 7.39 -10.79 0.45
N ALA A 12 7.96 -10.48 -0.71
CA ALA A 12 9.40 -10.25 -0.77
C ALA A 12 9.78 -8.96 -0.03
N LEU A 13 8.90 -7.97 -0.10
CA LEU A 13 9.11 -6.70 0.54
C LEU A 13 9.12 -6.92 2.05
N CYS A 14 8.26 -7.79 2.52
CA CYS A 14 8.20 -8.12 3.93
C CYS A 14 9.47 -8.85 4.33
N GLU A 15 9.93 -9.76 3.48
CA GLU A 15 11.16 -10.48 3.76
C GLU A 15 12.38 -9.56 3.78
N GLU A 16 12.46 -8.53 2.94
CA GLU A 16 13.64 -7.64 3.00
C GLU A 16 13.55 -6.81 4.26
N HIS A 17 12.35 -6.45 4.70
CA HIS A 17 12.21 -5.70 5.95
C HIS A 17 12.61 -6.62 7.08
N ALA A 18 12.35 -7.91 6.97
CA ALA A 18 12.78 -8.81 8.01
C ALA A 18 14.31 -8.78 8.10
N LYS A 19 15.01 -8.66 6.98
CA LYS A 19 16.46 -8.55 6.99
C LYS A 19 16.90 -7.24 7.60
N LYS A 20 16.13 -6.17 7.35
CA LYS A 20 16.46 -4.84 7.87
C LYS A 20 16.24 -4.75 9.36
N ASN A 21 15.31 -5.54 9.90
CA ASN A 21 14.96 -5.49 11.31
C ASN A 21 15.62 -6.65 12.04
N GLN A 22 16.44 -7.39 11.30
CA GLN A 22 17.14 -8.57 11.84
C GLN A 22 16.11 -9.52 12.51
N ALA A 23 15.01 -9.75 11.81
CA ALA A 23 13.91 -10.57 12.29
C ALA A 23 13.70 -11.79 11.43
N HIS A 24 13.28 -12.88 12.05
CA HIS A 24 13.07 -14.12 11.30
C HIS A 24 11.60 -14.40 10.93
N LYS A 25 10.66 -13.71 11.60
CA LYS A 25 9.25 -14.01 11.44
C LYS A 25 8.41 -12.77 11.73
N ILE A 26 7.43 -12.50 10.88
CA ILE A 26 6.53 -11.32 11.02
C ILE A 26 5.16 -11.78 11.49
N GLU A 27 4.71 -11.26 12.62
CA GLU A 27 3.39 -11.65 13.17
C GLU A 27 2.24 -10.83 12.67
N ARG A 28 2.47 -9.57 12.35
CA ARG A 28 1.40 -8.69 11.90
C ARG A 28 1.96 -7.73 10.88
N VAL A 29 1.21 -7.44 9.84
CA VAL A 29 1.59 -6.41 8.85
C VAL A 29 0.39 -5.50 8.72
N VAL A 30 0.54 -4.21 8.93
CA VAL A 30 -0.57 -3.30 8.72
C VAL A 30 -0.17 -2.52 7.49
N VAL A 31 -1.12 -2.38 6.55
CA VAL A 31 -0.84 -1.69 5.30
C VAL A 31 -1.80 -0.57 5.08
N GLY A 32 -1.42 0.37 4.26
CA GLY A 32 -2.28 1.47 3.90
C GLY A 32 -2.65 1.24 2.44
N ILE A 33 -3.92 1.08 2.15
CA ILE A 33 -4.36 0.88 0.76
C ILE A 33 -5.22 2.08 0.48
N GLY A 34 -4.94 2.75 -0.62
CA GLY A 34 -5.67 3.92 -1.03
C GLY A 34 -7.10 3.64 -1.42
N GLU A 35 -7.95 4.60 -1.16
CA GLU A 35 -9.37 4.53 -1.47
C GLU A 35 -9.63 4.50 -3.00
N ARG A 36 -8.67 4.98 -3.81
CA ARG A 36 -8.80 4.92 -5.26
C ARG A 36 -7.75 4.03 -5.90
N SER A 37 -7.24 3.05 -5.18
CA SER A 37 -6.23 2.17 -5.72
C SER A 37 -7.00 1.30 -6.72
N ALA A 38 -6.33 0.75 -7.74
CA ALA A 38 -7.01 -0.15 -8.72
C ALA A 38 -7.31 -1.47 -8.04
N MET A 39 -6.72 -1.67 -6.90
CA MET A 39 -6.79 -2.91 -6.17
C MET A 39 -8.08 -3.11 -5.42
N ASP A 40 -8.66 -4.30 -5.46
CA ASP A 40 -9.85 -4.60 -4.64
C ASP A 40 -9.32 -5.03 -3.27
N LYS A 41 -9.93 -4.56 -2.19
CA LYS A 41 -9.49 -4.95 -0.84
C LYS A 41 -9.80 -6.40 -0.54
N SER A 42 -10.92 -6.88 -1.06
CA SER A 42 -11.29 -8.26 -0.79
C SER A 42 -10.42 -9.26 -1.52
N LEU A 43 -10.03 -8.94 -2.74
CA LEU A 43 -9.10 -9.84 -3.46
C LEU A 43 -7.72 -9.68 -2.88
N PHE A 44 -7.41 -8.53 -2.32
CA PHE A 44 -6.10 -8.34 -1.69
C PHE A 44 -5.90 -9.23 -0.49
N VAL A 45 -6.91 -9.30 0.37
CA VAL A 45 -6.75 -10.16 1.53
C VAL A 45 -6.84 -11.62 1.09
N SER A 46 -7.50 -11.92 -0.01
CA SER A 46 -7.58 -13.31 -0.45
C SER A 46 -6.22 -13.71 -1.01
N ALA A 47 -5.59 -12.80 -1.74
CA ALA A 47 -4.30 -13.03 -2.34
C ALA A 47 -3.19 -13.12 -1.27
N PHE A 48 -3.36 -12.35 -0.21
CA PHE A 48 -2.39 -12.36 0.87
C PHE A 48 -2.35 -13.74 1.53
N GLU A 49 -3.51 -14.37 1.67
CA GLU A 49 -3.55 -15.69 2.28
C GLU A 49 -2.90 -16.71 1.34
N THR A 50 -3.07 -16.49 0.04
CA THR A 50 -2.52 -17.42 -0.95
C THR A 50 -1.00 -17.40 -0.99
N PHE A 51 -0.41 -16.22 -0.99
CA PHE A 51 1.07 -16.07 -1.06
C PHE A 51 1.82 -16.16 0.27
N ARG A 52 1.17 -15.92 1.39
CA ARG A 52 1.90 -15.96 2.68
C ARG A 52 2.39 -17.35 3.01
N GLU A 53 1.76 -18.36 2.44
CA GLU A 53 2.16 -19.74 2.64
C GLU A 53 3.52 -20.02 2.03
N GLU A 54 3.88 -19.29 0.98
CA GLU A 54 5.16 -19.48 0.26
C GLU A 54 6.38 -19.13 1.15
N SER A 55 6.18 -18.36 2.21
CA SER A 55 7.30 -18.01 3.10
C SER A 55 6.96 -18.07 4.58
N LEU A 56 7.79 -18.76 5.35
CA LEU A 56 7.56 -18.93 6.78
C LEU A 56 7.53 -17.55 7.43
N VAL A 57 8.35 -16.63 6.92
CA VAL A 57 8.47 -15.29 7.49
C VAL A 57 7.09 -14.60 7.55
N CYS A 58 6.25 -14.81 6.53
CA CYS A 58 4.92 -14.16 6.46
C CYS A 58 3.69 -15.05 6.69
N LYS A 59 3.90 -16.34 6.82
CA LYS A 59 2.80 -17.33 6.87
C LYS A 59 1.79 -17.11 8.00
N ASP A 60 2.21 -16.70 9.18
CA ASP A 60 1.26 -16.38 10.26
C ASP A 60 1.03 -14.88 10.39
N ALA A 61 1.55 -14.09 9.45
CA ALA A 61 1.40 -12.65 9.54
C ALA A 61 -0.11 -12.32 9.42
N ILE A 62 -0.55 -11.43 10.30
CA ILE A 62 -1.93 -10.96 10.33
C ILE A 62 -2.01 -9.71 9.47
N LEU A 63 -2.86 -9.70 8.46
CA LEU A 63 -2.97 -8.56 7.55
C LEU A 63 -4.11 -7.66 8.00
N ASP A 64 -3.86 -6.38 8.12
CA ASP A 64 -4.88 -5.43 8.56
C ASP A 64 -4.77 -4.20 7.67
N ILE A 65 -5.84 -3.84 6.99
CA ILE A 65 -5.80 -2.72 6.04
C ILE A 65 -6.24 -1.41 6.72
N VAL A 66 -5.42 -0.39 6.54
CA VAL A 66 -5.74 0.95 6.98
C VAL A 66 -6.09 1.72 5.71
N ASP A 67 -7.27 2.29 5.66
CA ASP A 67 -7.73 2.99 4.50
C ASP A 67 -7.03 4.36 4.42
N GLU A 68 -6.56 4.80 3.26
CA GLU A 68 -5.94 6.12 3.15
C GLU A 68 -6.51 6.91 1.97
N LYS A 69 -6.56 8.22 2.20
CA LYS A 69 -7.05 9.16 1.18
C LYS A 69 -5.90 9.61 0.30
N VAL A 70 -6.23 9.81 -0.96
CA VAL A 70 -5.30 10.21 -2.00
C VAL A 70 -4.67 11.63 -1.87
N GLU A 71 -3.52 11.77 -2.50
CA GLU A 71 -2.81 13.06 -2.60
C GLU A 71 -2.66 13.24 -4.12
N LEU A 72 -2.70 14.47 -4.61
CA LEU A 72 -2.62 14.74 -6.05
C LEU A 72 -1.47 15.68 -6.39
N GLU A 73 -0.93 15.44 -7.58
CA GLU A 73 0.09 16.23 -8.19
C GLU A 73 -0.44 16.60 -9.55
N CYS A 74 -0.18 17.82 -9.98
CA CYS A 74 -0.63 18.32 -11.22
C CYS A 74 0.59 18.30 -12.14
N LYS A 75 0.33 17.99 -13.38
CA LYS A 75 1.32 18.00 -14.46
C LYS A 75 1.87 19.43 -14.40
N ASP A 76 3.14 19.69 -14.73
CA ASP A 76 3.85 20.85 -14.20
C ASP A 76 3.06 22.17 -13.98
N CYS A 77 2.65 22.20 -12.72
CA CYS A 77 1.87 23.21 -12.00
C CYS A 77 2.23 22.81 -10.57
N SER A 78 3.40 23.18 -10.05
CA SER A 78 3.82 22.64 -8.79
C SER A 78 3.06 23.25 -7.60
N HIS A 79 2.12 22.42 -7.16
CA HIS A 79 1.11 22.70 -6.17
C HIS A 79 0.77 21.58 -5.21
N VAL A 80 1.58 20.52 -5.07
CA VAL A 80 1.07 19.21 -4.72
C VAL A 80 0.57 19.15 -3.27
N PHE A 81 -0.62 18.57 -3.18
CA PHE A 81 -1.50 18.73 -2.01
C PHE A 81 -2.44 17.54 -1.87
N LYS A 82 -3.09 17.44 -0.73
CA LYS A 82 -4.13 16.43 -0.52
C LYS A 82 -5.48 17.10 -0.78
N PRO A 83 -6.31 16.54 -1.71
CA PRO A 83 -7.60 17.22 -1.90
C PRO A 83 -8.48 17.08 -0.65
N ASN A 84 -9.37 18.06 -0.43
CA ASN A 84 -10.25 18.05 0.76
C ASN A 84 -11.74 18.00 0.34
N ALA A 85 -12.02 17.43 -0.82
CA ALA A 85 -13.38 17.38 -1.40
C ALA A 85 -13.51 16.14 -2.27
N LEU A 86 -14.76 15.84 -2.67
CA LEU A 86 -15.03 14.63 -3.44
C LEU A 86 -14.84 14.82 -4.93
N ASP A 87 -14.47 16.05 -5.28
CA ASP A 87 -14.23 16.49 -6.66
C ASP A 87 -12.84 16.06 -7.12
N TYR A 88 -12.46 14.85 -6.73
CA TYR A 88 -11.15 14.28 -7.06
C TYR A 88 -10.82 14.30 -8.59
N GLY A 89 -9.52 14.41 -8.90
CA GLY A 89 -9.04 14.40 -10.28
C GLY A 89 -8.76 15.76 -10.90
N VAL A 90 -8.72 16.80 -10.09
CA VAL A 90 -8.37 18.15 -10.56
C VAL A 90 -7.34 18.75 -9.59
N CYS A 91 -6.61 19.77 -10.04
CA CYS A 91 -5.62 20.48 -9.22
C CYS A 91 -6.35 21.50 -8.29
N GLU A 92 -5.59 22.15 -7.42
CA GLU A 92 -6.10 23.20 -6.53
C GLU A 92 -5.69 24.62 -6.98
N LYS A 93 -4.49 24.77 -7.53
CA LYS A 93 -3.98 26.08 -8.04
C LYS A 93 -4.76 26.48 -9.28
N CYS A 94 -5.14 25.46 -10.00
CA CYS A 94 -5.89 25.53 -11.23
C CYS A 94 -6.79 24.37 -11.01
N HIS A 95 -7.82 24.18 -11.80
CA HIS A 95 -8.70 23.03 -11.61
C HIS A 95 -8.64 22.17 -12.85
N SER A 96 -7.44 22.13 -13.42
CA SER A 96 -7.17 21.37 -14.63
C SER A 96 -7.28 19.87 -14.40
N LYS A 97 -7.82 19.22 -15.41
CA LYS A 97 -7.88 17.77 -15.51
C LYS A 97 -6.48 17.29 -15.86
N ASN A 98 -6.22 16.00 -15.69
CA ASN A 98 -4.89 15.40 -15.95
C ASN A 98 -3.91 15.82 -14.89
N VAL A 99 -4.24 15.36 -13.71
CA VAL A 99 -3.42 15.39 -12.53
C VAL A 99 -3.20 13.92 -12.23
N ILE A 100 -2.21 13.61 -11.41
CA ILE A 100 -1.92 12.23 -11.10
C ILE A 100 -2.03 12.03 -9.60
N ILE A 101 -2.13 10.78 -9.19
CA ILE A 101 -2.26 10.44 -7.79
C ILE A 101 -0.88 10.03 -7.29
N THR A 102 -0.41 10.63 -6.22
CA THR A 102 0.93 10.33 -5.69
C THR A 102 0.92 9.46 -4.45
N GLN A 103 -0.25 9.30 -3.83
CA GLN A 103 -0.38 8.32 -2.74
C GLN A 103 -1.81 7.86 -2.77
N GLY A 104 -2.08 6.65 -2.33
CA GLY A 104 -3.43 6.13 -2.33
C GLY A 104 -3.77 5.51 -3.68
N ASN A 105 -2.77 5.39 -4.55
CA ASN A 105 -2.97 4.79 -5.85
C ASN A 105 -2.55 3.34 -5.77
N GLU A 106 -1.67 3.07 -4.83
CA GLU A 106 -1.07 1.76 -4.62
C GLU A 106 -0.87 1.52 -3.11
N MET A 107 -0.66 0.27 -2.78
CA MET A 107 -0.45 -0.21 -1.40
C MET A 107 0.89 0.34 -0.84
N ARG A 108 0.93 0.64 0.46
CA ARG A 108 2.14 1.12 1.14
C ARG A 108 2.17 0.45 2.53
N LEU A 109 3.36 0.19 3.07
CA LEU A 109 3.44 -0.46 4.39
C LEU A 109 3.53 0.63 5.48
N LEU A 110 2.78 0.48 6.57
CA LEU A 110 2.84 1.50 7.65
C LEU A 110 3.61 0.96 8.87
N SER A 111 3.31 -0.25 9.35
CA SER A 111 3.99 -0.80 10.51
C SER A 111 3.97 -2.34 10.44
N LEU A 112 4.95 -2.98 11.07
CA LEU A 112 5.01 -4.47 11.10
C LEU A 112 5.28 -4.90 12.55
N GLU A 113 4.72 -6.02 12.97
CA GLU A 113 5.04 -6.60 14.29
C GLU A 113 6.02 -7.72 13.93
N MET A 114 7.23 -7.70 14.46
CA MET A 114 8.27 -8.63 14.01
C MET A 114 8.99 -9.28 15.17
N LEU A 115 9.44 -10.51 14.99
CA LEU A 115 10.15 -11.25 16.04
C LEU A 115 11.65 -11.37 15.67
N ALA A 116 12.53 -10.99 16.57
CA ALA A 116 13.96 -11.00 16.34
C ALA A 116 14.49 -12.42 16.09
N GLU A 117 15.46 -12.50 15.17
CA GLU A 117 16.06 -13.78 14.75
C GLU A 117 16.88 -14.38 15.88
ZN ZN B . -2.56 22.59 -11.35
N MET A 1 -0.31 -3.03 -10.23
CA MET A 1 -1.78 -2.75 -10.20
C MET A 1 -2.60 -3.98 -9.86
N HIS A 2 -2.26 -5.13 -10.45
CA HIS A 2 -3.05 -6.34 -10.22
C HIS A 2 -2.83 -6.77 -8.78
N GLU A 3 -3.84 -7.27 -8.10
CA GLU A 3 -3.71 -7.55 -6.68
C GLU A 3 -2.74 -8.65 -6.35
N TYR A 4 -2.77 -9.75 -7.10
CA TYR A 4 -1.88 -10.87 -6.79
C TYR A 4 -0.44 -10.50 -7.11
N SER A 5 -0.21 -9.67 -8.10
CA SER A 5 1.15 -9.25 -8.43
C SER A 5 1.74 -8.33 -7.37
N VAL A 6 0.89 -7.49 -6.80
CA VAL A 6 1.35 -6.58 -5.77
C VAL A 6 1.59 -7.37 -4.51
N VAL A 7 0.71 -8.28 -4.17
CA VAL A 7 0.90 -9.10 -2.96
C VAL A 7 2.08 -10.03 -3.11
N SER A 8 2.32 -10.56 -4.30
CA SER A 8 3.46 -11.47 -4.47
C SER A 8 4.74 -10.69 -4.19
N SER A 9 4.79 -9.41 -4.59
CA SER A 9 5.98 -8.59 -4.34
C SER A 9 6.03 -8.13 -2.89
N LEU A 10 4.87 -8.08 -2.26
CA LEU A 10 4.78 -7.62 -0.87
C LEU A 10 5.44 -8.59 0.05
N ILE A 11 5.27 -9.88 -0.19
CA ILE A 11 5.85 -10.85 0.73
C ILE A 11 7.37 -10.68 0.68
N ALA A 12 7.91 -10.47 -0.50
CA ALA A 12 9.36 -10.30 -0.65
C ALA A 12 9.78 -9.03 0.06
N LEU A 13 8.95 -8.01 -0.06
CA LEU A 13 9.25 -6.74 0.58
C LEU A 13 9.25 -6.87 2.10
N CYS A 14 8.33 -7.69 2.58
CA CYS A 14 8.22 -7.95 4.02
C CYS A 14 9.47 -8.71 4.40
N GLU A 15 9.92 -9.66 3.60
CA GLU A 15 11.14 -10.41 3.94
C GLU A 15 12.42 -9.55 3.94
N GLU A 16 12.57 -8.57 3.06
CA GLU A 16 13.79 -7.77 3.09
C GLU A 16 13.76 -6.95 4.37
N HIS A 17 12.59 -6.51 4.80
CA HIS A 17 12.50 -5.77 6.08
C HIS A 17 12.79 -6.71 7.21
N ALA A 18 12.41 -7.97 7.07
CA ALA A 18 12.74 -8.96 8.10
C ALA A 18 14.24 -9.08 8.23
N LYS A 19 14.97 -9.10 7.12
CA LYS A 19 16.43 -9.20 7.19
C LYS A 19 17.01 -7.95 7.83
N LYS A 20 16.41 -6.80 7.57
CA LYS A 20 16.88 -5.52 8.12
C LYS A 20 16.59 -5.40 9.61
N ASN A 21 15.58 -6.12 10.09
CA ASN A 21 15.22 -6.11 11.53
C ASN A 21 15.77 -7.39 12.18
N GLN A 22 16.49 -8.21 11.41
CA GLN A 22 17.02 -9.48 11.90
C GLN A 22 15.87 -10.30 12.52
N ALA A 23 14.74 -10.31 11.83
CA ALA A 23 13.54 -11.01 12.29
C ALA A 23 13.31 -12.29 11.52
N HIS A 24 12.90 -13.34 12.22
CA HIS A 24 12.67 -14.64 11.57
C HIS A 24 11.19 -14.83 11.29
N LYS A 25 10.39 -13.95 11.87
CA LYS A 25 8.94 -14.04 11.78
C LYS A 25 8.31 -12.67 11.85
N ILE A 26 7.35 -12.40 10.99
CA ILE A 26 6.56 -11.16 11.03
C ILE A 26 5.21 -11.59 11.56
N GLU A 27 4.77 -10.97 12.66
CA GLU A 27 3.49 -11.32 13.26
C GLU A 27 2.30 -10.52 12.69
N ARG A 28 2.53 -9.26 12.33
CA ARG A 28 1.47 -8.42 11.79
C ARG A 28 2.06 -7.50 10.75
N VAL A 29 1.30 -7.26 9.69
CA VAL A 29 1.65 -6.32 8.65
C VAL A 29 0.46 -5.43 8.43
N VAL A 30 0.65 -4.13 8.52
CA VAL A 30 -0.42 -3.21 8.26
C VAL A 30 -0.04 -2.42 7.02
N VAL A 31 -1.00 -2.28 6.12
CA VAL A 31 -0.75 -1.62 4.86
C VAL A 31 -1.71 -0.48 4.62
N GLY A 32 -1.30 0.42 3.75
CA GLY A 32 -2.16 1.52 3.34
C GLY A 32 -2.56 1.22 1.93
N ILE A 33 -3.84 1.12 1.64
CA ILE A 33 -4.29 0.89 0.25
C ILE A 33 -5.21 2.05 0.00
N GLY A 34 -5.01 2.75 -1.10
CA GLY A 34 -5.80 3.92 -1.37
C GLY A 34 -7.28 3.63 -1.54
N GLU A 35 -8.08 4.57 -1.10
CA GLU A 35 -9.52 4.47 -1.17
C GLU A 35 -10.03 4.52 -2.63
N ARG A 36 -9.18 5.05 -3.49
CA ARG A 36 -9.47 5.11 -4.93
C ARG A 36 -8.43 4.26 -5.71
N SER A 37 -7.83 3.29 -5.04
CA SER A 37 -6.81 2.50 -5.68
C SER A 37 -7.43 1.60 -6.72
N ALA A 38 -6.61 1.22 -7.69
CA ALA A 38 -7.02 0.33 -8.77
C ALA A 38 -6.97 -1.14 -8.27
N MET A 39 -7.20 -1.33 -6.97
CA MET A 39 -7.07 -2.65 -6.36
C MET A 39 -8.34 -3.09 -5.65
N ASP A 40 -8.62 -4.38 -5.75
CA ASP A 40 -9.79 -4.99 -5.12
C ASP A 40 -9.40 -5.51 -3.74
N LYS A 41 -9.98 -4.97 -2.68
CA LYS A 41 -9.60 -5.39 -1.30
C LYS A 41 -9.98 -6.81 -1.00
N SER A 42 -11.04 -7.28 -1.62
CA SER A 42 -11.48 -8.65 -1.38
C SER A 42 -10.48 -9.60 -1.95
N LEU A 43 -9.88 -9.27 -3.09
CA LEU A 43 -8.91 -10.14 -3.70
C LEU A 43 -7.59 -9.97 -2.99
N PHE A 44 -7.39 -8.81 -2.42
CA PHE A 44 -6.13 -8.52 -1.76
C PHE A 44 -5.95 -9.35 -0.50
N VAL A 45 -6.97 -9.41 0.33
CA VAL A 45 -6.87 -10.19 1.57
C VAL A 45 -6.80 -11.67 1.26
N SER A 46 -7.36 -12.08 0.15
CA SER A 46 -7.34 -13.50 -0.26
C SER A 46 -5.94 -13.81 -0.78
N ALA A 47 -5.38 -12.89 -1.55
CA ALA A 47 -4.06 -13.08 -2.09
C ALA A 47 -3.01 -13.08 -0.98
N PHE A 48 -3.22 -12.30 0.06
CA PHE A 48 -2.22 -12.27 1.13
C PHE A 48 -2.19 -13.62 1.81
N GLU A 49 -3.34 -14.24 2.02
CA GLU A 49 -3.31 -15.57 2.65
C GLU A 49 -2.70 -16.58 1.68
N THR A 50 -2.90 -16.37 0.39
CA THR A 50 -2.39 -17.28 -0.63
C THR A 50 -0.87 -17.20 -0.69
N PHE A 51 -0.31 -16.00 -0.69
CA PHE A 51 1.14 -15.87 -0.78
C PHE A 51 1.90 -15.95 0.55
N ARG A 52 1.25 -15.67 1.69
CA ARG A 52 2.00 -15.66 2.94
C ARG A 52 2.54 -17.05 3.32
N GLU A 53 1.87 -18.11 2.90
CA GLU A 53 2.28 -19.46 3.22
C GLU A 53 3.54 -19.85 2.46
N GLU A 54 3.80 -19.17 1.36
CA GLU A 54 5.00 -19.38 0.55
C GLU A 54 6.24 -18.98 1.32
N SER A 55 6.12 -18.24 2.43
CA SER A 55 7.29 -17.88 3.24
C SER A 55 7.01 -18.16 4.72
N LEU A 56 7.93 -18.82 5.40
CA LEU A 56 7.77 -19.15 6.83
C LEU A 56 7.67 -17.84 7.66
N VAL A 57 8.44 -16.87 7.19
CA VAL A 57 8.55 -15.57 7.82
C VAL A 57 7.20 -14.88 7.90
N CYS A 58 6.38 -14.97 6.86
CA CYS A 58 5.07 -14.31 6.80
C CYS A 58 3.86 -15.24 7.00
N LYS A 59 4.06 -16.54 7.10
CA LYS A 59 2.93 -17.49 7.14
C LYS A 59 1.90 -17.24 8.26
N ASP A 60 2.31 -16.73 9.42
CA ASP A 60 1.35 -16.45 10.50
C ASP A 60 1.05 -14.93 10.64
N ALA A 61 1.51 -14.13 9.67
CA ALA A 61 1.33 -12.68 9.74
C ALA A 61 -0.12 -12.33 9.58
N ILE A 62 -0.58 -11.37 10.38
CA ILE A 62 -1.93 -10.85 10.33
C ILE A 62 -1.91 -9.65 9.38
N LEU A 63 -2.83 -9.62 8.42
CA LEU A 63 -2.92 -8.51 7.48
C LEU A 63 -4.09 -7.59 7.84
N ASP A 64 -3.86 -6.30 7.90
CA ASP A 64 -4.88 -5.31 8.21
C ASP A 64 -4.71 -4.13 7.27
N ILE A 65 -5.78 -3.81 6.54
CA ILE A 65 -5.75 -2.70 5.57
C ILE A 65 -6.27 -1.38 6.16
N VAL A 66 -5.47 -0.34 5.98
CA VAL A 66 -5.85 1.01 6.32
C VAL A 66 -6.18 1.73 5.02
N ASP A 67 -7.38 2.25 4.92
CA ASP A 67 -7.79 2.96 3.70
C ASP A 67 -7.17 4.37 3.75
N GLU A 68 -6.41 4.70 2.72
CA GLU A 68 -5.77 6.01 2.64
C GLU A 68 -6.40 6.92 1.58
N LYS A 69 -6.50 8.19 1.95
CA LYS A 69 -7.02 9.21 1.05
C LYS A 69 -5.88 9.49 0.08
N VAL A 70 -6.24 9.76 -1.18
CA VAL A 70 -5.28 10.07 -2.28
C VAL A 70 -4.51 11.40 -2.11
N GLU A 71 -3.35 11.46 -2.78
CA GLU A 71 -2.55 12.69 -2.83
C GLU A 71 -2.53 12.99 -4.34
N LEU A 72 -2.61 14.27 -4.71
CA LEU A 72 -2.72 14.65 -6.11
C LEU A 72 -1.62 15.58 -6.57
N GLU A 73 -1.22 15.35 -7.81
CA GLU A 73 -0.21 16.17 -8.47
C GLU A 73 -0.82 16.56 -9.78
N CYS A 74 -0.54 17.78 -10.22
CA CYS A 74 -1.10 18.30 -11.43
C CYS A 74 0.03 18.20 -12.45
N LYS A 75 -0.30 17.96 -13.71
CA LYS A 75 0.70 17.93 -14.78
C LYS A 75 1.26 19.32 -14.62
N ASP A 76 2.54 19.50 -14.84
CA ASP A 76 3.31 20.55 -14.14
C ASP A 76 2.71 21.94 -13.88
N CYS A 77 2.17 21.95 -12.67
CA CYS A 77 1.47 23.00 -11.95
C CYS A 77 1.64 22.60 -10.48
N SER A 78 2.83 22.83 -9.96
CA SER A 78 3.26 22.33 -8.62
C SER A 78 2.36 22.83 -7.48
N HIS A 79 1.54 21.92 -6.98
CA HIS A 79 0.52 22.23 -5.97
C HIS A 79 0.35 21.17 -4.86
N VAL A 80 1.20 20.16 -4.82
CA VAL A 80 0.82 18.88 -4.19
C VAL A 80 0.57 18.91 -2.69
N PHE A 81 -0.57 18.33 -2.35
CA PHE A 81 -1.15 18.37 -1.01
C PHE A 81 -2.12 17.21 -0.92
N LYS A 82 -2.59 16.90 0.28
CA LYS A 82 -3.60 15.86 0.45
C LYS A 82 -5.01 16.54 0.49
N PRO A 83 -5.85 16.33 -0.55
CA PRO A 83 -7.16 16.98 -0.51
C PRO A 83 -8.06 16.45 0.62
N ASN A 84 -8.92 17.33 1.12
CA ASN A 84 -9.86 16.97 2.19
C ASN A 84 -11.31 17.14 1.72
N ALA A 85 -11.47 17.46 0.46
CA ALA A 85 -12.76 17.79 -0.11
C ALA A 85 -13.11 16.90 -1.27
N LEU A 86 -14.31 17.05 -1.79
CA LEU A 86 -14.79 16.24 -2.90
C LEU A 86 -14.29 16.81 -4.23
N ASP A 87 -13.29 17.66 -4.14
CA ASP A 87 -12.63 18.28 -5.29
C ASP A 87 -11.53 17.35 -5.86
N TYR A 88 -11.63 16.06 -5.54
CA TYR A 88 -10.72 15.07 -6.06
C TYR A 88 -10.78 15.09 -7.58
N GLY A 89 -9.61 14.91 -8.20
CA GLY A 89 -9.53 14.90 -9.66
C GLY A 89 -9.21 16.22 -10.33
N VAL A 90 -9.06 17.27 -9.54
CA VAL A 90 -8.65 18.59 -10.05
C VAL A 90 -7.56 19.11 -9.11
N CYS A 91 -6.84 20.07 -9.64
CA CYS A 91 -5.80 20.78 -8.92
C CYS A 91 -6.48 21.86 -8.05
N GLU A 92 -5.76 22.49 -7.13
CA GLU A 92 -6.32 23.62 -6.39
C GLU A 92 -5.55 24.91 -6.78
N LYS A 93 -4.41 24.77 -7.45
CA LYS A 93 -3.63 25.95 -7.92
C LYS A 93 -4.37 26.61 -9.07
N CYS A 94 -4.97 25.73 -9.81
CA CYS A 94 -5.82 25.95 -10.96
C CYS A 94 -6.90 24.97 -10.54
N HIS A 95 -8.09 24.97 -11.12
CA HIS A 95 -9.07 23.94 -10.74
C HIS A 95 -9.38 23.14 -11.96
N SER A 96 -8.39 23.08 -12.81
CA SER A 96 -8.51 22.34 -14.04
C SER A 96 -8.28 20.86 -13.83
N LYS A 97 -8.82 20.09 -14.75
CA LYS A 97 -8.63 18.64 -14.82
C LYS A 97 -7.26 18.44 -15.48
N ASN A 98 -6.74 17.21 -15.33
CA ASN A 98 -5.40 16.71 -15.80
C ASN A 98 -4.44 16.67 -14.63
N VAL A 99 -4.85 15.95 -13.59
CA VAL A 99 -4.03 15.72 -12.43
C VAL A 99 -3.80 14.23 -12.43
N ILE A 100 -2.80 13.81 -11.68
CA ILE A 100 -2.44 12.42 -11.56
C ILE A 100 -2.41 12.10 -10.09
N ILE A 101 -2.48 10.83 -9.76
CA ILE A 101 -2.50 10.39 -8.39
C ILE A 101 -1.12 9.89 -8.04
N THR A 102 -0.54 10.48 -6.98
CA THR A 102 0.82 10.11 -6.57
C THR A 102 0.84 9.20 -5.35
N GLN A 103 -0.24 9.20 -4.58
CA GLN A 103 -0.37 8.34 -3.45
C GLN A 103 -1.81 7.90 -3.41
N GLY A 104 -2.05 6.67 -2.97
CA GLY A 104 -3.43 6.17 -2.89
C GLY A 104 -3.97 5.56 -4.19
N ASN A 105 -3.10 5.29 -5.16
CA ASN A 105 -3.54 4.68 -6.43
C ASN A 105 -3.34 3.18 -6.29
N GLU A 106 -2.39 2.80 -5.42
CA GLU A 106 -2.09 1.37 -5.18
C GLU A 106 -1.89 1.14 -3.64
N MET A 107 -0.74 0.58 -3.24
CA MET A 107 -0.48 0.17 -1.85
C MET A 107 0.91 0.56 -1.31
N ARG A 108 1.03 0.78 0.01
CA ARG A 108 2.34 1.05 0.66
C ARG A 108 2.32 0.43 2.08
N LEU A 109 3.44 -0.15 2.53
CA LEU A 109 3.55 -0.71 3.91
C LEU A 109 3.54 0.47 4.88
N LEU A 110 2.86 0.32 6.02
CA LEU A 110 2.89 1.38 7.03
C LEU A 110 3.72 1.01 8.28
N SER A 111 3.51 -0.17 8.83
CA SER A 111 4.24 -0.65 10.01
C SER A 111 4.24 -2.15 10.05
N LEU A 112 5.19 -2.76 10.72
CA LEU A 112 5.22 -4.24 10.87
C LEU A 112 5.44 -4.59 12.33
N GLU A 113 4.84 -5.68 12.79
CA GLU A 113 5.08 -6.21 14.16
C GLU A 113 6.00 -7.39 13.88
N MET A 114 7.18 -7.49 14.52
CA MET A 114 8.15 -8.50 14.12
C MET A 114 8.81 -9.22 15.29
N LEU A 115 9.14 -10.48 15.12
CA LEU A 115 9.79 -11.28 16.17
C LEU A 115 11.27 -11.51 15.79
N ALA A 116 12.19 -11.17 16.68
CA ALA A 116 13.62 -11.28 16.40
C ALA A 116 14.08 -12.74 16.37
N GLU A 117 15.16 -12.97 15.63
CA GLU A 117 15.81 -14.27 15.49
C GLU A 117 16.41 -14.78 16.80
ZN ZN B . -2.99 22.64 -11.45
N MET A 1 -0.60 -3.21 -10.51
CA MET A 1 -2.04 -2.87 -10.22
C MET A 1 -2.81 -4.12 -9.80
N HIS A 2 -2.57 -5.27 -10.44
CA HIS A 2 -3.34 -6.46 -10.10
C HIS A 2 -3.05 -6.86 -8.65
N GLU A 3 -4.04 -7.37 -7.92
CA GLU A 3 -3.79 -7.61 -6.49
C GLU A 3 -2.70 -8.66 -6.23
N TYR A 4 -2.66 -9.72 -7.02
CA TYR A 4 -1.63 -10.77 -6.85
C TYR A 4 -0.26 -10.19 -7.15
N SER A 5 -0.16 -9.23 -8.05
CA SER A 5 1.16 -8.67 -8.35
C SER A 5 1.59 -7.76 -7.19
N VAL A 6 0.66 -6.99 -6.64
CA VAL A 6 0.96 -6.08 -5.55
C VAL A 6 1.30 -6.88 -4.29
N VAL A 7 0.60 -7.97 -4.04
CA VAL A 7 0.90 -8.82 -2.89
C VAL A 7 2.23 -9.54 -3.14
N SER A 8 2.51 -9.95 -4.36
CA SER A 8 3.81 -10.64 -4.61
C SER A 8 4.96 -9.71 -4.25
N SER A 9 4.78 -8.44 -4.58
CA SER A 9 5.79 -7.42 -4.25
C SER A 9 5.76 -7.09 -2.73
N LEU A 10 4.56 -7.14 -2.14
CA LEU A 10 4.45 -6.84 -0.70
C LEU A 10 5.17 -7.88 0.09
N ILE A 11 5.06 -9.15 -0.27
CA ILE A 11 5.72 -10.15 0.56
C ILE A 11 7.22 -9.92 0.50
N ALA A 12 7.72 -9.56 -0.67
CA ALA A 12 9.16 -9.28 -0.80
C ALA A 12 9.53 -8.01 -0.04
N LEU A 13 8.64 -7.02 -0.02
CA LEU A 13 8.88 -5.77 0.73
C LEU A 13 8.97 -6.11 2.23
N CYS A 14 8.13 -7.03 2.63
CA CYS A 14 8.07 -7.47 4.01
C CYS A 14 9.36 -8.20 4.30
N GLU A 15 9.83 -9.04 3.39
CA GLU A 15 11.10 -9.74 3.63
C GLU A 15 12.27 -8.80 3.64
N GLU A 16 12.24 -7.75 2.84
CA GLU A 16 13.39 -6.86 2.89
C GLU A 16 13.34 -6.02 4.17
N HIS A 17 12.16 -5.74 4.68
CA HIS A 17 12.10 -5.07 5.98
C HIS A 17 12.61 -6.06 7.02
N ALA A 18 12.26 -7.32 6.91
CA ALA A 18 12.74 -8.30 7.87
C ALA A 18 14.26 -8.38 7.91
N LYS A 19 14.96 -8.35 6.79
CA LYS A 19 16.43 -8.38 6.83
C LYS A 19 16.99 -7.11 7.43
N LYS A 20 16.33 -5.98 7.21
CA LYS A 20 16.79 -4.69 7.76
C LYS A 20 16.54 -4.64 9.26
N ASN A 21 15.58 -5.41 9.74
CA ASN A 21 15.22 -5.42 11.16
C ASN A 21 15.83 -6.66 11.82
N GLN A 22 16.59 -7.42 11.01
CA GLN A 22 17.24 -8.66 11.47
C GLN A 22 16.20 -9.56 12.12
N ALA A 23 15.06 -9.70 11.45
CA ALA A 23 13.94 -10.48 11.93
C ALA A 23 13.72 -11.69 11.02
N HIS A 24 13.27 -12.81 11.57
CA HIS A 24 13.03 -14.01 10.75
C HIS A 24 11.56 -14.21 10.45
N LYS A 25 10.73 -13.52 11.22
CA LYS A 25 9.29 -13.70 11.09
C LYS A 25 8.55 -12.42 11.42
N ILE A 26 7.51 -12.12 10.68
CA ILE A 26 6.67 -10.97 10.94
C ILE A 26 5.36 -11.49 11.52
N GLU A 27 5.05 -11.10 12.74
CA GLU A 27 3.86 -11.60 13.40
C GLU A 27 2.55 -10.94 12.92
N ARG A 28 2.64 -9.69 12.50
CA ARG A 28 1.47 -8.94 12.08
C ARG A 28 1.87 -7.94 11.00
N VAL A 29 1.07 -7.77 9.99
CA VAL A 29 1.31 -6.78 8.96
C VAL A 29 0.06 -5.93 8.85
N VAL A 30 0.12 -4.60 8.97
CA VAL A 30 -1.09 -3.80 8.79
C VAL A 30 -0.75 -2.90 7.62
N VAL A 31 -1.69 -2.72 6.70
CA VAL A 31 -1.43 -1.97 5.50
C VAL A 31 -2.49 -0.92 5.31
N GLY A 32 -2.17 0.04 4.49
CA GLY A 32 -3.08 1.10 4.14
C GLY A 32 -3.35 0.92 2.68
N ILE A 33 -4.59 1.06 2.27
CA ILE A 33 -4.95 0.91 0.85
C ILE A 33 -5.72 2.18 0.51
N GLY A 34 -5.36 2.83 -0.57
CA GLY A 34 -5.98 4.10 -0.93
C GLY A 34 -7.47 4.05 -1.21
N GLU A 35 -8.11 5.16 -0.88
CA GLU A 35 -9.54 5.38 -1.04
C GLU A 35 -9.98 5.40 -2.49
N ARG A 36 -9.08 5.68 -3.44
CA ARG A 36 -9.43 5.60 -4.87
C ARG A 36 -8.56 4.54 -5.53
N SER A 37 -8.03 3.60 -4.75
CA SER A 37 -7.15 2.58 -5.29
C SER A 37 -7.89 1.70 -6.30
N ALA A 38 -7.16 1.16 -7.28
CA ALA A 38 -7.77 0.28 -8.27
C ALA A 38 -8.07 -1.11 -7.65
N MET A 39 -7.31 -1.39 -6.61
CA MET A 39 -7.34 -2.67 -5.95
C MET A 39 -8.61 -2.97 -5.18
N ASP A 40 -9.00 -4.23 -5.18
CA ASP A 40 -10.15 -4.69 -4.40
C ASP A 40 -9.63 -5.22 -3.07
N LYS A 41 -10.26 -4.84 -1.96
CA LYS A 41 -9.77 -5.24 -0.64
C LYS A 41 -10.02 -6.72 -0.40
N SER A 42 -11.04 -7.29 -1.03
CA SER A 42 -11.34 -8.73 -0.83
C SER A 42 -10.40 -9.62 -1.61
N LEU A 43 -9.97 -9.14 -2.77
CA LEU A 43 -9.00 -9.89 -3.55
C LEU A 43 -7.65 -9.67 -2.96
N PHE A 44 -7.46 -8.56 -2.29
CA PHE A 44 -6.20 -8.30 -1.64
C PHE A 44 -5.98 -9.29 -0.51
N VAL A 45 -6.98 -9.48 0.34
CA VAL A 45 -6.78 -10.41 1.44
C VAL A 45 -6.74 -11.85 0.92
N SER A 46 -7.33 -12.11 -0.24
CA SER A 46 -7.28 -13.48 -0.82
C SER A 46 -5.85 -13.72 -1.37
N ALA A 47 -5.30 -12.71 -2.02
CA ALA A 47 -3.97 -12.82 -2.60
C ALA A 47 -2.94 -12.95 -1.49
N PHE A 48 -3.20 -12.27 -0.39
CA PHE A 48 -2.29 -12.28 0.74
C PHE A 48 -2.18 -13.64 1.35
N GLU A 49 -3.28 -14.39 1.36
CA GLU A 49 -3.24 -15.77 1.81
C GLU A 49 -2.44 -16.62 0.82
N THR A 50 -2.58 -16.34 -0.46
CA THR A 50 -1.93 -17.12 -1.50
C THR A 50 -0.41 -16.96 -1.46
N PHE A 51 0.07 -15.74 -1.29
CA PHE A 51 1.52 -15.51 -1.20
C PHE A 51 2.15 -15.68 0.16
N ARG A 52 1.42 -15.48 1.25
CA ARG A 52 2.08 -15.53 2.58
C ARG A 52 2.61 -16.93 2.90
N GLU A 53 1.99 -17.97 2.38
CA GLU A 53 2.42 -19.33 2.66
C GLU A 53 3.74 -19.63 1.94
N GLU A 54 4.03 -18.86 0.90
CA GLU A 54 5.26 -19.05 0.13
C GLU A 54 6.52 -18.61 0.91
N SER A 55 6.31 -17.79 1.94
CA SER A 55 7.45 -17.35 2.78
C SER A 55 7.14 -17.54 4.24
N LEU A 56 8.04 -18.19 4.94
CA LEU A 56 7.86 -18.49 6.36
C LEU A 56 7.69 -17.17 7.13
N VAL A 57 8.38 -16.16 6.65
CA VAL A 57 8.38 -14.83 7.22
C VAL A 57 6.97 -14.23 7.40
N CYS A 58 6.08 -14.42 6.44
CA CYS A 58 4.74 -13.81 6.51
C CYS A 58 3.60 -14.83 6.69
N LYS A 59 3.89 -16.12 6.71
CA LYS A 59 2.86 -17.17 6.75
C LYS A 59 1.90 -17.10 7.93
N ASP A 60 2.38 -16.78 9.13
CA ASP A 60 1.51 -16.65 10.29
C ASP A 60 1.18 -15.18 10.56
N ALA A 61 1.49 -14.27 9.64
CA ALA A 61 1.18 -12.87 9.87
C ALA A 61 -0.34 -12.63 9.90
N ILE A 62 -0.76 -11.65 10.66
CA ILE A 62 -2.17 -11.25 10.75
C ILE A 62 -2.27 -9.97 9.91
N LEU A 63 -3.23 -9.88 9.00
CA LEU A 63 -3.35 -8.75 8.08
C LEU A 63 -4.59 -7.85 8.38
N ASP A 64 -4.36 -6.55 8.52
CA ASP A 64 -5.43 -5.53 8.66
C ASP A 64 -5.29 -4.51 7.55
N ILE A 65 -6.40 -3.89 7.17
CA ILE A 65 -6.42 -2.86 6.12
C ILE A 65 -7.02 -1.56 6.66
N VAL A 66 -6.29 -0.47 6.46
CA VAL A 66 -6.71 0.87 6.84
C VAL A 66 -6.96 1.67 5.56
N ASP A 67 -8.10 2.34 5.42
CA ASP A 67 -8.35 3.13 4.22
C ASP A 67 -7.58 4.43 4.35
N GLU A 68 -6.94 4.88 3.28
CA GLU A 68 -6.14 6.14 3.31
C GLU A 68 -6.38 7.11 2.16
N LYS A 69 -6.12 8.39 2.42
CA LYS A 69 -6.29 9.43 1.38
C LYS A 69 -5.18 9.29 0.36
N VAL A 70 -5.52 9.64 -0.85
CA VAL A 70 -4.62 9.56 -1.98
C VAL A 70 -3.75 10.81 -2.08
N GLU A 71 -2.63 10.65 -2.72
CA GLU A 71 -1.71 11.77 -2.98
C GLU A 71 -1.73 11.92 -4.49
N LEU A 72 -1.76 13.14 -4.94
CA LEU A 72 -1.85 13.45 -6.35
C LEU A 72 -0.65 14.25 -6.84
N GLU A 73 -0.33 14.02 -8.10
CA GLU A 73 0.76 14.73 -8.81
C GLU A 73 0.10 15.30 -10.05
N CYS A 74 0.46 16.52 -10.42
CA CYS A 74 -0.13 17.18 -11.58
C CYS A 74 0.91 17.13 -12.72
N LYS A 75 0.43 16.81 -13.92
CA LYS A 75 1.28 16.77 -15.11
C LYS A 75 1.78 18.20 -15.20
N ASP A 76 2.96 18.41 -15.81
CA ASP A 76 3.85 19.49 -15.40
C ASP A 76 3.32 20.87 -14.96
N CYS A 77 3.19 20.82 -13.65
CA CYS A 77 2.76 21.87 -12.73
C CYS A 77 3.54 21.32 -11.52
N SER A 78 4.40 22.08 -10.86
CA SER A 78 5.09 21.43 -9.75
C SER A 78 4.19 21.50 -8.54
N HIS A 79 3.54 20.37 -8.24
CA HIS A 79 2.50 20.33 -7.21
C HIS A 79 2.16 19.25 -6.20
N VAL A 80 2.97 18.22 -5.95
CA VAL A 80 2.40 16.98 -5.39
C VAL A 80 1.88 17.20 -3.94
N PHE A 81 0.63 16.81 -3.72
CA PHE A 81 -0.17 17.15 -2.52
C PHE A 81 -1.25 16.10 -2.22
N LYS A 82 -1.88 16.19 -1.07
CA LYS A 82 -2.99 15.28 -0.71
C LYS A 82 -4.32 16.03 -0.53
N PRO A 83 -5.30 15.76 -1.40
CA PRO A 83 -6.57 16.49 -1.22
C PRO A 83 -7.36 16.05 0.03
N ASN A 84 -8.18 16.95 0.57
CA ASN A 84 -8.96 16.65 1.78
C ASN A 84 -10.49 16.55 1.52
N ALA A 85 -10.90 16.65 0.27
CA ALA A 85 -12.32 16.68 -0.07
C ALA A 85 -12.60 16.03 -1.42
N LEU A 86 -13.90 15.99 -1.73
CA LEU A 86 -14.45 15.43 -2.94
C LEU A 86 -14.07 16.14 -4.24
N ASP A 87 -13.22 17.16 -4.17
CA ASP A 87 -12.73 17.91 -5.33
C ASP A 87 -11.51 17.16 -5.91
N TYR A 88 -11.60 15.83 -5.86
CA TYR A 88 -10.54 14.97 -6.36
C TYR A 88 -10.43 15.06 -7.88
N GLY A 89 -9.26 14.75 -8.40
CA GLY A 89 -9.07 14.64 -9.84
C GLY A 89 -8.62 15.91 -10.53
N VAL A 90 -8.34 16.96 -9.76
CA VAL A 90 -7.81 18.20 -10.30
C VAL A 90 -6.73 18.64 -9.33
N CYS A 91 -5.84 19.49 -9.82
CA CYS A 91 -4.76 20.06 -9.03
C CYS A 91 -5.39 21.16 -8.14
N GLU A 92 -4.69 21.59 -7.11
CA GLU A 92 -5.15 22.70 -6.29
C GLU A 92 -4.38 24.00 -6.63
N LYS A 93 -3.26 23.86 -7.37
CA LYS A 93 -2.39 25.01 -7.80
C LYS A 93 -2.98 25.71 -8.99
N CYS A 94 -3.67 24.90 -9.77
CA CYS A 94 -4.39 25.22 -10.99
C CYS A 94 -5.52 24.26 -10.74
N HIS A 95 -6.64 24.28 -11.45
CA HIS A 95 -7.69 23.28 -11.16
C HIS A 95 -7.88 22.49 -12.41
N SER A 96 -6.77 22.25 -13.06
CA SER A 96 -6.73 21.49 -14.30
C SER A 96 -6.93 20.02 -14.03
N LYS A 97 -7.65 19.38 -14.92
CA LYS A 97 -7.86 17.94 -14.97
C LYS A 97 -6.57 17.44 -15.60
N ASN A 98 -6.29 16.16 -15.42
CA ASN A 98 -5.05 15.47 -15.90
C ASN A 98 -3.99 15.43 -14.82
N VAL A 99 -4.39 14.86 -13.71
CA VAL A 99 -3.52 14.64 -12.59
C VAL A 99 -3.45 13.12 -12.43
N ILE A 100 -2.43 12.64 -11.71
CA ILE A 100 -2.26 11.21 -11.53
C ILE A 100 -2.08 10.93 -10.04
N ILE A 101 -2.22 9.69 -9.63
CA ILE A 101 -2.10 9.32 -8.22
C ILE A 101 -0.72 8.73 -7.90
N THR A 102 -0.03 9.27 -6.89
CA THR A 102 1.31 8.76 -6.54
C THR A 102 1.33 7.93 -5.26
N GLN A 103 0.29 8.05 -4.46
CA GLN A 103 0.11 7.27 -3.24
C GLN A 103 -1.36 7.01 -3.15
N GLY A 104 -1.70 5.80 -2.73
CA GLY A 104 -3.09 5.43 -2.56
C GLY A 104 -3.61 4.85 -3.84
N ASN A 105 -2.77 4.71 -4.85
CA ASN A 105 -3.19 4.11 -6.11
C ASN A 105 -3.23 2.61 -5.88
N GLU A 106 -2.51 2.18 -4.85
CA GLU A 106 -2.40 0.79 -4.47
C GLU A 106 -2.36 0.70 -2.93
N MET A 107 -1.26 0.22 -2.38
CA MET A 107 -1.13 -0.17 -0.98
C MET A 107 0.20 0.32 -0.35
N ARG A 108 0.22 0.54 0.97
CA ARG A 108 1.40 0.98 1.69
C ARG A 108 1.46 0.25 3.07
N LEU A 109 2.65 -0.14 3.53
CA LEU A 109 2.80 -0.75 4.87
C LEU A 109 2.73 0.33 5.94
N LEU A 110 1.96 0.12 7.02
CA LEU A 110 1.92 1.15 8.07
C LEU A 110 2.78 0.80 9.31
N SER A 111 2.67 -0.43 9.81
CA SER A 111 3.46 -0.91 10.96
C SER A 111 3.47 -2.45 10.90
N LEU A 112 4.47 -3.05 11.54
CA LEU A 112 4.61 -4.50 11.58
C LEU A 112 4.99 -4.96 13.02
N GLU A 113 4.60 -6.16 13.40
CA GLU A 113 5.11 -6.82 14.61
C GLU A 113 6.17 -7.74 14.06
N MET A 114 7.38 -7.70 14.59
CA MET A 114 8.47 -8.51 14.01
C MET A 114 9.22 -9.28 15.06
N LEU A 115 9.70 -10.49 14.74
CA LEU A 115 10.41 -11.32 15.69
C LEU A 115 11.85 -11.52 15.23
N ALA A 116 12.80 -11.25 16.12
CA ALA A 116 14.21 -11.29 15.80
C ALA A 116 14.68 -12.67 15.43
N GLU A 117 15.62 -12.74 14.52
CA GLU A 117 16.18 -14.01 14.04
C GLU A 117 17.03 -14.69 15.11
ZN ZN B . -1.54 21.62 -11.24
N MET A 1 -0.67 -3.46 -10.41
CA MET A 1 -2.11 -3.06 -10.49
C MET A 1 -3.01 -4.22 -10.11
N HIS A 2 -2.77 -5.39 -10.67
CA HIS A 2 -3.63 -6.55 -10.38
C HIS A 2 -3.31 -6.98 -8.94
N GLU A 3 -4.32 -7.47 -8.21
CA GLU A 3 -4.14 -7.75 -6.80
C GLU A 3 -3.10 -8.82 -6.48
N TYR A 4 -3.06 -9.90 -7.24
CA TYR A 4 -2.09 -10.95 -6.93
C TYR A 4 -0.67 -10.51 -7.24
N SER A 5 -0.48 -9.67 -8.24
CA SER A 5 0.87 -9.21 -8.54
C SER A 5 1.36 -8.25 -7.47
N VAL A 6 0.47 -7.40 -7.00
CA VAL A 6 0.79 -6.44 -5.96
C VAL A 6 1.05 -7.19 -4.63
N VAL A 7 0.26 -8.21 -4.28
CA VAL A 7 0.47 -8.98 -3.04
C VAL A 7 1.78 -9.75 -3.23
N SER A 8 2.11 -10.21 -4.44
CA SER A 8 3.37 -10.94 -4.60
C SER A 8 4.52 -9.99 -4.30
N SER A 9 4.39 -8.72 -4.69
CA SER A 9 5.45 -7.78 -4.41
C SER A 9 5.44 -7.41 -2.92
N LEU A 10 4.30 -7.57 -2.26
CA LEU A 10 4.17 -7.26 -0.82
C LEU A 10 5.01 -8.22 -0.06
N ILE A 11 4.98 -9.47 -0.43
CA ILE A 11 5.73 -10.45 0.32
C ILE A 11 7.22 -10.12 0.25
N ALA A 12 7.68 -9.76 -0.96
CA ALA A 12 9.08 -9.46 -1.15
C ALA A 12 9.41 -8.18 -0.40
N LEU A 13 8.46 -7.26 -0.36
CA LEU A 13 8.64 -6.01 0.34
C LEU A 13 8.73 -6.26 1.86
N CYS A 14 7.91 -7.17 2.35
CA CYS A 14 7.92 -7.53 3.75
C CYS A 14 9.27 -8.18 4.07
N GLU A 15 9.78 -9.02 3.18
CA GLU A 15 11.06 -9.65 3.41
C GLU A 15 12.21 -8.61 3.37
N GLU A 16 12.18 -7.62 2.49
CA GLU A 16 13.28 -6.65 2.50
C GLU A 16 13.22 -5.83 3.78
N HIS A 17 12.04 -5.57 4.31
CA HIS A 17 11.91 -4.80 5.56
C HIS A 17 12.39 -5.65 6.71
N ALA A 18 12.33 -6.96 6.58
CA ALA A 18 12.83 -7.81 7.63
C ALA A 18 14.34 -7.62 7.70
N LYS A 19 14.98 -7.48 6.55
CA LYS A 19 16.43 -7.25 6.49
C LYS A 19 16.77 -5.87 7.02
N LYS A 20 15.89 -4.92 6.73
CA LYS A 20 16.11 -3.52 7.18
C LYS A 20 15.92 -3.37 8.68
N ASN A 21 15.05 -4.16 9.28
CA ASN A 21 14.78 -4.04 10.69
C ASN A 21 15.54 -5.08 11.51
N GLN A 22 16.41 -5.82 10.84
CA GLN A 22 17.25 -6.86 11.47
C GLN A 22 16.33 -7.83 12.23
N ALA A 23 15.26 -8.22 11.57
CA ALA A 23 14.27 -9.10 12.16
C ALA A 23 14.15 -10.33 11.25
N HIS A 24 13.85 -11.49 11.82
CA HIS A 24 13.82 -12.74 11.02
C HIS A 24 12.38 -13.24 10.73
N LYS A 25 11.36 -12.69 11.39
CA LYS A 25 9.99 -13.21 11.23
C LYS A 25 8.96 -12.10 11.54
N ILE A 26 7.88 -11.97 10.73
CA ILE A 26 6.87 -10.96 10.93
C ILE A 26 5.58 -11.52 11.51
N GLU A 27 5.13 -10.99 12.63
CA GLU A 27 3.90 -11.44 13.30
C GLU A 27 2.63 -10.74 12.88
N ARG A 28 2.72 -9.48 12.47
CA ARG A 28 1.56 -8.73 11.99
C ARG A 28 2.00 -7.77 10.91
N VAL A 29 1.19 -7.65 9.88
CA VAL A 29 1.42 -6.70 8.80
C VAL A 29 0.14 -5.90 8.68
N VAL A 30 0.19 -4.58 8.74
CA VAL A 30 -1.00 -3.81 8.49
C VAL A 30 -0.66 -3.00 7.24
N VAL A 31 -1.62 -2.87 6.34
CA VAL A 31 -1.40 -2.18 5.10
C VAL A 31 -2.45 -1.11 4.93
N GLY A 32 -2.18 -0.19 4.02
CA GLY A 32 -3.16 0.82 3.69
C GLY A 32 -3.48 0.54 2.24
N ILE A 33 -4.74 0.60 1.87
CA ILE A 33 -5.14 0.41 0.48
C ILE A 33 -5.90 1.67 0.16
N GLY A 34 -5.49 2.34 -0.91
CA GLY A 34 -6.13 3.59 -1.26
C GLY A 34 -7.54 3.44 -1.74
N GLU A 35 -8.34 4.46 -1.42
CA GLU A 35 -9.74 4.52 -1.76
C GLU A 35 -10.04 4.61 -3.26
N ARG A 36 -9.04 4.98 -4.07
CA ARG A 36 -9.23 4.97 -5.52
C ARG A 36 -8.27 3.99 -6.14
N SER A 37 -7.80 3.01 -5.36
CA SER A 37 -6.82 2.06 -5.90
C SER A 37 -7.55 1.15 -6.88
N ALA A 38 -6.80 0.63 -7.87
CA ALA A 38 -7.33 -0.33 -8.87
C ALA A 38 -7.37 -1.77 -8.31
N MET A 39 -7.59 -1.91 -7.01
CA MET A 39 -7.54 -3.18 -6.32
C MET A 39 -8.80 -3.49 -5.51
N ASP A 40 -9.32 -4.69 -5.65
CA ASP A 40 -10.46 -5.10 -4.84
C ASP A 40 -9.94 -5.63 -3.48
N LYS A 41 -10.52 -5.22 -2.36
CA LYS A 41 -10.09 -5.65 -1.02
C LYS A 41 -10.40 -7.10 -0.82
N SER A 42 -11.45 -7.60 -1.44
CA SER A 42 -11.82 -9.02 -1.29
C SER A 42 -10.78 -9.92 -1.97
N LEU A 43 -10.31 -9.50 -3.14
CA LEU A 43 -9.28 -10.26 -3.83
C LEU A 43 -7.94 -10.06 -3.13
N PHE A 44 -7.77 -8.94 -2.46
CA PHE A 44 -6.51 -8.68 -1.79
C PHE A 44 -6.32 -9.61 -0.61
N VAL A 45 -7.37 -9.82 0.19
CA VAL A 45 -7.19 -10.66 1.35
C VAL A 45 -7.10 -12.13 0.93
N SER A 46 -7.68 -12.44 -0.22
CA SER A 46 -7.65 -13.84 -0.73
C SER A 46 -6.25 -14.10 -1.23
N ALA A 47 -5.69 -13.08 -1.88
CA ALA A 47 -4.34 -13.19 -2.40
C ALA A 47 -3.35 -13.28 -1.25
N PHE A 48 -3.60 -12.56 -0.17
CA PHE A 48 -2.68 -12.59 0.93
C PHE A 48 -2.66 -13.95 1.60
N GLU A 49 -3.79 -14.62 1.69
CA GLU A 49 -3.81 -15.99 2.20
C GLU A 49 -3.03 -16.91 1.28
N THR A 50 -3.20 -16.72 -0.02
CA THR A 50 -2.53 -17.54 -1.03
C THR A 50 -0.99 -17.39 -0.89
N PHE A 51 -0.55 -16.16 -0.67
CA PHE A 51 0.86 -15.84 -0.53
C PHE A 51 1.48 -16.05 0.87
N ARG A 52 0.73 -16.12 1.96
CA ARG A 52 1.43 -16.33 3.27
C ARG A 52 2.21 -17.61 3.32
N GLU A 53 1.71 -18.66 2.73
CA GLU A 53 2.39 -19.97 2.77
C GLU A 53 3.65 -19.97 1.93
N GLU A 54 3.74 -19.07 0.97
CA GLU A 54 4.91 -18.97 0.10
C GLU A 54 6.15 -18.44 0.87
N SER A 55 5.96 -17.77 2.00
CA SER A 55 7.09 -17.20 2.74
C SER A 55 6.96 -17.44 4.25
N LEU A 56 8.00 -18.04 4.84
CA LEU A 56 8.03 -18.32 6.30
C LEU A 56 7.88 -17.01 7.08
N VAL A 57 8.56 -15.97 6.58
CA VAL A 57 8.60 -14.67 7.26
C VAL A 57 7.19 -14.12 7.43
N CYS A 58 6.35 -14.31 6.43
CA CYS A 58 4.98 -13.77 6.44
C CYS A 58 3.87 -14.80 6.79
N LYS A 59 4.24 -16.05 7.02
CA LYS A 59 3.26 -17.14 7.19
C LYS A 59 2.33 -16.97 8.38
N ASP A 60 2.82 -16.46 9.49
CA ASP A 60 1.98 -16.33 10.69
C ASP A 60 1.56 -14.87 10.84
N ALA A 61 1.82 -14.05 9.83
CA ALA A 61 1.52 -12.63 9.92
C ALA A 61 -0.01 -12.40 9.88
N ILE A 62 -0.51 -11.62 10.82
CA ILE A 62 -1.92 -11.25 10.88
C ILE A 62 -2.06 -10.04 9.96
N LEU A 63 -3.04 -10.06 9.04
CA LEU A 63 -3.18 -8.94 8.09
C LEU A 63 -4.39 -8.02 8.40
N ASP A 64 -4.14 -6.71 8.46
CA ASP A 64 -5.20 -5.69 8.60
C ASP A 64 -5.13 -4.70 7.47
N ILE A 65 -6.27 -4.17 7.07
CA ILE A 65 -6.32 -3.16 5.99
C ILE A 65 -6.93 -1.88 6.54
N VAL A 66 -6.25 -0.78 6.29
CA VAL A 66 -6.72 0.53 6.68
C VAL A 66 -7.01 1.33 5.40
N ASP A 67 -8.22 1.86 5.25
CA ASP A 67 -8.54 2.62 4.03
C ASP A 67 -7.86 3.99 4.15
N GLU A 68 -7.23 4.45 3.09
CA GLU A 68 -6.57 5.78 3.12
C GLU A 68 -6.94 6.62 1.91
N LYS A 69 -6.95 7.93 2.12
CA LYS A 69 -7.27 8.91 1.07
C LYS A 69 -6.04 9.05 0.19
N VAL A 70 -6.29 9.35 -1.07
CA VAL A 70 -5.23 9.50 -2.05
C VAL A 70 -4.33 10.73 -1.86
N GLU A 71 -3.11 10.66 -2.39
CA GLU A 71 -2.13 11.74 -2.36
C GLU A 71 -1.87 11.98 -3.82
N LEU A 72 -1.75 13.26 -4.18
CA LEU A 72 -1.65 13.66 -5.57
C LEU A 72 -0.36 14.42 -5.87
N GLU A 73 0.08 14.21 -7.10
CA GLU A 73 1.25 14.91 -7.65
C GLU A 73 0.71 15.50 -8.90
N CYS A 74 1.19 16.71 -9.23
CA CYS A 74 0.72 17.40 -10.41
C CYS A 74 1.84 17.23 -11.40
N LYS A 75 1.45 17.00 -12.66
CA LYS A 75 2.43 16.86 -13.73
C LYS A 75 3.11 18.25 -13.72
N ASP A 76 4.38 18.30 -14.08
CA ASP A 76 5.30 19.30 -13.59
C ASP A 76 4.85 20.75 -13.31
N CYS A 77 4.47 20.73 -12.00
CA CYS A 77 4.07 21.82 -11.14
C CYS A 77 4.62 21.17 -9.82
N SER A 78 5.49 21.81 -9.04
CA SER A 78 6.07 21.09 -7.88
C SER A 78 5.07 21.30 -6.75
N HIS A 79 4.24 20.26 -6.51
CA HIS A 79 3.14 20.38 -5.57
C HIS A 79 2.67 19.25 -4.63
N VAL A 80 3.40 18.18 -4.41
CA VAL A 80 2.69 16.97 -3.98
C VAL A 80 2.14 17.11 -2.53
N PHE A 81 0.84 16.77 -2.47
CA PHE A 81 0.01 17.02 -1.32
C PHE A 81 -1.05 15.95 -1.23
N LYS A 82 -1.67 15.85 -0.06
CA LYS A 82 -2.67 14.83 0.19
C LYS A 82 -4.06 15.43 0.48
N PRO A 83 -4.94 15.48 -0.52
CA PRO A 83 -6.26 16.06 -0.24
C PRO A 83 -7.15 15.16 0.62
N ASN A 84 -8.03 15.76 1.42
CA ASN A 84 -9.00 15.04 2.26
C ASN A 84 -10.42 15.48 1.85
N ALA A 85 -10.49 16.25 0.77
CA ALA A 85 -11.76 16.83 0.33
C ALA A 85 -12.12 16.34 -1.05
N LEU A 86 -13.38 16.56 -1.41
CA LEU A 86 -13.94 16.10 -2.69
C LEU A 86 -13.39 16.84 -3.93
N ASP A 87 -12.39 17.68 -3.74
CA ASP A 87 -11.75 18.42 -4.82
C ASP A 87 -10.70 17.56 -5.55
N TYR A 88 -10.82 16.25 -5.43
CA TYR A 88 -9.89 15.29 -6.06
C TYR A 88 -9.81 15.44 -7.58
N GLY A 89 -8.64 15.19 -8.11
CA GLY A 89 -8.40 15.21 -9.54
C GLY A 89 -7.83 16.49 -10.16
N VAL A 90 -7.53 17.47 -9.34
CA VAL A 90 -6.87 18.68 -9.81
C VAL A 90 -5.79 19.01 -8.78
N CYS A 91 -4.87 19.85 -9.19
CA CYS A 91 -3.82 20.32 -8.31
C CYS A 91 -4.49 21.38 -7.47
N GLU A 92 -3.85 21.78 -6.36
CA GLU A 92 -4.39 22.85 -5.55
C GLU A 92 -3.62 24.15 -5.78
N LYS A 93 -2.39 24.07 -6.26
CA LYS A 93 -1.56 25.26 -6.53
C LYS A 93 -2.07 25.98 -7.77
N CYS A 94 -2.55 25.17 -8.70
CA CYS A 94 -3.09 25.56 -9.98
C CYS A 94 -4.25 24.61 -9.92
N HIS A 95 -5.27 24.76 -10.71
CA HIS A 95 -6.42 23.82 -10.64
C HIS A 95 -6.47 23.08 -11.93
N SER A 96 -5.31 22.81 -12.46
CA SER A 96 -5.19 22.15 -13.72
C SER A 96 -5.46 20.66 -13.53
N LYS A 97 -6.18 20.12 -14.52
CA LYS A 97 -6.38 18.69 -14.65
C LYS A 97 -5.05 18.19 -15.17
N ASN A 98 -4.81 16.90 -15.06
CA ASN A 98 -3.57 16.19 -15.47
C ASN A 98 -2.67 16.12 -14.25
N VAL A 99 -3.20 15.53 -13.21
CA VAL A 99 -2.50 15.24 -11.97
C VAL A 99 -2.53 13.70 -11.88
N ILE A 100 -1.68 13.12 -11.07
CA ILE A 100 -1.59 11.68 -10.90
C ILE A 100 -1.68 11.38 -9.40
N ILE A 101 -1.93 10.13 -9.11
CA ILE A 101 -2.05 9.68 -7.73
C ILE A 101 -0.75 8.97 -7.41
N THR A 102 -0.07 9.44 -6.37
CA THR A 102 1.21 8.83 -6.01
C THR A 102 1.06 7.85 -4.87
N GLN A 103 0.14 8.11 -3.98
CA GLN A 103 -0.13 7.17 -2.88
C GLN A 103 -1.64 7.03 -2.84
N GLY A 104 -2.11 5.85 -2.50
CA GLY A 104 -3.54 5.60 -2.50
C GLY A 104 -4.00 5.12 -3.86
N ASN A 105 -3.04 4.84 -4.73
CA ASN A 105 -3.35 4.32 -6.08
C ASN A 105 -3.26 2.79 -6.01
N GLU A 106 -2.52 2.34 -5.02
CA GLU A 106 -2.20 0.96 -4.80
C GLU A 106 -1.98 0.76 -3.29
N MET A 107 -1.56 -0.45 -2.96
CA MET A 107 -1.23 -0.89 -1.58
C MET A 107 0.03 -0.20 -1.00
N ARG A 108 0.03 0.02 0.31
CA ARG A 108 1.14 0.62 1.05
C ARG A 108 1.33 -0.14 2.37
N LEU A 109 2.53 -0.25 2.91
CA LEU A 109 2.73 -0.85 4.23
C LEU A 109 2.70 0.29 5.23
N LEU A 110 1.98 0.09 6.34
CA LEU A 110 1.93 1.14 7.36
C LEU A 110 2.75 0.82 8.62
N SER A 111 2.57 -0.37 9.16
CA SER A 111 3.33 -0.80 10.34
C SER A 111 3.51 -2.32 10.34
N LEU A 112 4.55 -2.82 10.99
CA LEU A 112 4.79 -4.25 11.09
C LEU A 112 5.11 -4.61 12.54
N GLU A 113 4.67 -5.77 13.00
CA GLU A 113 5.06 -6.31 14.31
C GLU A 113 6.11 -7.35 13.95
N MET A 114 7.32 -7.23 14.45
CA MET A 114 8.39 -8.09 13.94
C MET A 114 9.21 -8.72 15.05
N LEU A 115 9.75 -9.92 14.82
CA LEU A 115 10.60 -10.59 15.84
C LEU A 115 12.08 -10.40 15.47
N ALA A 116 12.84 -9.95 16.44
CA ALA A 116 14.25 -9.63 16.25
C ALA A 116 15.11 -10.87 16.00
N GLU A 117 16.27 -10.62 15.37
CA GLU A 117 17.23 -11.68 15.04
C GLU A 117 17.79 -12.38 16.27
ZN ZN B . -0.37 21.94 -10.18
N MET A 1 -0.63 -4.34 -10.74
CA MET A 1 -2.05 -3.96 -10.68
C MET A 1 -2.93 -5.16 -10.32
N HIS A 2 -2.61 -6.34 -10.86
CA HIS A 2 -3.38 -7.56 -10.55
C HIS A 2 -3.15 -7.81 -9.08
N GLU A 3 -4.13 -8.34 -8.37
CA GLU A 3 -4.03 -8.49 -6.93
C GLU A 3 -2.99 -9.52 -6.51
N TYR A 4 -2.92 -10.62 -7.24
CA TYR A 4 -1.99 -11.64 -6.88
C TYR A 4 -0.56 -11.17 -7.13
N SER A 5 -0.36 -10.33 -8.14
CA SER A 5 0.96 -9.78 -8.45
C SER A 5 1.40 -8.79 -7.39
N VAL A 6 0.47 -8.02 -6.85
CA VAL A 6 0.87 -7.06 -5.83
C VAL A 6 1.17 -7.82 -4.52
N VAL A 7 0.36 -8.81 -4.18
CA VAL A 7 0.53 -9.57 -2.95
C VAL A 7 1.79 -10.40 -3.09
N SER A 8 2.10 -10.94 -4.28
CA SER A 8 3.34 -11.65 -4.43
C SER A 8 4.52 -10.73 -4.15
N SER A 9 4.46 -9.51 -4.67
CA SER A 9 5.58 -8.57 -4.41
C SER A 9 5.57 -8.11 -2.93
N LEU A 10 4.42 -8.16 -2.27
CA LEU A 10 4.30 -7.78 -0.86
C LEU A 10 5.05 -8.78 -0.01
N ILE A 11 4.99 -10.05 -0.36
CA ILE A 11 5.67 -11.05 0.44
C ILE A 11 7.16 -10.76 0.37
N ALA A 12 7.67 -10.44 -0.81
CA ALA A 12 9.12 -10.16 -0.93
C ALA A 12 9.46 -8.86 -0.22
N LEU A 13 8.55 -7.91 -0.32
CA LEU A 13 8.73 -6.62 0.31
C LEU A 13 8.75 -6.75 1.83
N CYS A 14 7.93 -7.64 2.38
CA CYS A 14 7.94 -7.77 3.82
C CYS A 14 9.25 -8.47 4.21
N GLU A 15 9.78 -9.32 3.36
CA GLU A 15 11.04 -10.00 3.66
C GLU A 15 12.17 -9.00 3.61
N GLU A 16 12.17 -8.03 2.71
CA GLU A 16 13.30 -7.09 2.74
C GLU A 16 13.24 -6.28 4.03
N HIS A 17 12.06 -5.98 4.51
CA HIS A 17 11.93 -5.20 5.78
C HIS A 17 12.40 -6.08 6.90
N ALA A 18 12.18 -7.37 6.77
CA ALA A 18 12.63 -8.31 7.81
C ALA A 18 14.13 -8.08 7.97
N LYS A 19 14.81 -7.95 6.86
CA LYS A 19 16.26 -7.69 6.87
C LYS A 19 16.60 -6.34 7.43
N LYS A 20 15.80 -5.34 7.12
CA LYS A 20 16.03 -3.98 7.60
C LYS A 20 15.91 -3.92 9.12
N ASN A 21 15.11 -4.80 9.68
CA ASN A 21 14.92 -4.81 11.15
C ASN A 21 15.67 -5.93 11.82
N GLN A 22 16.47 -6.65 11.05
CA GLN A 22 17.25 -7.80 11.55
C GLN A 22 16.27 -8.77 12.27
N ALA A 23 15.16 -9.03 11.60
CA ALA A 23 14.10 -9.87 12.12
C ALA A 23 13.84 -11.06 11.17
N HIS A 24 13.40 -12.18 11.73
CA HIS A 24 13.13 -13.41 10.93
C HIS A 24 11.64 -13.76 10.75
N LYS A 25 10.78 -13.11 11.53
CA LYS A 25 9.36 -13.42 11.51
C LYS A 25 8.55 -12.18 11.77
N ILE A 26 7.53 -11.93 10.95
CA ILE A 26 6.65 -10.77 11.09
C ILE A 26 5.31 -11.20 11.63
N GLU A 27 4.90 -10.62 12.76
CA GLU A 27 3.58 -10.95 13.37
C GLU A 27 2.41 -10.29 12.71
N ARG A 28 2.61 -9.07 12.27
CA ARG A 28 1.53 -8.29 11.68
C ARG A 28 2.05 -7.42 10.59
N VAL A 29 1.32 -7.33 9.50
CA VAL A 29 1.64 -6.49 8.40
C VAL A 29 0.41 -5.64 8.21
N VAL A 30 0.53 -4.32 8.23
CA VAL A 30 -0.66 -3.51 7.91
C VAL A 30 -0.32 -2.74 6.69
N VAL A 31 -1.30 -2.63 5.78
CA VAL A 31 -1.07 -1.96 4.53
C VAL A 31 -2.09 -0.86 4.41
N GLY A 32 -1.74 0.12 3.62
CA GLY A 32 -2.62 1.21 3.32
C GLY A 32 -2.94 0.97 1.88
N ILE A 33 -4.21 0.80 1.59
CA ILE A 33 -4.62 0.62 0.20
C ILE A 33 -5.47 1.85 -0.01
N GLY A 34 -5.09 2.59 -1.04
CA GLY A 34 -5.75 3.85 -1.31
C GLY A 34 -7.18 3.70 -1.80
N GLU A 35 -7.97 4.69 -1.45
CA GLU A 35 -9.39 4.73 -1.79
C GLU A 35 -9.65 4.87 -3.29
N ARG A 36 -8.67 5.32 -4.08
CA ARG A 36 -8.79 5.41 -5.54
C ARG A 36 -7.84 4.44 -6.22
N SER A 37 -7.47 3.38 -5.52
CA SER A 37 -6.59 2.39 -6.12
C SER A 37 -7.41 1.47 -7.02
N ALA A 38 -6.77 0.84 -7.99
CA ALA A 38 -7.40 -0.10 -8.90
C ALA A 38 -7.65 -1.46 -8.22
N MET A 39 -7.14 -1.59 -6.99
CA MET A 39 -7.15 -2.82 -6.26
C MET A 39 -8.47 -3.23 -5.62
N ASP A 40 -8.68 -4.53 -5.54
CA ASP A 40 -9.84 -5.14 -4.93
C ASP A 40 -9.46 -5.71 -3.58
N LYS A 41 -10.01 -5.15 -2.53
CA LYS A 41 -9.66 -5.54 -1.15
C LYS A 41 -10.11 -6.95 -0.79
N SER A 42 -11.17 -7.45 -1.41
CA SER A 42 -11.64 -8.81 -1.09
C SER A 42 -10.72 -9.87 -1.64
N LEU A 43 -10.22 -9.63 -2.83
CA LEU A 43 -9.32 -10.57 -3.47
C LEU A 43 -7.92 -10.40 -2.89
N PHE A 44 -7.63 -9.21 -2.39
CA PHE A 44 -6.32 -8.93 -1.85
C PHE A 44 -6.08 -9.77 -0.59
N VAL A 45 -7.10 -9.82 0.28
CA VAL A 45 -6.94 -10.59 1.51
C VAL A 45 -6.96 -12.10 1.22
N SER A 46 -7.56 -12.48 0.10
CA SER A 46 -7.62 -13.91 -0.30
C SER A 46 -6.27 -14.33 -0.79
N ALA A 47 -5.66 -13.44 -1.55
CA ALA A 47 -4.34 -13.66 -2.12
C ALA A 47 -3.31 -13.65 -1.03
N PHE A 48 -3.48 -12.84 0.01
CA PHE A 48 -2.49 -12.80 1.10
C PHE A 48 -2.46 -14.15 1.83
N GLU A 49 -3.62 -14.76 2.03
CA GLU A 49 -3.67 -16.05 2.70
C GLU A 49 -3.03 -17.08 1.77
N THR A 50 -3.23 -16.88 0.47
CA THR A 50 -2.67 -17.83 -0.51
C THR A 50 -1.14 -17.81 -0.55
N PHE A 51 -0.52 -16.61 -0.57
CA PHE A 51 0.94 -16.48 -0.64
C PHE A 51 1.67 -16.51 0.75
N ARG A 52 1.03 -16.22 1.86
CA ARG A 52 1.78 -16.12 3.14
C ARG A 52 2.37 -17.47 3.58
N GLU A 53 1.75 -18.55 3.17
CA GLU A 53 2.22 -19.88 3.51
C GLU A 53 3.54 -20.26 2.86
N GLU A 54 3.87 -19.58 1.77
CA GLU A 54 5.10 -19.89 1.04
C GLU A 54 6.36 -19.53 1.80
N SER A 55 6.25 -18.66 2.81
CA SER A 55 7.44 -18.27 3.59
C SER A 55 7.16 -18.19 5.09
N LEU A 56 8.09 -18.69 5.86
CA LEU A 56 7.99 -18.73 7.32
C LEU A 56 7.80 -17.33 7.87
N VAL A 57 8.50 -16.39 7.26
CA VAL A 57 8.57 -14.98 7.72
C VAL A 57 7.19 -14.33 7.82
N CYS A 58 6.33 -14.67 6.90
CA CYS A 58 4.98 -14.13 6.84
C CYS A 58 3.85 -15.15 7.10
N LYS A 59 4.17 -16.40 7.33
CA LYS A 59 3.12 -17.45 7.51
C LYS A 59 2.08 -17.14 8.57
N ASP A 60 2.48 -16.63 9.75
CA ASP A 60 1.52 -16.35 10.83
C ASP A 60 1.27 -14.84 10.92
N ALA A 61 1.72 -14.10 9.90
CA ALA A 61 1.52 -12.66 9.89
C ALA A 61 0.02 -12.36 9.70
N ILE A 62 -0.44 -11.30 10.31
CA ILE A 62 -1.82 -10.85 10.23
C ILE A 62 -1.86 -9.73 9.22
N LEU A 63 -2.73 -9.82 8.22
CA LEU A 63 -2.87 -8.76 7.22
C LEU A 63 -4.07 -7.89 7.63
N ASP A 64 -3.88 -6.57 7.62
CA ASP A 64 -4.96 -5.63 7.97
C ASP A 64 -4.87 -4.43 7.05
N ILE A 65 -5.96 -4.11 6.36
CA ILE A 65 -5.99 -3.00 5.40
C ILE A 65 -6.50 -1.73 6.05
N VAL A 66 -5.78 -0.66 5.84
CA VAL A 66 -6.15 0.68 6.31
C VAL A 66 -6.53 1.49 5.08
N ASP A 67 -7.68 2.15 5.15
CA ASP A 67 -8.17 2.98 4.05
C ASP A 67 -7.44 4.34 4.03
N GLU A 68 -6.87 4.71 2.90
CA GLU A 68 -6.13 5.96 2.80
C GLU A 68 -6.53 6.91 1.65
N LYS A 69 -6.41 8.21 1.93
CA LYS A 69 -6.65 9.29 0.97
C LYS A 69 -5.43 9.41 0.08
N VAL A 70 -5.72 9.77 -1.18
CA VAL A 70 -4.73 10.04 -2.22
C VAL A 70 -3.98 11.33 -2.01
N GLU A 71 -2.80 11.40 -2.61
CA GLU A 71 -1.97 12.63 -2.64
C GLU A 71 -1.86 12.96 -4.11
N LEU A 72 -1.90 14.24 -4.46
CA LEU A 72 -1.93 14.67 -5.86
C LEU A 72 -0.80 15.63 -6.22
N GLU A 73 -0.32 15.49 -7.44
CA GLU A 73 0.71 16.36 -7.97
C GLU A 73 0.24 16.93 -9.30
N CYS A 74 0.54 18.21 -9.53
CA CYS A 74 0.12 18.94 -10.71
C CYS A 74 1.37 19.05 -11.57
N LYS A 75 1.20 19.08 -12.88
CA LYS A 75 2.34 19.30 -13.81
C LYS A 75 2.85 20.68 -13.35
N ASP A 76 4.14 20.99 -13.49
CA ASP A 76 4.80 22.00 -12.64
C ASP A 76 4.05 23.30 -12.27
N CYS A 77 3.44 23.13 -11.11
CA CYS A 77 2.56 24.02 -10.38
C CYS A 77 2.59 23.45 -8.92
N SER A 78 3.66 23.75 -8.17
CA SER A 78 3.92 23.09 -6.88
C SER A 78 2.82 23.32 -5.82
N HIS A 79 2.01 22.28 -5.59
CA HIS A 79 0.90 22.33 -4.61
C HIS A 79 0.67 21.09 -3.72
N VAL A 80 1.64 20.15 -3.70
CA VAL A 80 1.24 18.76 -3.41
C VAL A 80 0.85 18.55 -1.99
N PHE A 81 -0.30 17.91 -1.90
CA PHE A 81 -1.03 17.71 -0.65
C PHE A 81 -1.99 16.54 -0.76
N LYS A 82 -2.52 16.10 0.36
CA LYS A 82 -3.55 15.06 0.34
C LYS A 82 -4.93 15.73 0.54
N PRO A 83 -5.74 15.80 -0.53
CA PRO A 83 -7.05 16.43 -0.36
C PRO A 83 -7.99 15.63 0.52
N ASN A 84 -8.90 16.33 1.21
CA ASN A 84 -9.89 15.70 2.10
C ASN A 84 -11.30 16.16 1.69
N ALA A 85 -11.39 16.85 0.56
CA ALA A 85 -12.65 17.42 0.08
C ALA A 85 -12.92 16.88 -1.30
N LEU A 86 -14.11 17.19 -1.81
CA LEU A 86 -14.61 16.68 -3.10
C LEU A 86 -13.83 17.23 -4.29
N ASP A 87 -12.86 18.08 -4.04
CA ASP A 87 -12.00 18.69 -5.05
C ASP A 87 -10.91 17.74 -5.53
N TYR A 88 -11.13 16.44 -5.35
CA TYR A 88 -10.20 15.43 -5.86
C TYR A 88 -10.13 15.52 -7.40
N GLY A 89 -8.96 15.26 -7.96
CA GLY A 89 -8.80 15.25 -9.40
C GLY A 89 -8.37 16.56 -10.06
N VAL A 90 -8.20 17.63 -9.27
CA VAL A 90 -7.74 18.92 -9.80
C VAL A 90 -6.68 19.42 -8.81
N CYS A 91 -5.91 20.41 -9.23
CA CYS A 91 -4.90 21.01 -8.37
C CYS A 91 -5.63 21.89 -7.29
N GLU A 92 -4.87 22.35 -6.31
CA GLU A 92 -5.38 23.26 -5.27
C GLU A 92 -4.98 24.70 -5.63
N LYS A 93 -3.77 24.84 -6.16
CA LYS A 93 -3.17 26.12 -6.53
C LYS A 93 -3.88 26.75 -7.72
N CYS A 94 -4.30 25.86 -8.60
CA CYS A 94 -5.08 26.16 -9.78
C CYS A 94 -6.11 25.08 -9.67
N HIS A 95 -7.20 25.15 -10.38
CA HIS A 95 -8.17 24.06 -10.32
C HIS A 95 -8.32 23.48 -11.69
N SER A 96 -7.18 23.48 -12.40
CA SER A 96 -7.11 22.95 -13.74
C SER A 96 -6.96 21.44 -13.62
N LYS A 97 -7.52 20.69 -14.56
CA LYS A 97 -7.28 19.23 -14.62
C LYS A 97 -5.89 19.16 -15.27
N ASN A 98 -5.24 18.00 -15.11
CA ASN A 98 -3.82 17.64 -15.53
C ASN A 98 -2.95 17.39 -14.27
N VAL A 99 -3.56 16.68 -13.31
CA VAL A 99 -2.88 16.29 -12.10
C VAL A 99 -2.88 14.78 -12.10
N ILE A 100 -1.99 14.23 -11.30
CA ILE A 100 -1.85 12.80 -11.17
C ILE A 100 -1.89 12.43 -9.69
N ILE A 101 -2.14 11.16 -9.44
CA ILE A 101 -2.15 10.60 -8.11
C ILE A 101 -0.79 10.01 -7.87
N THR A 102 -0.15 10.44 -6.78
CA THR A 102 1.20 9.96 -6.49
C THR A 102 1.22 8.97 -5.33
N GLN A 103 0.17 8.99 -4.53
CA GLN A 103 0.03 8.08 -3.37
C GLN A 103 -1.41 7.67 -3.31
N GLY A 104 -1.70 6.47 -2.85
CA GLY A 104 -3.11 6.04 -2.74
C GLY A 104 -3.66 5.44 -4.03
N ASN A 105 -2.81 5.29 -5.01
CA ASN A 105 -3.21 4.69 -6.28
C ASN A 105 -2.93 3.21 -6.23
N GLU A 106 -2.17 2.79 -5.22
CA GLU A 106 -1.71 1.41 -5.07
C GLU A 106 -1.43 1.09 -3.60
N MET A 107 -1.09 -0.15 -3.34
CA MET A 107 -0.75 -0.64 -1.99
C MET A 107 0.52 -0.01 -1.44
N ARG A 108 0.55 0.19 -0.14
CA ARG A 108 1.70 0.75 0.55
C ARG A 108 1.79 0.10 1.93
N LEU A 109 2.97 -0.05 2.50
CA LEU A 109 3.11 -0.63 3.86
C LEU A 109 3.14 0.51 4.86
N LEU A 110 2.40 0.39 5.96
CA LEU A 110 2.45 1.46 6.96
C LEU A 110 3.18 1.08 8.26
N SER A 111 2.96 -0.13 8.79
CA SER A 111 3.61 -0.58 10.01
C SER A 111 3.76 -2.10 10.01
N LEU A 112 4.77 -2.64 10.67
CA LEU A 112 4.93 -4.10 10.79
C LEU A 112 5.26 -4.46 12.24
N GLU A 113 4.78 -5.58 12.77
CA GLU A 113 5.21 -6.05 14.09
C GLU A 113 6.20 -7.17 13.76
N MET A 114 7.38 -7.17 14.37
CA MET A 114 8.44 -8.07 13.94
C MET A 114 9.21 -8.73 15.08
N LEU A 115 9.70 -9.95 14.90
CA LEU A 115 10.48 -10.68 15.93
C LEU A 115 11.95 -10.83 15.47
N ALA A 116 12.90 -10.50 16.35
CA ALA A 116 14.34 -10.54 16.02
C ALA A 116 14.90 -11.90 15.57
N GLU A 117 15.88 -11.87 14.68
CA GLU A 117 16.50 -13.10 14.12
C GLU A 117 17.24 -13.92 15.16
ZN ZN B . -1.89 23.31 -10.40
N MET A 1 -5.06 -2.16 -11.55
CA MET A 1 -3.80 -2.91 -11.24
C MET A 1 -4.10 -4.19 -10.52
N HIS A 2 -3.24 -5.18 -10.67
CA HIS A 2 -3.52 -6.51 -10.10
C HIS A 2 -3.17 -6.56 -8.63
N GLU A 3 -4.06 -7.05 -7.79
CA GLU A 3 -3.78 -7.11 -6.34
C GLU A 3 -2.76 -8.17 -6.08
N TYR A 4 -2.83 -9.27 -6.82
CA TYR A 4 -1.89 -10.39 -6.68
C TYR A 4 -0.47 -9.97 -7.09
N SER A 5 -0.32 -9.04 -8.01
CA SER A 5 1.01 -8.59 -8.35
C SER A 5 1.55 -7.72 -7.20
N VAL A 6 0.69 -6.96 -6.55
CA VAL A 6 1.13 -6.09 -5.46
C VAL A 6 1.48 -6.92 -4.22
N VAL A 7 0.71 -7.97 -3.95
CA VAL A 7 0.95 -8.83 -2.77
C VAL A 7 2.16 -9.69 -3.03
N SER A 8 2.38 -10.08 -4.28
CA SER A 8 3.58 -10.85 -4.63
C SER A 8 4.83 -10.00 -4.28
N SER A 9 4.72 -8.68 -4.52
CA SER A 9 5.79 -7.74 -4.19
C SER A 9 5.86 -7.55 -2.66
N LEU A 10 4.70 -7.59 -2.00
CA LEU A 10 4.61 -7.40 -0.56
C LEU A 10 5.39 -8.49 0.17
N ILE A 11 5.38 -9.70 -0.33
CA ILE A 11 6.14 -10.76 0.32
C ILE A 11 7.61 -10.39 0.28
N ALA A 12 8.06 -9.88 -0.86
CA ALA A 12 9.48 -9.53 -0.97
C ALA A 12 9.79 -8.32 -0.08
N LEU A 13 8.83 -7.42 0.00
CA LEU A 13 8.96 -6.23 0.81
C LEU A 13 9.02 -6.57 2.30
N CYS A 14 8.22 -7.52 2.75
CA CYS A 14 8.23 -7.85 4.15
C CYS A 14 9.52 -8.58 4.49
N GLU A 15 10.10 -9.27 3.51
CA GLU A 15 11.39 -9.91 3.74
C GLU A 15 12.50 -8.88 3.84
N GLU A 16 12.46 -7.79 3.10
CA GLU A 16 13.54 -6.84 3.23
C GLU A 16 13.44 -6.19 4.59
N HIS A 17 12.24 -5.97 5.08
CA HIS A 17 12.07 -5.39 6.42
C HIS A 17 12.51 -6.38 7.46
N ALA A 18 12.35 -7.69 7.22
CA ALA A 18 12.81 -8.67 8.19
C ALA A 18 14.30 -8.47 8.35
N LYS A 19 15.00 -8.24 7.25
CA LYS A 19 16.45 -8.01 7.29
C LYS A 19 16.78 -6.72 8.03
N LYS A 20 15.96 -5.70 7.83
CA LYS A 20 16.19 -4.38 8.47
C LYS A 20 16.02 -4.44 9.97
N ASN A 21 15.10 -5.28 10.45
CA ASN A 21 14.82 -5.38 11.88
C ASN A 21 15.52 -6.59 12.52
N GLN A 22 16.33 -7.28 11.72
CA GLN A 22 17.13 -8.44 12.14
C GLN A 22 16.20 -9.48 12.77
N ALA A 23 15.11 -9.73 12.09
CA ALA A 23 14.11 -10.67 12.58
C ALA A 23 13.87 -11.72 11.48
N HIS A 24 13.44 -12.92 11.86
CA HIS A 24 13.24 -13.96 10.85
C HIS A 24 11.79 -14.22 10.51
N LYS A 25 10.83 -13.73 11.31
CA LYS A 25 9.40 -14.06 11.08
C LYS A 25 8.52 -12.90 11.53
N ILE A 26 7.52 -12.58 10.73
CA ILE A 26 6.58 -11.49 11.03
C ILE A 26 5.20 -12.00 11.49
N GLU A 27 4.72 -11.57 12.66
CA GLU A 27 3.39 -12.00 13.19
C GLU A 27 2.25 -11.15 12.69
N ARG A 28 2.49 -9.87 12.44
CA ARG A 28 1.41 -8.98 12.00
C ARG A 28 1.91 -7.98 11.00
N VAL A 29 1.16 -7.72 9.95
CA VAL A 29 1.50 -6.72 8.93
C VAL A 29 0.27 -5.83 8.76
N VAL A 30 0.42 -4.53 8.91
CA VAL A 30 -0.68 -3.64 8.68
C VAL A 30 -0.25 -2.80 7.48
N VAL A 31 -1.18 -2.60 6.56
CA VAL A 31 -0.90 -1.86 5.30
C VAL A 31 -1.88 -0.73 5.15
N GLY A 32 -1.46 0.26 4.39
CA GLY A 32 -2.33 1.38 4.07
C GLY A 32 -2.62 1.21 2.59
N ILE A 33 -3.88 1.12 2.24
CA ILE A 33 -4.28 0.98 0.85
C ILE A 33 -5.22 2.16 0.63
N GLY A 34 -4.98 2.87 -0.43
CA GLY A 34 -5.75 4.06 -0.69
C GLY A 34 -7.21 3.86 -0.89
N GLU A 35 -7.93 4.90 -0.46
CA GLU A 35 -9.36 4.96 -0.57
C GLU A 35 -9.85 4.99 -2.06
N ARG A 36 -9.02 5.50 -2.96
CA ARG A 36 -9.30 5.51 -4.39
C ARG A 36 -8.28 4.69 -5.12
N SER A 37 -7.73 3.71 -4.42
CA SER A 37 -6.69 2.85 -4.99
C SER A 37 -7.28 2.02 -6.10
N ALA A 38 -6.45 1.57 -7.02
CA ALA A 38 -6.87 0.74 -8.15
C ALA A 38 -6.91 -0.73 -7.68
N MET A 39 -7.14 -0.97 -6.37
CA MET A 39 -7.07 -2.30 -5.78
C MET A 39 -8.29 -2.65 -4.95
N ASP A 40 -8.83 -3.85 -5.13
CA ASP A 40 -9.97 -4.29 -4.32
C ASP A 40 -9.46 -4.79 -2.97
N LYS A 41 -10.08 -4.42 -1.86
CA LYS A 41 -9.64 -4.91 -0.54
C LYS A 41 -9.94 -6.38 -0.38
N SER A 42 -11.03 -6.84 -0.97
CA SER A 42 -11.42 -8.25 -0.87
C SER A 42 -10.46 -9.15 -1.61
N LEU A 43 -10.01 -8.69 -2.77
CA LEU A 43 -9.06 -9.50 -3.56
C LEU A 43 -7.67 -9.39 -2.97
N PHE A 44 -7.39 -8.30 -2.26
CA PHE A 44 -6.09 -8.13 -1.67
C PHE A 44 -5.90 -9.07 -0.53
N VAL A 45 -6.94 -9.22 0.32
CA VAL A 45 -6.79 -10.10 1.45
C VAL A 45 -6.79 -11.56 0.95
N SER A 46 -7.40 -11.81 -0.20
CA SER A 46 -7.42 -13.17 -0.73
C SER A 46 -6.05 -13.52 -1.21
N ALA A 47 -5.40 -12.54 -1.84
CA ALA A 47 -4.05 -12.73 -2.35
C ALA A 47 -3.04 -12.88 -1.21
N PHE A 48 -3.23 -12.22 -0.08
CA PHE A 48 -2.27 -12.32 1.04
C PHE A 48 -2.23 -13.70 1.60
N GLU A 49 -3.39 -14.32 1.68
CA GLU A 49 -3.46 -15.68 2.18
C GLU A 49 -2.86 -16.60 1.14
N THR A 50 -3.03 -16.29 -0.13
CA THR A 50 -2.50 -17.12 -1.19
C THR A 50 -0.96 -17.13 -1.26
N PHE A 51 -0.36 -15.95 -1.15
CA PHE A 51 1.09 -15.81 -1.21
C PHE A 51 1.87 -15.99 0.08
N ARG A 52 1.24 -15.79 1.25
CA ARG A 52 2.02 -15.83 2.48
C ARG A 52 2.60 -17.19 2.79
N GLU A 53 2.00 -18.23 2.23
CA GLU A 53 2.46 -19.61 2.46
C GLU A 53 3.78 -19.88 1.79
N GLU A 54 4.07 -19.09 0.76
CA GLU A 54 5.30 -19.23 -0.03
C GLU A 54 6.56 -18.87 0.77
N SER A 55 6.41 -18.16 1.87
CA SER A 55 7.59 -17.75 2.68
C SER A 55 7.34 -17.89 4.17
N LEU A 56 8.30 -18.50 4.88
CA LEU A 56 8.24 -18.76 6.31
C LEU A 56 8.10 -17.45 7.07
N VAL A 57 8.75 -16.44 6.54
CA VAL A 57 8.76 -15.10 7.15
C VAL A 57 7.32 -14.57 7.30
N CYS A 58 6.43 -14.89 6.36
CA CYS A 58 5.07 -14.32 6.35
C CYS A 58 3.92 -15.35 6.61
N LYS A 59 4.19 -16.64 6.81
CA LYS A 59 3.06 -17.65 6.90
C LYS A 59 1.97 -17.35 7.94
N ASP A 60 2.33 -16.91 9.14
CA ASP A 60 1.32 -16.67 10.17
C ASP A 60 0.96 -15.21 10.34
N ALA A 61 1.45 -14.38 9.43
CA ALA A 61 1.21 -12.94 9.54
C ALA A 61 -0.27 -12.66 9.38
N ILE A 62 -0.71 -11.68 10.16
CA ILE A 62 -2.09 -11.22 10.14
C ILE A 62 -2.08 -9.95 9.35
N LEU A 63 -2.92 -9.87 8.32
CA LEU A 63 -2.99 -8.71 7.43
C LEU A 63 -4.19 -7.85 7.84
N ASP A 64 -3.97 -6.56 8.02
CA ASP A 64 -5.04 -5.62 8.37
C ASP A 64 -4.88 -4.40 7.44
N ILE A 65 -5.92 -4.07 6.70
CA ILE A 65 -5.91 -2.90 5.78
C ILE A 65 -6.49 -1.64 6.44
N VAL A 66 -5.73 -0.56 6.33
CA VAL A 66 -6.12 0.74 6.81
C VAL A 66 -6.38 1.57 5.57
N ASP A 67 -7.55 2.17 5.41
CA ASP A 67 -7.80 3.00 4.24
C ASP A 67 -7.06 4.31 4.43
N GLU A 68 -6.46 4.84 3.37
CA GLU A 68 -5.75 6.13 3.47
C GLU A 68 -6.16 7.15 2.40
N LYS A 69 -6.12 8.42 2.81
CA LYS A 69 -6.46 9.55 1.96
C LYS A 69 -5.41 9.78 0.88
N VAL A 70 -5.89 10.20 -0.28
CA VAL A 70 -5.09 10.43 -1.47
C VAL A 70 -4.29 11.76 -1.52
N GLU A 71 -3.23 11.76 -2.34
CA GLU A 71 -2.41 12.94 -2.64
C GLU A 71 -2.51 13.01 -4.16
N LEU A 72 -2.49 14.21 -4.70
CA LEU A 72 -2.61 14.36 -6.14
C LEU A 72 -1.42 15.13 -6.69
N GLU A 73 -1.07 14.77 -7.90
CA GLU A 73 -0.04 15.42 -8.67
C GLU A 73 -0.69 15.70 -10.00
N CYS A 74 -0.34 16.84 -10.56
CA CYS A 74 -0.85 17.25 -11.82
C CYS A 74 0.28 16.98 -12.81
N LYS A 75 -0.06 16.49 -14.00
CA LYS A 75 0.95 16.23 -15.01
C LYS A 75 1.48 17.64 -15.24
N ASP A 76 2.75 17.75 -15.55
CA ASP A 76 3.55 18.97 -15.22
C ASP A 76 2.90 20.40 -15.32
N CYS A 77 2.54 20.67 -14.08
CA CYS A 77 1.96 21.89 -13.53
C CYS A 77 2.66 21.65 -12.14
N SER A 78 3.52 22.49 -11.56
CA SER A 78 4.12 22.07 -10.27
C SER A 78 3.12 22.37 -9.14
N HIS A 79 2.47 21.32 -8.71
CA HIS A 79 1.40 21.42 -7.73
C HIS A 79 1.14 20.45 -6.58
N VAL A 80 2.02 19.51 -6.22
CA VAL A 80 1.52 18.33 -5.50
C VAL A 80 1.03 18.66 -4.09
N PHE A 81 -0.17 18.18 -3.82
CA PHE A 81 -0.99 18.56 -2.68
C PHE A 81 -1.99 17.46 -2.31
N LYS A 82 -2.68 17.66 -1.19
CA LYS A 82 -3.73 16.73 -0.79
C LYS A 82 -5.07 17.46 -0.93
N PRO A 83 -6.03 16.88 -1.69
CA PRO A 83 -7.31 17.60 -1.83
C PRO A 83 -8.13 17.54 -0.53
N ASN A 84 -8.92 18.58 -0.25
CA ASN A 84 -9.76 18.68 0.94
C ASN A 84 -11.22 18.84 0.55
N ALA A 85 -11.52 18.71 -0.72
CA ALA A 85 -12.87 18.96 -1.22
C ALA A 85 -13.18 18.01 -2.34
N LEU A 86 -14.40 18.05 -2.81
CA LEU A 86 -14.89 17.18 -3.89
C LEU A 86 -14.28 17.47 -5.27
N ASP A 87 -13.27 18.33 -5.29
CA ASP A 87 -12.52 18.69 -6.48
C ASP A 87 -11.48 17.62 -6.82
N TYR A 88 -11.70 16.41 -6.34
CA TYR A 88 -10.87 15.29 -6.66
C TYR A 88 -10.90 15.04 -8.20
N GLY A 89 -9.75 14.64 -8.75
CA GLY A 89 -9.67 14.32 -10.16
C GLY A 89 -9.24 15.44 -11.04
N VAL A 90 -9.01 16.60 -10.45
CA VAL A 90 -8.49 17.78 -11.16
C VAL A 90 -7.45 18.38 -10.21
N CYS A 91 -6.57 19.21 -10.76
CA CYS A 91 -5.59 19.94 -9.96
C CYS A 91 -6.32 21.07 -9.21
N GLU A 92 -5.68 21.69 -8.24
CA GLU A 92 -6.28 22.84 -7.58
C GLU A 92 -5.68 24.17 -8.12
N LYS A 93 -4.55 24.09 -8.80
CA LYS A 93 -3.85 25.27 -9.39
C LYS A 93 -4.59 25.71 -10.65
N CYS A 94 -5.07 24.71 -11.32
CA CYS A 94 -5.77 24.79 -12.59
C CYS A 94 -6.80 23.73 -12.33
N HIS A 95 -7.86 23.59 -13.10
CA HIS A 95 -8.84 22.50 -12.85
C HIS A 95 -8.81 21.60 -14.04
N SER A 96 -7.60 21.40 -14.52
CA SER A 96 -7.37 20.58 -15.69
C SER A 96 -7.48 19.11 -15.29
N LYS A 97 -8.07 18.31 -16.19
CA LYS A 97 -8.12 16.86 -16.01
C LYS A 97 -6.74 16.37 -16.48
N ASN A 98 -6.38 15.15 -16.06
CA ASN A 98 -5.06 14.49 -16.28
C ASN A 98 -4.16 14.80 -15.10
N VAL A 99 -4.66 14.41 -13.93
CA VAL A 99 -3.88 14.46 -12.70
C VAL A 99 -3.81 13.01 -12.31
N ILE A 100 -2.88 12.67 -11.44
CA ILE A 100 -2.71 11.31 -10.99
C ILE A 100 -2.65 11.33 -9.46
N ILE A 101 -2.82 10.16 -8.91
CA ILE A 101 -2.80 9.92 -7.46
C ILE A 101 -1.38 9.37 -7.13
N THR A 102 -0.71 10.02 -6.20
CA THR A 102 0.67 9.64 -5.87
C THR A 102 0.86 9.02 -4.50
N GLN A 103 -0.17 9.08 -3.66
CA GLN A 103 -0.18 8.22 -2.49
C GLN A 103 -1.61 7.79 -2.42
N GLY A 104 -1.84 6.57 -2.00
CA GLY A 104 -3.20 6.05 -1.93
C GLY A 104 -3.69 5.48 -3.26
N ASN A 105 -2.75 5.26 -4.18
CA ASN A 105 -3.15 4.70 -5.45
C ASN A 105 -2.91 3.20 -5.43
N GLU A 106 -1.92 2.79 -4.66
CA GLU A 106 -1.53 1.39 -4.51
C GLU A 106 -1.52 0.96 -3.01
N MET A 107 -0.35 0.51 -2.52
CA MET A 107 -0.20 -0.03 -1.16
C MET A 107 1.07 0.53 -0.51
N ARG A 108 1.05 0.65 0.82
CA ARG A 108 2.21 1.09 1.62
C ARG A 108 2.21 0.34 2.97
N LEU A 109 3.36 -0.01 3.54
CA LEU A 109 3.41 -0.68 4.85
C LEU A 109 3.41 0.39 5.92
N LEU A 110 2.58 0.21 6.94
CA LEU A 110 2.51 1.20 8.04
C LEU A 110 3.28 0.70 9.27
N SER A 111 3.11 -0.56 9.65
CA SER A 111 3.80 -1.12 10.81
C SER A 111 3.85 -2.62 10.70
N LEU A 112 4.85 -3.24 11.32
CA LEU A 112 4.96 -4.69 11.32
C LEU A 112 5.29 -5.17 12.74
N GLU A 113 4.71 -6.29 13.17
CA GLU A 113 5.07 -6.92 14.46
C GLU A 113 5.99 -8.08 14.09
N MET A 114 7.17 -8.15 14.68
CA MET A 114 8.21 -9.08 14.20
C MET A 114 8.95 -9.86 15.29
N LEU A 115 9.37 -11.09 14.96
CA LEU A 115 10.05 -11.96 15.91
C LEU A 115 11.49 -12.27 15.50
N ALA A 116 12.40 -12.24 16.48
CA ALA A 116 13.81 -12.53 16.26
C ALA A 116 13.99 -14.06 16.16
N GLU A 117 15.09 -14.46 15.53
CA GLU A 117 15.49 -15.86 15.41
C GLU A 117 15.93 -16.42 16.77
ZN ZN B . -2.43 21.57 -12.31
N MET A 1 0.16 -4.36 -10.96
CA MET A 1 -1.09 -3.81 -10.42
C MET A 1 -2.13 -4.89 -10.07
N HIS A 2 -1.98 -6.11 -10.60
CA HIS A 2 -2.93 -7.19 -10.27
C HIS A 2 -2.69 -7.52 -8.80
N GLU A 3 -3.72 -7.92 -8.05
CA GLU A 3 -3.53 -8.07 -6.61
C GLU A 3 -2.53 -9.14 -6.26
N TYR A 4 -2.53 -10.22 -7.01
CA TYR A 4 -1.60 -11.30 -6.74
C TYR A 4 -0.19 -10.84 -7.02
N SER A 5 -0.01 -9.96 -7.99
CA SER A 5 1.34 -9.47 -8.27
C SER A 5 1.77 -8.48 -7.17
N VAL A 6 0.85 -7.66 -6.68
CA VAL A 6 1.18 -6.70 -5.63
C VAL A 6 1.45 -7.43 -4.32
N VAL A 7 0.68 -8.44 -3.98
CA VAL A 7 0.93 -9.20 -2.78
C VAL A 7 2.21 -10.05 -2.94
N SER A 8 2.50 -10.52 -4.13
CA SER A 8 3.75 -11.28 -4.36
C SER A 8 4.90 -10.34 -4.09
N SER A 9 4.74 -9.04 -4.43
CA SER A 9 5.78 -8.06 -4.16
C SER A 9 5.78 -7.75 -2.67
N LEU A 10 4.60 -7.72 -2.03
CA LEU A 10 4.47 -7.44 -0.60
C LEU A 10 5.14 -8.49 0.27
N ILE A 11 4.97 -9.74 -0.04
CA ILE A 11 5.57 -10.78 0.81
C ILE A 11 7.08 -10.60 0.70
N ALA A 12 7.58 -10.30 -0.51
CA ALA A 12 9.03 -10.13 -0.67
C ALA A 12 9.50 -8.86 0.06
N LEU A 13 8.63 -7.86 0.02
CA LEU A 13 8.90 -6.58 0.68
C LEU A 13 8.97 -6.81 2.18
N CYS A 14 8.13 -7.69 2.70
CA CYS A 14 8.13 -8.06 4.11
C CYS A 14 9.40 -8.80 4.39
N GLU A 15 9.82 -9.68 3.49
CA GLU A 15 11.05 -10.44 3.74
C GLU A 15 12.25 -9.53 3.72
N GLU A 16 12.30 -8.53 2.83
CA GLU A 16 13.48 -7.69 2.84
C GLU A 16 13.48 -6.84 4.10
N HIS A 17 12.31 -6.49 4.58
CA HIS A 17 12.23 -5.77 5.83
C HIS A 17 12.68 -6.68 6.96
N ALA A 18 12.40 -7.96 6.91
CA ALA A 18 12.86 -8.87 7.96
C ALA A 18 14.39 -8.86 7.94
N LYS A 19 15.01 -8.80 6.77
CA LYS A 19 16.47 -8.73 6.69
C LYS A 19 16.97 -7.39 7.27
N LYS A 20 16.22 -6.32 7.02
CA LYS A 20 16.60 -4.98 7.52
C LYS A 20 16.43 -4.83 9.03
N ASN A 21 15.46 -5.57 9.54
CA ASN A 21 15.17 -5.51 10.97
C ASN A 21 15.84 -6.65 11.70
N GLN A 22 16.59 -7.47 10.99
CA GLN A 22 17.29 -8.60 11.56
C GLN A 22 16.29 -9.45 12.36
N ALA A 23 15.19 -9.73 11.69
CA ALA A 23 14.09 -10.52 12.24
C ALA A 23 13.82 -11.75 11.38
N HIS A 24 13.37 -12.85 11.99
CA HIS A 24 13.19 -14.10 11.27
C HIS A 24 11.73 -14.41 10.94
N LYS A 25 10.82 -13.71 11.61
CA LYS A 25 9.40 -14.02 11.45
C LYS A 25 8.59 -12.76 11.73
N ILE A 26 7.57 -12.49 10.90
CA ILE A 26 6.67 -11.35 11.07
C ILE A 26 5.33 -11.86 11.59
N GLU A 27 4.91 -11.32 12.73
CA GLU A 27 3.66 -11.68 13.36
C GLU A 27 2.41 -11.01 12.80
N ARG A 28 2.59 -9.77 12.38
CA ARG A 28 1.46 -8.98 11.86
C ARG A 28 1.98 -7.99 10.83
N VAL A 29 1.20 -7.76 9.78
CA VAL A 29 1.54 -6.77 8.73
C VAL A 29 0.33 -5.89 8.54
N VAL A 30 0.43 -4.58 8.69
CA VAL A 30 -0.73 -3.71 8.44
C VAL A 30 -0.32 -2.84 7.27
N VAL A 31 -1.26 -2.61 6.35
CA VAL A 31 -0.96 -1.88 5.12
C VAL A 31 -1.99 -0.79 4.98
N GLY A 32 -1.70 0.21 4.15
CA GLY A 32 -2.67 1.23 3.85
C GLY A 32 -2.93 1.11 2.37
N ILE A 33 -4.17 1.18 1.96
CA ILE A 33 -4.53 1.08 0.56
C ILE A 33 -5.41 2.31 0.32
N GLY A 34 -5.06 3.10 -0.69
CA GLY A 34 -5.75 4.31 -0.93
C GLY A 34 -7.18 4.14 -1.37
N GLU A 35 -7.96 5.12 -0.99
CA GLU A 35 -9.39 5.12 -1.32
C GLU A 35 -9.68 5.21 -2.82
N ARG A 36 -8.73 5.72 -3.60
CA ARG A 36 -8.88 5.76 -5.07
C ARG A 36 -7.87 4.90 -5.76
N SER A 37 -7.37 3.89 -5.04
CA SER A 37 -6.39 2.97 -5.62
C SER A 37 -7.09 2.07 -6.64
N ALA A 38 -6.33 1.57 -7.64
CA ALA A 38 -6.88 0.69 -8.66
C ALA A 38 -7.09 -0.71 -8.05
N MET A 39 -6.59 -0.88 -6.84
CA MET A 39 -6.58 -2.14 -6.11
C MET A 39 -7.99 -2.54 -5.64
N ASP A 40 -8.16 -3.85 -5.43
CA ASP A 40 -9.41 -4.46 -4.98
C ASP A 40 -9.12 -5.07 -3.61
N LYS A 41 -9.67 -4.49 -2.56
CA LYS A 41 -9.37 -4.95 -1.19
C LYS A 41 -9.78 -6.40 -0.91
N SER A 42 -10.86 -6.88 -1.49
CA SER A 42 -11.30 -8.25 -1.25
C SER A 42 -10.39 -9.27 -1.93
N LEU A 43 -9.87 -8.93 -3.10
CA LEU A 43 -8.98 -9.84 -3.78
C LEU A 43 -7.61 -9.72 -3.15
N PHE A 44 -7.33 -8.56 -2.59
CA PHE A 44 -6.04 -8.35 -1.93
C PHE A 44 -5.87 -9.24 -0.73
N VAL A 45 -6.89 -9.32 0.11
CA VAL A 45 -6.81 -10.20 1.29
C VAL A 45 -6.91 -11.67 0.87
N SER A 46 -7.54 -11.95 -0.26
CA SER A 46 -7.66 -13.32 -0.72
C SER A 46 -6.26 -13.75 -1.20
N ALA A 47 -5.56 -12.83 -1.85
CA ALA A 47 -4.22 -13.06 -2.32
C ALA A 47 -3.24 -13.18 -1.15
N PHE A 48 -3.46 -12.40 -0.09
CA PHE A 48 -2.51 -12.49 1.05
C PHE A 48 -2.56 -13.88 1.69
N GLU A 49 -3.75 -14.45 1.74
CA GLU A 49 -3.91 -15.79 2.28
C GLU A 49 -3.16 -16.78 1.38
N THR A 50 -3.13 -16.54 0.08
CA THR A 50 -2.47 -17.47 -0.82
C THR A 50 -0.96 -17.38 -0.68
N PHE A 51 -0.44 -16.16 -0.60
CA PHE A 51 0.99 -15.91 -0.55
C PHE A 51 1.65 -15.96 0.86
N ARG A 52 0.91 -15.77 1.94
CA ARG A 52 1.52 -15.83 3.28
C ARG A 52 2.15 -17.20 3.52
N GLU A 53 1.62 -18.24 2.91
CA GLU A 53 2.13 -19.61 3.06
C GLU A 53 3.46 -19.83 2.33
N GLU A 54 3.72 -19.01 1.32
CA GLU A 54 4.93 -19.13 0.49
C GLU A 54 6.26 -18.89 1.22
N SER A 55 6.21 -18.21 2.34
CA SER A 55 7.42 -17.96 3.12
C SER A 55 7.17 -18.13 4.62
N LEU A 56 8.13 -18.72 5.32
CA LEU A 56 8.01 -19.01 6.76
C LEU A 56 7.88 -17.67 7.48
N VAL A 57 8.61 -16.69 6.96
CA VAL A 57 8.70 -15.36 7.55
C VAL A 57 7.32 -14.73 7.72
N CYS A 58 6.43 -14.95 6.76
CA CYS A 58 5.08 -14.37 6.81
C CYS A 58 3.98 -15.40 7.01
N LYS A 59 4.36 -16.64 7.26
CA LYS A 59 3.38 -17.74 7.34
C LYS A 59 2.36 -17.53 8.47
N ASP A 60 2.76 -17.00 9.61
CA ASP A 60 1.83 -16.72 10.70
C ASP A 60 1.45 -15.23 10.78
N ALA A 61 1.79 -14.46 9.75
CA ALA A 61 1.49 -13.03 9.74
C ALA A 61 -0.02 -12.81 9.58
N ILE A 62 -0.50 -11.72 10.17
CA ILE A 62 -1.90 -11.31 10.11
C ILE A 62 -1.99 -10.01 9.34
N LEU A 63 -2.83 -9.95 8.30
CA LEU A 63 -2.96 -8.75 7.45
C LEU A 63 -4.18 -7.88 7.82
N ASP A 64 -3.96 -6.57 7.89
CA ASP A 64 -5.01 -5.60 8.18
C ASP A 64 -4.89 -4.37 7.26
N ILE A 65 -5.95 -4.04 6.55
CA ILE A 65 -5.91 -2.89 5.63
C ILE A 65 -6.49 -1.63 6.29
N VAL A 66 -5.77 -0.52 6.13
CA VAL A 66 -6.19 0.79 6.61
C VAL A 66 -6.52 1.68 5.38
N ASP A 67 -7.70 2.26 5.34
CA ASP A 67 -8.10 3.12 4.23
C ASP A 67 -7.32 4.45 4.32
N GLU A 68 -6.79 4.95 3.22
CA GLU A 68 -6.05 6.21 3.23
C GLU A 68 -6.54 7.18 2.13
N LYS A 69 -6.45 8.47 2.42
CA LYS A 69 -6.84 9.54 1.48
C LYS A 69 -5.72 9.81 0.46
N VAL A 70 -6.12 10.35 -0.68
CA VAL A 70 -5.19 10.61 -1.81
C VAL A 70 -4.43 11.95 -1.76
N GLU A 71 -3.32 11.98 -2.46
CA GLU A 71 -2.50 13.19 -2.65
C GLU A 71 -2.48 13.36 -4.16
N LEU A 72 -2.52 14.61 -4.63
CA LEU A 72 -2.59 14.92 -6.05
C LEU A 72 -1.48 15.82 -6.50
N GLU A 73 -1.08 15.59 -7.73
CA GLU A 73 -0.05 16.39 -8.42
C GLU A 73 -0.68 16.72 -9.74
N CYS A 74 -0.40 17.93 -10.23
CA CYS A 74 -0.93 18.40 -11.48
C CYS A 74 0.23 18.25 -12.43
N LYS A 75 -0.01 17.75 -13.61
CA LYS A 75 1.00 17.67 -14.69
C LYS A 75 1.41 19.09 -14.89
N ASP A 76 2.63 19.38 -15.32
CA ASP A 76 3.38 20.57 -14.90
C ASP A 76 2.64 21.87 -14.69
N CYS A 77 2.36 21.98 -13.37
CA CYS A 77 1.68 23.05 -12.66
C CYS A 77 2.14 22.74 -11.21
N SER A 78 3.15 23.41 -10.65
CA SER A 78 3.67 22.93 -9.32
C SER A 78 2.74 23.32 -8.15
N HIS A 79 1.99 22.33 -7.73
CA HIS A 79 0.92 22.42 -6.77
C HIS A 79 0.72 21.27 -5.76
N VAL A 80 1.63 20.32 -5.55
CA VAL A 80 1.22 19.02 -5.04
C VAL A 80 0.78 19.12 -3.60
N PHE A 81 -0.39 18.51 -3.37
CA PHE A 81 -1.24 18.75 -2.22
C PHE A 81 -2.20 17.60 -1.96
N LYS A 82 -2.94 17.65 -0.84
CA LYS A 82 -4.02 16.67 -0.60
C LYS A 82 -5.35 17.43 -0.80
N PRO A 83 -6.26 16.90 -1.64
CA PRO A 83 -7.55 17.60 -1.82
C PRO A 83 -8.39 17.53 -0.55
N ASN A 84 -9.16 18.57 -0.26
CA ASN A 84 -9.93 18.64 1.01
C ASN A 84 -11.47 18.68 0.85
N ALA A 85 -11.98 18.54 -0.37
CA ALA A 85 -13.41 18.62 -0.64
C ALA A 85 -13.78 17.67 -1.75
N LEU A 86 -14.72 18.09 -2.59
CA LEU A 86 -15.18 17.32 -3.74
C LEU A 86 -14.35 17.68 -4.96
N ASP A 87 -13.22 18.29 -4.66
CA ASP A 87 -12.26 18.78 -5.65
C ASP A 87 -11.31 17.69 -6.09
N TYR A 88 -11.70 16.44 -5.87
CA TYR A 88 -10.88 15.31 -6.28
C TYR A 88 -10.79 15.28 -7.83
N GLY A 89 -9.62 14.89 -8.35
CA GLY A 89 -9.45 14.73 -9.80
C GLY A 89 -9.01 15.97 -10.53
N VAL A 90 -8.79 17.09 -9.84
CA VAL A 90 -8.31 18.34 -10.47
C VAL A 90 -7.32 18.97 -9.52
N CYS A 91 -6.54 19.90 -10.04
CA CYS A 91 -5.58 20.66 -9.26
C CYS A 91 -6.49 21.59 -8.40
N GLU A 92 -6.04 22.12 -7.27
CA GLU A 92 -6.93 22.99 -6.51
C GLU A 92 -6.85 24.48 -6.90
N LYS A 93 -5.69 24.91 -7.40
CA LYS A 93 -5.48 26.33 -7.77
C LYS A 93 -5.56 26.61 -9.29
N CYS A 94 -5.74 25.55 -10.05
CA CYS A 94 -6.18 25.61 -11.42
C CYS A 94 -7.14 24.46 -11.35
N HIS A 95 -8.10 24.28 -12.24
CA HIS A 95 -9.00 23.12 -12.13
C HIS A 95 -8.83 22.34 -13.38
N SER A 96 -7.58 22.24 -13.78
CA SER A 96 -7.22 21.54 -14.98
C SER A 96 -7.36 20.02 -14.84
N LYS A 97 -7.75 19.41 -15.95
CA LYS A 97 -7.80 17.95 -16.14
C LYS A 97 -6.37 17.52 -16.33
N ASN A 98 -6.11 16.23 -16.18
CA ASN A 98 -4.76 15.64 -16.26
C ASN A 98 -3.93 16.00 -15.04
N VAL A 99 -4.40 15.50 -13.91
CA VAL A 99 -3.67 15.50 -12.66
C VAL A 99 -3.47 14.05 -12.38
N ILE A 100 -2.54 13.73 -11.52
CA ILE A 100 -2.26 12.35 -11.20
C ILE A 100 -2.22 12.18 -9.67
N ILE A 101 -2.73 11.03 -9.23
CA ILE A 101 -2.71 10.70 -7.82
C ILE A 101 -1.28 10.26 -7.54
N THR A 102 -0.64 10.85 -6.53
CA THR A 102 0.74 10.49 -6.23
C THR A 102 0.78 9.53 -5.06
N GLN A 103 -0.13 9.72 -4.11
CA GLN A 103 -0.24 8.83 -2.96
C GLN A 103 -1.69 8.48 -2.84
N GLY A 104 -1.98 7.27 -2.42
CA GLY A 104 -3.36 6.81 -2.31
C GLY A 104 -3.79 6.07 -3.57
N ASN A 105 -2.85 5.84 -4.47
CA ASN A 105 -3.15 5.13 -5.73
C ASN A 105 -2.70 3.68 -5.66
N GLU A 106 -1.82 3.41 -4.70
CA GLU A 106 -1.21 2.09 -4.56
C GLU A 106 -0.92 1.73 -3.09
N MET A 107 -0.55 0.46 -2.84
CA MET A 107 -0.34 -0.06 -1.47
C MET A 107 0.86 0.59 -0.76
N ARG A 108 0.74 0.66 0.56
CA ARG A 108 1.78 1.19 1.40
C ARG A 108 1.90 0.31 2.65
N LEU A 109 3.12 0.08 3.17
CA LEU A 109 3.25 -0.64 4.44
C LEU A 109 3.21 0.39 5.54
N LEU A 110 2.42 0.18 6.59
CA LEU A 110 2.37 1.17 7.67
C LEU A 110 3.17 0.74 8.93
N SER A 111 3.01 -0.51 9.33
CA SER A 111 3.73 -1.04 10.52
C SER A 111 3.85 -2.53 10.40
N LEU A 112 4.87 -3.11 11.01
CA LEU A 112 5.04 -4.55 11.00
C LEU A 112 5.34 -5.00 12.42
N GLU A 113 4.78 -6.10 12.87
CA GLU A 113 5.08 -6.63 14.21
C GLU A 113 6.08 -7.74 13.91
N MET A 114 7.29 -7.69 14.46
CA MET A 114 8.37 -8.62 14.04
C MET A 114 9.09 -9.29 15.19
N LEU A 115 9.55 -10.50 14.95
CA LEU A 115 10.25 -11.28 16.00
C LEU A 115 11.72 -11.44 15.63
N ALA A 116 12.58 -11.07 16.56
CA ALA A 116 14.03 -11.08 16.35
C ALA A 116 14.55 -12.51 16.25
N GLU A 117 15.77 -12.63 15.72
CA GLU A 117 16.45 -13.92 15.58
C GLU A 117 16.61 -14.59 16.94
ZN ZN B . -2.77 22.64 -11.63
N MET A 1 -0.69 -3.07 -9.86
CA MET A 1 -2.13 -2.86 -10.13
C MET A 1 -2.90 -4.15 -9.94
N HIS A 2 -2.41 -5.25 -10.48
CA HIS A 2 -3.15 -6.53 -10.37
C HIS A 2 -3.02 -7.00 -8.93
N GLU A 3 -4.02 -7.61 -8.34
CA GLU A 3 -3.95 -7.90 -6.89
C GLU A 3 -2.92 -8.93 -6.54
N TYR A 4 -2.83 -9.95 -7.36
CA TYR A 4 -1.87 -11.02 -7.08
C TYR A 4 -0.46 -10.49 -7.32
N SER A 5 -0.27 -9.58 -8.28
CA SER A 5 1.05 -9.03 -8.53
C SER A 5 1.49 -8.10 -7.39
N VAL A 6 0.57 -7.35 -6.84
CA VAL A 6 0.87 -6.44 -5.73
C VAL A 6 1.15 -7.25 -4.47
N VAL A 7 0.39 -8.31 -4.24
CA VAL A 7 0.60 -9.15 -3.06
C VAL A 7 1.92 -9.92 -3.24
N SER A 8 2.21 -10.38 -4.43
CA SER A 8 3.51 -11.04 -4.63
C SER A 8 4.66 -10.07 -4.35
N SER A 9 4.44 -8.80 -4.63
CA SER A 9 5.46 -7.79 -4.38
C SER A 9 5.51 -7.53 -2.90
N LEU A 10 4.34 -7.56 -2.25
CA LEU A 10 4.19 -7.32 -0.82
C LEU A 10 4.94 -8.33 0.00
N ILE A 11 4.91 -9.59 -0.38
CA ILE A 11 5.60 -10.59 0.41
C ILE A 11 7.08 -10.26 0.43
N ALA A 12 7.62 -9.86 -0.71
CA ALA A 12 9.04 -9.54 -0.79
C ALA A 12 9.35 -8.25 -0.02
N LEU A 13 8.41 -7.32 -0.08
CA LEU A 13 8.57 -6.06 0.61
C LEU A 13 8.59 -6.30 2.11
N CYS A 14 7.75 -7.22 2.55
CA CYS A 14 7.69 -7.60 3.96
C CYS A 14 9.03 -8.22 4.30
N GLU A 15 9.56 -9.07 3.43
CA GLU A 15 10.87 -9.69 3.70
C GLU A 15 12.02 -8.67 3.69
N GLU A 16 11.98 -7.65 2.84
CA GLU A 16 13.10 -6.68 2.85
C GLU A 16 13.02 -5.88 4.15
N HIS A 17 11.82 -5.59 4.66
CA HIS A 17 11.70 -4.89 5.95
C HIS A 17 12.22 -5.83 7.05
N ALA A 18 12.02 -7.12 6.91
CA ALA A 18 12.54 -8.07 7.89
C ALA A 18 14.07 -7.91 7.93
N LYS A 19 14.73 -7.75 6.79
CA LYS A 19 16.21 -7.56 6.72
C LYS A 19 16.62 -6.21 7.31
N LYS A 20 15.79 -5.21 7.07
CA LYS A 20 16.04 -3.86 7.59
C LYS A 20 15.93 -3.83 9.09
N ASN A 21 15.05 -4.63 9.64
CA ASN A 21 14.86 -4.66 11.08
C ASN A 21 15.55 -5.83 11.74
N GLN A 22 16.31 -6.57 10.94
CA GLN A 22 17.08 -7.74 11.42
C GLN A 22 16.10 -8.66 12.18
N ALA A 23 14.98 -8.93 11.56
CA ALA A 23 13.91 -9.74 12.14
C ALA A 23 13.72 -11.01 11.33
N HIS A 24 13.38 -12.09 12.02
CA HIS A 24 13.22 -13.36 11.33
C HIS A 24 11.74 -13.78 11.12
N LYS A 25 10.83 -13.06 11.76
CA LYS A 25 9.43 -13.45 11.73
C LYS A 25 8.54 -12.22 11.90
N ILE A 26 7.54 -12.05 11.04
CA ILE A 26 6.59 -10.93 11.16
C ILE A 26 5.23 -11.48 11.70
N GLU A 27 4.71 -10.91 12.80
CA GLU A 27 3.43 -11.39 13.32
C GLU A 27 2.20 -10.68 12.80
N ARG A 28 2.36 -9.43 12.45
CA ARG A 28 1.27 -8.64 11.91
C ARG A 28 1.81 -7.68 10.87
N VAL A 29 1.06 -7.52 9.79
CA VAL A 29 1.42 -6.64 8.67
C VAL A 29 0.20 -5.77 8.44
N VAL A 30 0.32 -4.47 8.50
CA VAL A 30 -0.84 -3.61 8.25
C VAL A 30 -0.47 -2.83 6.99
N VAL A 31 -1.43 -2.61 6.14
CA VAL A 31 -1.15 -1.95 4.87
C VAL A 31 -2.11 -0.81 4.70
N GLY A 32 -1.74 0.12 3.83
CA GLY A 32 -2.59 1.25 3.51
C GLY A 32 -2.96 1.09 2.06
N ILE A 33 -4.24 1.04 1.75
CA ILE A 33 -4.71 0.90 0.38
C ILE A 33 -5.64 2.10 0.23
N GLY A 34 -5.48 2.86 -0.85
CA GLY A 34 -6.26 4.05 -1.00
C GLY A 34 -7.75 3.83 -1.15
N GLU A 35 -8.50 4.79 -0.63
CA GLU A 35 -9.94 4.73 -0.67
C GLU A 35 -10.48 4.80 -2.10
N ARG A 36 -9.72 5.38 -3.01
CA ARG A 36 -10.04 5.40 -4.43
C ARG A 36 -8.99 4.62 -5.23
N SER A 37 -8.38 3.62 -4.63
CA SER A 37 -7.37 2.84 -5.32
C SER A 37 -7.97 1.97 -6.44
N ALA A 38 -7.14 1.58 -7.37
CA ALA A 38 -7.55 0.72 -8.49
C ALA A 38 -7.67 -0.72 -8.00
N MET A 39 -7.27 -0.94 -6.74
CA MET A 39 -7.25 -2.27 -6.16
C MET A 39 -8.59 -2.84 -5.69
N ASP A 40 -8.71 -4.16 -5.78
CA ASP A 40 -9.87 -4.95 -5.32
C ASP A 40 -9.50 -5.52 -3.93
N LYS A 41 -10.03 -4.94 -2.86
CA LYS A 41 -9.67 -5.36 -1.49
C LYS A 41 -10.05 -6.79 -1.18
N SER A 42 -11.14 -7.30 -1.73
CA SER A 42 -11.59 -8.65 -1.43
C SER A 42 -10.66 -9.69 -2.01
N LEU A 43 -10.06 -9.41 -3.15
CA LEU A 43 -9.10 -10.33 -3.73
C LEU A 43 -7.75 -10.13 -3.11
N PHE A 44 -7.52 -8.94 -2.61
CA PHE A 44 -6.24 -8.66 -1.96
C PHE A 44 -6.06 -9.49 -0.70
N VAL A 45 -7.11 -9.57 0.12
CA VAL A 45 -6.99 -10.33 1.35
C VAL A 45 -6.93 -11.81 1.01
N SER A 46 -7.54 -12.21 -0.10
CA SER A 46 -7.56 -13.64 -0.47
C SER A 46 -6.19 -14.01 -0.99
N ALA A 47 -5.59 -13.11 -1.75
CA ALA A 47 -4.28 -13.31 -2.31
C ALA A 47 -3.21 -13.33 -1.22
N PHE A 48 -3.36 -12.54 -0.16
CA PHE A 48 -2.38 -12.57 0.92
C PHE A 48 -2.35 -13.92 1.58
N GLU A 49 -3.48 -14.57 1.73
CA GLU A 49 -3.52 -15.90 2.36
C GLU A 49 -2.84 -16.91 1.43
N THR A 50 -3.04 -16.70 0.13
CA THR A 50 -2.46 -17.58 -0.88
C THR A 50 -0.92 -17.47 -0.93
N PHE A 51 -0.42 -16.25 -0.91
CA PHE A 51 1.02 -16.03 -0.96
C PHE A 51 1.78 -16.07 0.38
N ARG A 52 1.15 -15.89 1.52
CA ARG A 52 1.90 -15.87 2.75
C ARG A 52 2.55 -17.24 3.08
N GLU A 53 2.02 -18.32 2.54
CA GLU A 53 2.57 -19.62 2.79
C GLU A 53 3.96 -19.81 2.17
N GLU A 54 4.27 -19.01 1.16
CA GLU A 54 5.54 -19.07 0.46
C GLU A 54 6.75 -18.73 1.29
N SER A 55 6.55 -18.02 2.41
CA SER A 55 7.65 -17.67 3.30
C SER A 55 7.31 -17.76 4.80
N LEU A 56 8.18 -18.35 5.59
CA LEU A 56 7.94 -18.53 7.04
C LEU A 56 7.83 -17.14 7.71
N VAL A 57 8.59 -16.18 7.19
CA VAL A 57 8.64 -14.85 7.74
C VAL A 57 7.23 -14.23 7.80
N CYS A 58 6.40 -14.49 6.79
CA CYS A 58 5.09 -13.91 6.70
C CYS A 58 3.91 -14.89 6.85
N LYS A 59 4.22 -16.16 6.98
CA LYS A 59 3.19 -17.22 7.04
C LYS A 59 2.15 -17.08 8.15
N ASP A 60 2.55 -16.66 9.34
CA ASP A 60 1.57 -16.46 10.43
C ASP A 60 1.19 -15.00 10.57
N ALA A 61 1.62 -14.14 9.63
CA ALA A 61 1.38 -12.72 9.77
C ALA A 61 -0.10 -12.42 9.55
N ILE A 62 -0.68 -11.56 10.39
CA ILE A 62 -2.06 -11.13 10.26
C ILE A 62 -2.09 -9.94 9.35
N LEU A 63 -2.87 -9.99 8.30
CA LEU A 63 -2.97 -8.87 7.34
C LEU A 63 -4.18 -7.99 7.68
N ASP A 64 -3.98 -6.69 7.77
CA ASP A 64 -5.06 -5.74 8.06
C ASP A 64 -4.95 -4.52 7.13
N ILE A 65 -6.03 -4.20 6.42
CA ILE A 65 -6.02 -3.08 5.48
C ILE A 65 -6.58 -1.82 6.11
N VAL A 66 -5.84 -0.73 6.02
CA VAL A 66 -6.27 0.59 6.48
C VAL A 66 -6.60 1.44 5.26
N ASP A 67 -7.81 1.97 5.17
CA ASP A 67 -8.20 2.81 4.03
C ASP A 67 -7.41 4.12 4.17
N GLU A 68 -6.86 4.64 3.09
CA GLU A 68 -6.10 5.91 3.15
C GLU A 68 -6.51 6.88 2.05
N LYS A 69 -6.39 8.17 2.33
CA LYS A 69 -6.68 9.19 1.33
C LYS A 69 -5.49 9.12 0.38
N VAL A 70 -5.79 9.39 -0.87
CA VAL A 70 -4.84 9.32 -1.95
C VAL A 70 -3.95 10.59 -2.00
N GLU A 71 -2.78 10.47 -2.58
CA GLU A 71 -1.82 11.57 -2.71
C GLU A 71 -1.66 11.78 -4.21
N LEU A 72 -1.61 13.05 -4.59
CA LEU A 72 -1.62 13.45 -6.00
C LEU A 72 -0.46 14.34 -6.40
N GLU A 73 -0.20 14.26 -7.68
CA GLU A 73 0.80 15.05 -8.39
C GLU A 73 0.02 15.63 -9.56
N CYS A 74 0.40 16.82 -9.98
CA CYS A 74 -0.27 17.49 -11.05
C CYS A 74 0.66 17.29 -12.27
N LYS A 75 0.08 17.05 -13.44
CA LYS A 75 0.88 16.91 -14.68
C LYS A 75 1.58 18.26 -14.78
N ASP A 76 2.78 18.24 -15.30
CA ASP A 76 3.80 19.18 -14.85
C ASP A 76 3.47 20.62 -14.47
N CYS A 77 3.28 20.69 -13.20
CA CYS A 77 3.06 21.78 -12.28
C CYS A 77 3.79 21.12 -11.07
N SER A 78 4.77 21.73 -10.43
CA SER A 78 5.48 20.99 -9.37
C SER A 78 4.68 21.17 -8.11
N HIS A 79 3.95 20.15 -7.79
CA HIS A 79 2.96 20.23 -6.74
C HIS A 79 2.64 19.11 -5.73
N VAL A 80 3.39 18.03 -5.57
CA VAL A 80 2.77 16.84 -4.97
C VAL A 80 2.45 17.04 -3.52
N PHE A 81 1.21 16.67 -3.21
CA PHE A 81 0.57 16.95 -1.95
C PHE A 81 -0.49 15.91 -1.70
N LYS A 82 -0.98 15.84 -0.47
CA LYS A 82 -2.04 14.90 -0.10
C LYS A 82 -3.36 15.67 0.22
N PRO A 83 -4.35 15.67 -0.71
CA PRO A 83 -5.61 16.37 -0.42
C PRO A 83 -6.45 15.78 0.71
N ASN A 84 -7.17 16.65 1.42
CA ASN A 84 -7.95 16.25 2.59
C ASN A 84 -9.47 16.33 2.38
N ALA A 85 -9.94 16.54 1.14
CA ALA A 85 -11.39 16.67 0.88
C ALA A 85 -11.84 16.02 -0.43
N LEU A 86 -13.15 15.94 -0.57
CA LEU A 86 -13.83 15.26 -1.69
C LEU A 86 -13.60 15.91 -3.07
N ASP A 87 -12.83 16.98 -3.09
CA ASP A 87 -12.48 17.69 -4.32
C ASP A 87 -11.29 16.99 -5.04
N TYR A 88 -11.10 15.71 -4.75
CA TYR A 88 -10.02 14.91 -5.34
C TYR A 88 -10.08 14.96 -6.90
N GLY A 89 -8.90 14.90 -7.51
CA GLY A 89 -8.78 14.90 -8.96
C GLY A 89 -8.41 16.26 -9.56
N VAL A 90 -8.06 17.22 -8.70
CA VAL A 90 -7.51 18.52 -9.13
C VAL A 90 -6.28 18.84 -8.28
N CYS A 91 -5.44 19.74 -8.77
CA CYS A 91 -4.25 20.23 -8.05
C CYS A 91 -4.83 21.22 -7.01
N GLU A 92 -4.03 21.60 -6.04
CA GLU A 92 -4.43 22.71 -5.14
C GLU A 92 -3.73 24.04 -5.50
N LYS A 93 -2.71 24.01 -6.32
CA LYS A 93 -2.00 25.26 -6.74
C LYS A 93 -2.80 26.01 -7.80
N CYS A 94 -3.41 25.17 -8.59
CA CYS A 94 -4.28 25.49 -9.68
C CYS A 94 -5.32 24.44 -9.40
N HIS A 95 -6.53 24.55 -9.89
CA HIS A 95 -7.55 23.53 -9.58
C HIS A 95 -8.01 22.94 -10.88
N SER A 96 -7.04 22.76 -11.76
CA SER A 96 -7.31 22.21 -13.06
C SER A 96 -7.28 20.69 -12.92
N LYS A 97 -8.11 20.03 -13.70
CA LYS A 97 -8.11 18.58 -13.78
C LYS A 97 -6.91 18.28 -14.69
N ASN A 98 -6.46 17.02 -14.67
CA ASN A 98 -5.27 16.48 -15.38
C ASN A 98 -4.19 16.34 -14.31
N VAL A 99 -4.55 15.63 -13.26
CA VAL A 99 -3.62 15.33 -12.18
C VAL A 99 -3.61 13.81 -12.09
N ILE A 100 -2.62 13.26 -11.42
CA ILE A 100 -2.49 11.82 -11.29
C ILE A 100 -2.30 11.52 -9.81
N ILE A 101 -2.48 10.28 -9.43
CA ILE A 101 -2.29 9.82 -8.06
C ILE A 101 -0.96 9.08 -8.02
N THR A 102 -0.08 9.46 -7.08
CA THR A 102 1.24 8.82 -6.99
C THR A 102 1.36 7.94 -5.76
N GLN A 103 0.47 8.11 -4.79
CA GLN A 103 0.37 7.17 -3.66
C GLN A 103 -1.10 6.99 -3.33
N GLY A 104 -1.48 5.79 -2.92
CA GLY A 104 -2.87 5.49 -2.65
C GLY A 104 -3.59 4.97 -3.87
N ASN A 105 -2.94 4.85 -5.02
CA ASN A 105 -3.61 4.18 -6.15
C ASN A 105 -3.27 2.72 -6.00
N GLU A 106 -2.14 2.46 -5.36
CA GLU A 106 -1.66 1.14 -5.09
C GLU A 106 -1.28 1.06 -3.59
N MET A 107 -1.12 -0.16 -3.10
CA MET A 107 -0.84 -0.52 -1.70
C MET A 107 0.54 -0.08 -1.21
N ARG A 108 0.62 0.26 0.08
CA ARG A 108 1.86 0.66 0.80
C ARG A 108 1.85 0.04 2.18
N LEU A 109 3.00 -0.37 2.72
CA LEU A 109 3.10 -0.92 4.10
C LEU A 109 3.10 0.21 5.08
N LEU A 110 2.35 0.11 6.18
CA LEU A 110 2.38 1.19 7.18
C LEU A 110 3.18 0.81 8.43
N SER A 111 2.90 -0.35 9.02
CA SER A 111 3.61 -0.80 10.24
C SER A 111 3.63 -2.33 10.26
N LEU A 112 4.64 -2.88 10.91
CA LEU A 112 4.78 -4.34 11.05
C LEU A 112 5.09 -4.66 12.52
N GLU A 113 4.57 -5.78 13.01
CA GLU A 113 4.92 -6.31 14.36
C GLU A 113 5.92 -7.43 14.05
N MET A 114 7.12 -7.38 14.64
CA MET A 114 8.19 -8.28 14.24
C MET A 114 8.98 -8.89 15.38
N LEU A 115 9.54 -10.09 15.16
CA LEU A 115 10.39 -10.73 16.17
C LEU A 115 11.85 -10.70 15.71
N ALA A 116 12.75 -10.24 16.57
CA ALA A 116 14.17 -10.14 16.22
C ALA A 116 14.84 -11.49 15.98
N GLU A 117 15.81 -11.53 15.08
CA GLU A 117 16.56 -12.74 14.77
C GLU A 117 17.45 -13.15 15.93
ZN ZN B . -1.29 22.00 -10.56
N MET A 1 -0.03 -4.00 -10.45
CA MET A 1 -1.48 -3.65 -10.53
C MET A 1 -2.36 -4.84 -10.14
N HIS A 2 -2.03 -6.03 -10.66
CA HIS A 2 -2.83 -7.23 -10.38
C HIS A 2 -2.68 -7.59 -8.90
N GLU A 3 -3.74 -8.06 -8.27
CA GLU A 3 -3.69 -8.28 -6.82
C GLU A 3 -2.68 -9.34 -6.42
N TYR A 4 -2.65 -10.45 -7.12
CA TYR A 4 -1.75 -11.52 -6.76
C TYR A 4 -0.31 -11.03 -7.04
N SER A 5 -0.12 -10.16 -8.01
CA SER A 5 1.22 -9.63 -8.26
C SER A 5 1.64 -8.64 -7.17
N VAL A 6 0.71 -7.83 -6.66
CA VAL A 6 1.03 -6.86 -5.60
C VAL A 6 1.26 -7.62 -4.31
N VAL A 7 0.45 -8.62 -4.01
CA VAL A 7 0.66 -9.40 -2.80
C VAL A 7 1.96 -10.20 -2.93
N SER A 8 2.28 -10.72 -4.13
CA SER A 8 3.53 -11.45 -4.30
C SER A 8 4.69 -10.54 -4.03
N SER A 9 4.61 -9.26 -4.41
CA SER A 9 5.72 -8.36 -4.16
C SER A 9 5.70 -7.89 -2.71
N LEU A 10 4.54 -7.99 -2.07
CA LEU A 10 4.39 -7.56 -0.67
C LEU A 10 5.13 -8.53 0.22
N ILE A 11 5.05 -9.81 -0.08
CA ILE A 11 5.70 -10.80 0.79
C ILE A 11 7.19 -10.55 0.74
N ALA A 12 7.70 -10.26 -0.44
CA ALA A 12 9.14 -10.02 -0.56
C ALA A 12 9.52 -8.73 0.16
N LEU A 13 8.64 -7.75 0.05
CA LEU A 13 8.88 -6.48 0.66
C LEU A 13 8.88 -6.62 2.18
N CYS A 14 8.01 -7.48 2.68
CA CYS A 14 7.93 -7.74 4.10
C CYS A 14 9.23 -8.44 4.49
N GLU A 15 9.74 -9.34 3.66
CA GLU A 15 11.00 -10.01 3.98
C GLU A 15 12.13 -9.00 3.99
N GLU A 16 12.19 -8.02 3.10
CA GLU A 16 13.33 -7.09 3.16
C GLU A 16 13.21 -6.19 4.36
N HIS A 17 12.00 -5.89 4.82
CA HIS A 17 11.88 -5.09 6.04
C HIS A 17 12.40 -5.96 7.17
N ALA A 18 12.17 -7.27 7.12
CA ALA A 18 12.66 -8.15 8.16
C ALA A 18 14.19 -8.11 8.15
N LYS A 19 14.83 -8.01 7.00
CA LYS A 19 16.32 -7.93 6.90
C LYS A 19 16.82 -6.62 7.47
N LYS A 20 16.04 -5.54 7.28
CA LYS A 20 16.39 -4.21 7.76
C LYS A 20 16.29 -4.19 9.29
N ASN A 21 15.39 -4.97 9.83
CA ASN A 21 15.17 -5.00 11.27
C ASN A 21 15.86 -6.19 11.95
N GLN A 22 16.66 -6.90 11.18
CA GLN A 22 17.40 -8.08 11.69
C GLN A 22 16.39 -9.03 12.37
N ALA A 23 15.28 -9.24 11.68
CA ALA A 23 14.16 -10.04 12.14
C ALA A 23 13.99 -11.25 11.24
N HIS A 24 13.41 -12.31 11.79
CA HIS A 24 13.21 -13.58 11.01
C HIS A 24 11.74 -14.02 10.92
N LYS A 25 10.85 -13.41 11.68
CA LYS A 25 9.43 -13.85 11.64
C LYS A 25 8.51 -12.65 11.83
N ILE A 26 7.48 -12.53 11.01
CA ILE A 26 6.57 -11.40 11.08
C ILE A 26 5.23 -11.82 11.71
N GLU A 27 4.81 -11.13 12.77
CA GLU A 27 3.55 -11.42 13.46
C GLU A 27 2.38 -10.62 12.85
N ARG A 28 2.65 -9.43 12.34
CA ARG A 28 1.60 -8.58 11.79
C ARG A 28 2.08 -7.71 10.66
N VAL A 29 1.28 -7.57 9.61
CA VAL A 29 1.59 -6.70 8.47
C VAL A 29 0.37 -5.80 8.31
N VAL A 30 0.53 -4.49 8.39
CA VAL A 30 -0.62 -3.61 8.16
C VAL A 30 -0.24 -2.80 6.92
N VAL A 31 -1.19 -2.63 6.02
CA VAL A 31 -0.92 -1.95 4.75
C VAL A 31 -1.91 -0.85 4.61
N GLY A 32 -1.63 0.07 3.69
CA GLY A 32 -2.54 1.13 3.38
C GLY A 32 -2.86 1.00 1.91
N ILE A 33 -4.15 1.05 1.59
CA ILE A 33 -4.61 0.93 0.19
C ILE A 33 -5.49 2.15 0.01
N GLY A 34 -5.28 2.88 -1.07
CA GLY A 34 -6.04 4.07 -1.34
C GLY A 34 -7.51 3.84 -1.58
N GLU A 35 -8.31 4.81 -1.18
CA GLU A 35 -9.75 4.71 -1.33
C GLU A 35 -10.20 4.71 -2.81
N ARG A 36 -9.39 5.27 -3.71
CA ARG A 36 -9.65 5.28 -5.16
C ARG A 36 -8.58 4.47 -5.88
N SER A 37 -8.05 3.45 -5.24
CA SER A 37 -7.00 2.66 -5.84
C SER A 37 -7.55 1.76 -6.91
N ALA A 38 -6.67 1.33 -7.82
CA ALA A 38 -7.03 0.42 -8.90
C ALA A 38 -7.29 -0.99 -8.30
N MET A 39 -6.96 -1.16 -7.04
CA MET A 39 -7.01 -2.45 -6.34
C MET A 39 -8.39 -2.93 -5.88
N ASP A 40 -8.46 -4.25 -5.74
CA ASP A 40 -9.64 -4.96 -5.27
C ASP A 40 -9.28 -5.60 -3.91
N LYS A 41 -9.79 -5.02 -2.82
CA LYS A 41 -9.50 -5.45 -1.46
C LYS A 41 -9.98 -6.84 -1.12
N SER A 42 -11.05 -7.33 -1.72
CA SER A 42 -11.53 -8.68 -1.43
C SER A 42 -10.58 -9.71 -2.03
N LEU A 43 -10.04 -9.43 -3.19
CA LEU A 43 -9.11 -10.36 -3.80
C LEU A 43 -7.77 -10.21 -3.12
N PHE A 44 -7.47 -9.02 -2.61
CA PHE A 44 -6.21 -8.76 -1.96
C PHE A 44 -6.06 -9.60 -0.70
N VAL A 45 -7.13 -9.67 0.09
CA VAL A 45 -7.05 -10.44 1.35
C VAL A 45 -7.07 -11.93 1.05
N SER A 46 -7.58 -12.33 -0.11
CA SER A 46 -7.58 -13.75 -0.45
C SER A 46 -6.19 -14.14 -0.89
N ALA A 47 -5.57 -13.24 -1.64
CA ALA A 47 -4.22 -13.46 -2.13
C ALA A 47 -3.22 -13.49 -0.97
N PHE A 48 -3.45 -12.71 0.07
CA PHE A 48 -2.49 -12.70 1.18
C PHE A 48 -2.48 -14.04 1.88
N GLU A 49 -3.63 -14.67 1.96
CA GLU A 49 -3.74 -15.98 2.58
C GLU A 49 -3.03 -17.01 1.68
N THR A 50 -3.10 -16.77 0.36
CA THR A 50 -2.48 -17.67 -0.61
C THR A 50 -0.94 -17.58 -0.60
N PHE A 51 -0.41 -16.35 -0.57
CA PHE A 51 1.04 -16.15 -0.60
C PHE A 51 1.72 -16.19 0.77
N ARG A 52 1.04 -15.95 1.88
CA ARG A 52 1.76 -15.93 3.13
C ARG A 52 2.42 -17.28 3.46
N GLU A 53 1.85 -18.40 3.01
CA GLU A 53 2.43 -19.72 3.26
C GLU A 53 3.75 -19.96 2.52
N GLU A 54 3.99 -19.20 1.46
CA GLU A 54 5.20 -19.33 0.66
C GLU A 54 6.44 -19.00 1.40
N SER A 55 6.31 -18.26 2.50
CA SER A 55 7.47 -17.92 3.31
C SER A 55 7.15 -18.11 4.78
N LEU A 56 8.07 -18.75 5.50
CA LEU A 56 7.89 -19.01 6.92
C LEU A 56 7.78 -17.69 7.65
N VAL A 57 8.51 -16.71 7.13
CA VAL A 57 8.65 -15.37 7.71
C VAL A 57 7.25 -14.70 7.79
N CYS A 58 6.39 -14.87 6.79
CA CYS A 58 5.09 -14.19 6.80
C CYS A 58 3.91 -15.11 7.07
N LYS A 59 4.16 -16.38 7.32
CA LYS A 59 3.08 -17.37 7.44
C LYS A 59 2.04 -17.14 8.55
N ASP A 60 2.42 -16.68 9.72
CA ASP A 60 1.43 -16.43 10.78
C ASP A 60 1.05 -14.96 10.87
N ALA A 61 1.52 -14.16 9.93
CA ALA A 61 1.29 -12.74 9.96
C ALA A 61 -0.17 -12.38 9.75
N ILE A 62 -0.63 -11.43 10.57
CA ILE A 62 -2.01 -10.93 10.52
C ILE A 62 -2.06 -9.76 9.50
N LEU A 63 -2.98 -9.80 8.55
CA LEU A 63 -3.08 -8.74 7.54
C LEU A 63 -4.24 -7.82 7.85
N ASP A 64 -3.98 -6.52 7.85
CA ASP A 64 -4.99 -5.52 8.14
C ASP A 64 -4.83 -4.28 7.20
N ILE A 65 -5.87 -3.96 6.43
CA ILE A 65 -5.84 -2.86 5.47
C ILE A 65 -6.44 -1.58 6.05
N VAL A 66 -5.71 -0.50 5.90
CA VAL A 66 -6.16 0.82 6.30
C VAL A 66 -6.43 1.62 5.01
N ASP A 67 -7.64 2.17 4.90
CA ASP A 67 -7.97 2.99 3.71
C ASP A 67 -7.29 4.34 3.83
N GLU A 68 -6.74 4.84 2.74
CA GLU A 68 -6.08 6.18 2.74
C GLU A 68 -6.61 7.11 1.63
N LYS A 69 -6.58 8.40 1.89
CA LYS A 69 -6.98 9.39 0.89
C LYS A 69 -5.87 9.50 -0.13
N VAL A 70 -6.27 9.83 -1.35
CA VAL A 70 -5.38 10.01 -2.52
C VAL A 70 -4.47 11.26 -2.36
N GLU A 71 -3.34 11.26 -3.08
CA GLU A 71 -2.45 12.43 -3.07
C GLU A 71 -2.36 12.80 -4.54
N LEU A 72 -2.36 14.10 -4.86
CA LEU A 72 -2.41 14.53 -6.27
C LEU A 72 -1.27 15.37 -6.70
N GLU A 73 -0.86 15.15 -7.93
CA GLU A 73 0.21 15.94 -8.56
C GLU A 73 -0.40 16.46 -9.82
N CYS A 74 -0.02 17.68 -10.19
CA CYS A 74 -0.56 18.38 -11.35
C CYS A 74 0.55 18.28 -12.37
N LYS A 75 0.20 18.25 -13.66
CA LYS A 75 1.24 18.24 -14.70
C LYS A 75 2.00 19.54 -14.38
N ASP A 76 3.30 19.57 -14.65
CA ASP A 76 4.25 20.41 -13.86
C ASP A 76 3.79 21.78 -13.33
N CYS A 77 3.31 21.64 -12.11
CA CYS A 77 2.74 22.60 -11.24
C CYS A 77 2.99 21.94 -9.84
N SER A 78 4.20 22.07 -9.29
CA SER A 78 4.58 21.34 -8.07
C SER A 78 3.87 21.95 -6.85
N HIS A 79 2.84 21.23 -6.40
CA HIS A 79 1.95 21.67 -5.34
C HIS A 79 1.57 20.53 -4.38
N VAL A 80 2.28 19.42 -4.38
CA VAL A 80 1.66 18.15 -4.00
C VAL A 80 1.36 18.05 -2.51
N PHE A 81 0.12 17.64 -2.26
CA PHE A 81 -0.52 17.59 -0.96
C PHE A 81 -1.64 16.52 -1.05
N LYS A 82 -2.19 16.07 0.07
CA LYS A 82 -3.36 15.15 0.00
C LYS A 82 -4.60 16.04 0.07
N PRO A 83 -5.46 16.06 -0.96
CA PRO A 83 -6.67 16.87 -0.77
C PRO A 83 -7.59 16.32 0.30
N ASN A 84 -8.31 17.19 1.01
CA ASN A 84 -9.19 16.77 2.09
C ASN A 84 -10.69 17.04 1.85
N ALA A 85 -11.05 17.56 0.69
CA ALA A 85 -12.43 17.99 0.40
C ALA A 85 -12.97 17.36 -0.86
N LEU A 86 -14.27 17.53 -1.06
CA LEU A 86 -14.97 16.97 -2.20
C LEU A 86 -14.58 17.56 -3.53
N ASP A 87 -13.68 18.52 -3.49
CA ASP A 87 -13.11 19.19 -4.66
C ASP A 87 -11.98 18.35 -5.31
N TYR A 88 -11.96 17.05 -5.02
CA TYR A 88 -10.96 16.13 -5.57
C TYR A 88 -10.93 16.16 -7.12
N GLY A 89 -9.74 15.90 -7.66
CA GLY A 89 -9.54 15.81 -9.09
C GLY A 89 -9.00 17.06 -9.76
N VAL A 90 -8.72 18.11 -8.98
CA VAL A 90 -8.12 19.32 -9.52
C VAL A 90 -6.94 19.64 -8.62
N CYS A 91 -6.06 20.46 -9.14
CA CYS A 91 -4.93 20.97 -8.38
C CYS A 91 -5.54 22.05 -7.46
N GLU A 92 -4.82 22.45 -6.42
CA GLU A 92 -5.29 23.56 -5.57
C GLU A 92 -4.47 24.85 -5.80
N LYS A 93 -3.33 24.69 -6.45
CA LYS A 93 -2.40 25.80 -6.73
C LYS A 93 -3.02 26.65 -7.81
N CYS A 94 -3.70 25.94 -8.68
CA CYS A 94 -4.45 26.41 -9.83
C CYS A 94 -5.55 25.38 -9.76
N HIS A 95 -6.71 25.56 -10.42
CA HIS A 95 -7.78 24.55 -10.29
C HIS A 95 -8.02 23.94 -11.63
N SER A 96 -6.97 23.87 -12.42
CA SER A 96 -7.04 23.25 -13.73
C SER A 96 -7.01 21.72 -13.55
N LYS A 97 -7.75 21.02 -14.39
CA LYS A 97 -7.69 19.55 -14.44
C LYS A 97 -6.42 19.25 -15.22
N ASN A 98 -5.94 18.02 -15.07
CA ASN A 98 -4.70 17.43 -15.63
C ASN A 98 -3.84 17.16 -14.43
N VAL A 99 -4.40 16.41 -13.50
CA VAL A 99 -3.69 16.01 -12.31
C VAL A 99 -3.66 14.50 -12.35
N ILE A 100 -2.76 13.88 -11.60
CA ILE A 100 -2.63 12.43 -11.54
C ILE A 100 -2.61 12.08 -10.07
N ILE A 101 -2.80 10.80 -9.80
CA ILE A 101 -2.75 10.31 -8.42
C ILE A 101 -1.37 9.73 -8.20
N THR A 102 -0.66 10.20 -7.19
CA THR A 102 0.71 9.73 -6.92
C THR A 102 0.73 8.70 -5.83
N GLN A 103 -0.16 8.87 -4.85
CA GLN A 103 -0.28 7.95 -3.74
C GLN A 103 -1.75 7.69 -3.58
N GLY A 104 -2.08 6.49 -3.16
CA GLY A 104 -3.47 6.10 -3.04
C GLY A 104 -4.01 5.44 -4.28
N ASN A 105 -3.17 5.20 -5.29
CA ASN A 105 -3.61 4.48 -6.50
C ASN A 105 -3.26 3.00 -6.37
N GLU A 106 -2.26 2.75 -5.54
CA GLU A 106 -1.73 1.41 -5.28
C GLU A 106 -1.33 1.33 -3.81
N MET A 107 -0.96 0.14 -3.36
CA MET A 107 -0.64 -0.18 -1.95
C MET A 107 0.61 0.46 -1.35
N ARG A 108 0.59 0.69 -0.06
CA ARG A 108 1.73 1.21 0.74
C ARG A 108 1.90 0.31 1.97
N LEU A 109 3.09 0.08 2.51
CA LEU A 109 3.23 -0.64 3.80
C LEU A 109 3.23 0.39 4.91
N LEU A 110 2.49 0.18 5.98
CA LEU A 110 2.47 1.19 7.06
C LEU A 110 3.38 0.77 8.23
N SER A 111 3.21 -0.45 8.73
CA SER A 111 3.96 -0.95 9.90
C SER A 111 4.05 -2.46 9.86
N LEU A 112 5.03 -3.03 10.52
CA LEU A 112 5.13 -4.49 10.62
C LEU A 112 5.47 -4.84 12.05
N GLU A 113 4.93 -5.90 12.57
CA GLU A 113 5.30 -6.38 13.92
C GLU A 113 6.20 -7.59 13.65
N MET A 114 7.46 -7.56 14.10
CA MET A 114 8.42 -8.61 13.78
C MET A 114 9.23 -9.11 14.96
N LEU A 115 9.63 -10.37 14.92
CA LEU A 115 10.45 -11.00 15.95
C LEU A 115 11.92 -11.02 15.51
N ALA A 116 12.82 -10.63 16.40
CA ALA A 116 14.25 -10.58 16.07
C ALA A 116 14.82 -11.96 15.75
N GLU A 117 15.84 -11.99 14.91
CA GLU A 117 16.49 -13.24 14.50
C GLU A 117 17.32 -13.87 15.64
ZN ZN B . -1.80 22.88 -10.66
N MET A 1 -0.27 -3.93 -10.59
CA MET A 1 -1.71 -3.58 -10.73
C MET A 1 -2.61 -4.74 -10.30
N HIS A 2 -2.30 -5.96 -10.71
CA HIS A 2 -3.14 -7.11 -10.38
C HIS A 2 -3.03 -7.33 -8.88
N GLU A 3 -4.10 -7.64 -8.18
CA GLU A 3 -4.01 -7.76 -6.72
C GLU A 3 -3.10 -8.92 -6.27
N TYR A 4 -3.19 -10.05 -6.94
CA TYR A 4 -2.37 -11.22 -6.57
C TYR A 4 -0.90 -10.96 -6.91
N SER A 5 -0.63 -10.16 -7.92
CA SER A 5 0.75 -9.84 -8.25
C SER A 5 1.35 -8.84 -7.22
N VAL A 6 0.54 -7.92 -6.75
CA VAL A 6 1.05 -6.97 -5.75
C VAL A 6 1.33 -7.73 -4.47
N VAL A 7 0.44 -8.62 -4.09
CA VAL A 7 0.66 -9.41 -2.89
C VAL A 7 1.86 -10.37 -3.08
N SER A 8 2.04 -10.92 -4.26
CA SER A 8 3.16 -11.82 -4.48
C SER A 8 4.47 -11.05 -4.29
N SER A 9 4.50 -9.78 -4.69
CA SER A 9 5.73 -9.02 -4.48
C SER A 9 5.81 -8.55 -3.01
N LEU A 10 4.66 -8.45 -2.34
CA LEU A 10 4.58 -7.98 -0.96
C LEU A 10 5.24 -8.94 -0.01
N ILE A 11 5.12 -10.23 -0.25
CA ILE A 11 5.74 -11.18 0.67
C ILE A 11 7.23 -11.00 0.67
N ALA A 12 7.84 -10.82 -0.51
CA ALA A 12 9.29 -10.65 -0.59
C ALA A 12 9.66 -9.29 -0.04
N LEU A 13 8.80 -8.31 -0.25
CA LEU A 13 9.06 -6.99 0.23
C LEU A 13 9.08 -7.04 1.74
N CYS A 14 8.22 -7.85 2.33
CA CYS A 14 8.18 -7.93 3.77
C CYS A 14 9.45 -8.64 4.26
N GLU A 15 10.00 -9.54 3.45
CA GLU A 15 11.21 -10.22 3.90
C GLU A 15 12.38 -9.27 3.98
N GLU A 16 12.47 -8.27 3.10
CA GLU A 16 13.63 -7.35 3.21
C GLU A 16 13.48 -6.43 4.44
N HIS A 17 12.25 -6.12 4.82
CA HIS A 17 12.03 -5.30 6.00
C HIS A 17 12.38 -6.06 7.25
N ALA A 18 12.20 -7.37 7.20
CA ALA A 18 12.61 -8.21 8.31
C ALA A 18 14.13 -8.09 8.45
N LYS A 19 14.86 -8.09 7.35
CA LYS A 19 16.32 -8.00 7.42
C LYS A 19 16.70 -6.64 7.96
N LYS A 20 15.96 -5.61 7.56
CA LYS A 20 16.24 -4.24 8.04
C LYS A 20 16.10 -4.16 9.55
N ASN A 21 15.18 -4.94 10.10
CA ASN A 21 14.94 -4.90 11.52
C ASN A 21 15.60 -6.04 12.27
N GLN A 22 16.48 -6.79 11.60
CA GLN A 22 17.17 -7.93 12.21
C GLN A 22 16.11 -8.88 12.80
N ALA A 23 15.08 -9.19 12.04
CA ALA A 23 14.00 -10.06 12.52
C ALA A 23 13.87 -11.26 11.60
N HIS A 24 13.49 -12.41 12.16
CA HIS A 24 13.35 -13.66 11.37
C HIS A 24 11.92 -14.05 11.00
N LYS A 25 10.93 -13.44 11.66
CA LYS A 25 9.53 -13.85 11.45
C LYS A 25 8.60 -12.66 11.67
N ILE A 26 7.63 -12.48 10.80
CA ILE A 26 6.73 -11.34 10.88
C ILE A 26 5.37 -11.80 11.46
N GLU A 27 4.94 -11.16 12.52
CA GLU A 27 3.70 -11.47 13.21
C GLU A 27 2.49 -10.72 12.66
N ARG A 28 2.70 -9.51 12.14
CA ARG A 28 1.60 -8.70 11.58
C ARG A 28 2.12 -7.76 10.53
N VAL A 29 1.36 -7.56 9.46
CA VAL A 29 1.70 -6.62 8.41
C VAL A 29 0.50 -5.68 8.24
N VAL A 30 0.69 -4.37 8.37
CA VAL A 30 -0.43 -3.45 8.16
C VAL A 30 -0.08 -2.61 6.94
N VAL A 31 -1.04 -2.42 6.08
CA VAL A 31 -0.79 -1.71 4.82
C VAL A 31 -1.74 -0.56 4.62
N GLY A 32 -1.36 0.35 3.74
CA GLY A 32 -2.23 1.44 3.39
C GLY A 32 -2.56 1.20 1.94
N ILE A 33 -3.82 1.23 1.60
CA ILE A 33 -4.25 1.01 0.21
C ILE A 33 -5.09 2.24 -0.09
N GLY A 34 -4.86 2.87 -1.22
CA GLY A 34 -5.60 4.07 -1.54
C GLY A 34 -7.05 3.79 -1.82
N GLU A 35 -7.91 4.72 -1.45
CA GLU A 35 -9.33 4.62 -1.67
C GLU A 35 -9.70 4.62 -3.16
N ARG A 36 -8.83 5.10 -4.03
CA ARG A 36 -9.07 5.04 -5.46
C ARG A 36 -8.00 4.18 -6.11
N SER A 37 -7.46 3.22 -5.37
CA SER A 37 -6.47 2.33 -5.94
C SER A 37 -7.13 1.41 -6.94
N ALA A 38 -6.32 0.91 -7.87
CA ALA A 38 -6.78 -0.03 -8.87
C ALA A 38 -7.12 -1.36 -8.21
N MET A 39 -6.51 -1.61 -7.05
CA MET A 39 -6.65 -2.84 -6.34
C MET A 39 -7.98 -3.03 -5.62
N ASP A 40 -8.50 -4.25 -5.66
CA ASP A 40 -9.69 -4.61 -4.90
C ASP A 40 -9.29 -5.14 -3.53
N LYS A 41 -9.87 -4.59 -2.46
CA LYS A 41 -9.53 -5.02 -1.08
C LYS A 41 -9.99 -6.43 -0.80
N SER A 42 -11.09 -6.83 -1.40
CA SER A 42 -11.62 -8.15 -1.11
C SER A 42 -10.72 -9.22 -1.68
N LEU A 43 -10.16 -8.97 -2.85
CA LEU A 43 -9.25 -9.94 -3.45
C LEU A 43 -7.92 -9.85 -2.75
N PHE A 44 -7.59 -8.68 -2.24
CA PHE A 44 -6.31 -8.47 -1.54
C PHE A 44 -6.21 -9.27 -0.27
N VAL A 45 -7.25 -9.31 0.54
CA VAL A 45 -7.16 -10.08 1.82
C VAL A 45 -7.18 -11.58 1.55
N SER A 46 -7.73 -11.98 0.41
CA SER A 46 -7.79 -13.41 0.03
C SER A 46 -6.41 -13.82 -0.49
N ALA A 47 -5.81 -12.92 -1.25
CA ALA A 47 -4.52 -13.16 -1.85
C ALA A 47 -3.43 -13.23 -0.78
N PHE A 48 -3.55 -12.42 0.28
CA PHE A 48 -2.48 -12.43 1.29
C PHE A 48 -2.44 -13.78 1.99
N GLU A 49 -3.59 -14.37 2.23
CA GLU A 49 -3.64 -15.67 2.87
C GLU A 49 -3.07 -16.71 1.90
N THR A 50 -3.30 -16.52 0.62
CA THR A 50 -2.79 -17.42 -0.42
C THR A 50 -1.25 -17.40 -0.53
N PHE A 51 -0.66 -16.20 -0.52
CA PHE A 51 0.79 -16.03 -0.67
C PHE A 51 1.61 -16.14 0.63
N ARG A 52 1.00 -15.89 1.77
CA ARG A 52 1.78 -15.93 3.03
C ARG A 52 2.33 -17.32 3.34
N GLU A 53 1.70 -18.32 2.78
CA GLU A 53 2.17 -19.70 2.94
C GLU A 53 3.49 -19.93 2.25
N GLU A 54 3.76 -19.13 1.21
CA GLU A 54 4.99 -19.28 0.40
C GLU A 54 6.29 -18.99 1.15
N SER A 55 6.21 -18.28 2.28
CA SER A 55 7.41 -17.96 3.08
C SER A 55 7.12 -18.09 4.57
N LEU A 56 7.99 -18.77 5.31
CA LEU A 56 7.80 -18.97 6.73
C LEU A 56 7.78 -17.63 7.41
N VAL A 57 8.57 -16.72 6.88
CA VAL A 57 8.72 -15.38 7.44
C VAL A 57 7.38 -14.67 7.56
N CYS A 58 6.48 -14.86 6.59
CA CYS A 58 5.20 -14.15 6.58
C CYS A 58 3.96 -15.05 6.89
N LYS A 59 4.17 -16.34 7.09
CA LYS A 59 3.07 -17.32 7.19
C LYS A 59 2.05 -17.08 8.29
N ASP A 60 2.46 -16.66 9.46
CA ASP A 60 1.48 -16.40 10.53
C ASP A 60 1.15 -14.90 10.60
N ALA A 61 1.57 -14.11 9.61
CA ALA A 61 1.34 -12.67 9.66
C ALA A 61 -0.15 -12.30 9.55
N ILE A 62 -0.58 -11.39 10.41
CA ILE A 62 -1.95 -10.91 10.38
C ILE A 62 -1.97 -9.73 9.43
N LEU A 63 -2.89 -9.72 8.49
CA LEU A 63 -2.98 -8.64 7.52
C LEU A 63 -4.11 -7.68 7.88
N ASP A 64 -3.84 -6.39 7.86
CA ASP A 64 -4.83 -5.39 8.20
C ASP A 64 -4.69 -4.17 7.25
N ILE A 65 -5.75 -3.82 6.55
CA ILE A 65 -5.74 -2.70 5.56
C ILE A 65 -6.26 -1.37 6.14
N VAL A 66 -5.51 -0.32 5.93
CA VAL A 66 -5.95 1.01 6.32
C VAL A 66 -6.31 1.75 5.01
N ASP A 67 -7.51 2.30 4.91
CA ASP A 67 -7.93 3.08 3.70
C ASP A 67 -7.33 4.46 3.84
N GLU A 68 -6.61 4.91 2.81
CA GLU A 68 -6.04 6.26 2.82
C GLU A 68 -6.44 7.12 1.60
N LYS A 69 -6.51 8.40 1.82
CA LYS A 69 -6.83 9.36 0.76
C LYS A 69 -5.63 9.39 -0.12
N VAL A 70 -5.88 9.48 -1.41
CA VAL A 70 -4.80 9.56 -2.39
C VAL A 70 -4.06 10.88 -2.25
N GLU A 71 -2.82 10.93 -2.69
CA GLU A 71 -2.07 12.17 -2.74
C GLU A 71 -2.09 12.56 -4.21
N LEU A 72 -2.28 13.85 -4.45
CA LEU A 72 -2.34 14.38 -5.79
C LEU A 72 -1.26 15.41 -6.00
N GLU A 73 -0.75 15.42 -7.22
CA GLU A 73 0.27 16.33 -7.66
C GLU A 73 -0.30 16.93 -8.90
N CYS A 74 -0.02 18.19 -9.12
CA CYS A 74 -0.51 18.90 -10.25
C CYS A 74 0.67 18.96 -11.21
N LYS A 75 0.41 18.77 -12.51
CA LYS A 75 1.43 18.96 -13.55
C LYS A 75 1.81 20.42 -13.38
N ASP A 76 3.01 20.82 -13.75
CA ASP A 76 3.64 22.00 -13.10
C ASP A 76 2.85 23.29 -12.78
N CYS A 77 2.50 23.18 -11.50
CA CYS A 77 1.81 24.08 -10.62
C CYS A 77 2.40 23.49 -9.33
N SER A 78 3.05 24.22 -8.43
CA SER A 78 3.60 23.52 -7.26
C SER A 78 2.61 23.57 -6.10
N HIS A 79 1.91 22.45 -5.94
CA HIS A 79 0.81 22.32 -4.97
C HIS A 79 0.55 21.05 -4.15
N VAL A 80 1.46 20.09 -4.08
CA VAL A 80 1.04 18.67 -3.83
C VAL A 80 0.52 18.39 -2.43
N PHE A 81 -0.65 17.75 -2.46
CA PHE A 81 -1.56 17.72 -1.34
C PHE A 81 -2.43 16.48 -1.31
N LYS A 82 -3.24 16.29 -0.26
CA LYS A 82 -4.22 15.18 -0.23
C LYS A 82 -5.62 15.82 -0.22
N PRO A 83 -6.49 15.50 -1.20
CA PRO A 83 -7.81 16.09 -1.17
C PRO A 83 -8.70 15.52 -0.02
N ASN A 84 -9.56 16.35 0.55
CA ASN A 84 -10.46 15.94 1.62
C ASN A 84 -11.92 16.17 1.23
N ALA A 85 -12.15 16.44 -0.06
CA ALA A 85 -13.45 16.77 -0.59
C ALA A 85 -13.58 16.17 -1.99
N LEU A 86 -14.75 16.33 -2.57
CA LEU A 86 -15.10 15.81 -3.90
C LEU A 86 -14.37 16.51 -5.05
N ASP A 87 -13.40 17.33 -4.72
CA ASP A 87 -12.56 18.08 -5.68
C ASP A 87 -11.45 17.20 -6.28
N TYR A 88 -11.61 15.88 -6.22
CA TYR A 88 -10.67 14.93 -6.81
C TYR A 88 -10.57 15.16 -8.33
N GLY A 89 -9.38 14.98 -8.88
CA GLY A 89 -9.17 15.10 -10.33
C GLY A 89 -8.75 16.47 -10.83
N VAL A 90 -8.77 17.46 -9.95
CA VAL A 90 -8.31 18.81 -10.26
C VAL A 90 -7.43 19.26 -9.11
N CYS A 91 -6.63 20.31 -9.33
CA CYS A 91 -5.78 20.93 -8.31
C CYS A 91 -6.72 21.89 -7.52
N GLU A 92 -6.26 22.39 -6.38
CA GLU A 92 -7.03 23.40 -5.64
C GLU A 92 -6.44 24.80 -5.83
N LYS A 93 -5.17 24.87 -6.23
CA LYS A 93 -4.45 26.15 -6.43
C LYS A 93 -4.98 26.83 -7.68
N CYS A 94 -5.28 25.96 -8.61
CA CYS A 94 -5.80 26.26 -9.93
C CYS A 94 -6.80 25.10 -9.96
N HIS A 95 -7.76 25.06 -10.86
CA HIS A 95 -8.70 23.95 -10.88
C HIS A 95 -8.54 23.28 -12.18
N SER A 96 -7.29 23.32 -12.62
CA SER A 96 -6.96 22.76 -13.91
C SER A 96 -6.96 21.24 -13.80
N LYS A 97 -7.41 20.59 -14.86
CA LYS A 97 -7.33 19.13 -14.98
C LYS A 97 -5.88 18.86 -15.29
N ASN A 98 -5.47 17.60 -15.10
CA ASN A 98 -4.09 17.10 -15.27
C ASN A 98 -3.39 17.14 -13.92
N VAL A 99 -3.97 16.40 -13.01
CA VAL A 99 -3.31 16.13 -11.75
C VAL A 99 -3.16 14.63 -11.81
N ILE A 100 -2.17 14.12 -11.11
CA ILE A 100 -1.90 12.70 -11.11
C ILE A 100 -1.82 12.22 -9.68
N ILE A 101 -1.97 10.91 -9.48
CA ILE A 101 -1.94 10.32 -8.14
C ILE A 101 -0.53 9.87 -7.87
N THR A 102 0.01 10.31 -6.75
CA THR A 102 1.39 9.97 -6.40
C THR A 102 1.44 8.95 -5.25
N GLN A 103 0.31 8.80 -4.56
CA GLN A 103 0.15 7.87 -3.46
C GLN A 103 -1.27 7.36 -3.51
N GLY A 104 -1.48 6.09 -3.25
CA GLY A 104 -2.82 5.56 -3.23
C GLY A 104 -3.32 4.99 -4.56
N ASN A 105 -2.46 4.87 -5.56
CA ASN A 105 -2.93 4.25 -6.82
C ASN A 105 -2.85 2.76 -6.63
N GLU A 106 -2.06 2.37 -5.63
CA GLU A 106 -1.87 0.95 -5.29
C GLU A 106 -1.72 0.81 -3.75
N MET A 107 -0.61 0.27 -3.27
CA MET A 107 -0.41 -0.07 -1.86
C MET A 107 0.97 0.38 -1.33
N ARG A 108 1.08 0.65 -0.04
CA ARG A 108 2.35 0.93 0.64
C ARG A 108 2.33 0.29 2.05
N LEU A 109 3.42 -0.29 2.51
CA LEU A 109 3.52 -0.86 3.87
C LEU A 109 3.53 0.25 4.90
N LEU A 110 2.76 0.14 5.97
CA LEU A 110 2.78 1.20 6.99
C LEU A 110 3.61 0.80 8.21
N SER A 111 3.44 -0.42 8.68
CA SER A 111 4.14 -0.91 9.85
C SER A 111 4.14 -2.43 9.81
N LEU A 112 5.16 -3.06 10.40
CA LEU A 112 5.22 -4.50 10.48
C LEU A 112 5.56 -4.87 11.92
N GLU A 113 4.92 -5.91 12.48
CA GLU A 113 5.20 -6.37 13.85
C GLU A 113 6.07 -7.59 13.62
N MET A 114 7.28 -7.57 14.11
CA MET A 114 8.23 -8.63 13.79
C MET A 114 8.95 -9.17 15.01
N LEU A 115 9.27 -10.44 14.96
CA LEU A 115 9.96 -11.11 16.06
C LEU A 115 11.46 -11.11 15.78
N ALA A 116 12.23 -10.66 16.75
CA ALA A 116 13.66 -10.50 16.57
C ALA A 116 14.33 -11.87 16.34
N GLU A 117 15.44 -11.86 15.63
CA GLU A 117 16.23 -13.05 15.29
C GLU A 117 16.84 -13.71 16.51
ZN ZN B . -2.50 23.15 -9.82
N MET A 1 0.18 -3.05 -9.55
CA MET A 1 -1.16 -2.74 -10.10
C MET A 1 -2.07 -3.95 -10.06
N HIS A 2 -1.55 -5.13 -10.45
CA HIS A 2 -2.36 -6.35 -10.50
C HIS A 2 -2.58 -6.81 -9.05
N GLU A 3 -3.72 -7.38 -8.69
CA GLU A 3 -3.97 -7.67 -7.26
C GLU A 3 -3.02 -8.69 -6.65
N TYR A 4 -2.73 -9.74 -7.39
CA TYR A 4 -1.86 -10.81 -6.89
C TYR A 4 -0.39 -10.41 -7.01
N SER A 5 -0.06 -9.53 -7.94
CA SER A 5 1.34 -9.10 -8.07
C SER A 5 1.68 -8.13 -6.93
N VAL A 6 0.72 -7.33 -6.47
CA VAL A 6 0.97 -6.39 -5.39
C VAL A 6 1.20 -7.20 -4.13
N VAL A 7 0.43 -8.27 -3.93
CA VAL A 7 0.65 -9.14 -2.78
C VAL A 7 1.97 -9.90 -2.92
N SER A 8 2.30 -10.41 -4.10
CA SER A 8 3.57 -11.11 -4.29
C SER A 8 4.74 -10.14 -3.99
N SER A 9 4.58 -8.86 -4.36
CA SER A 9 5.61 -7.84 -4.04
C SER A 9 5.57 -7.52 -2.54
N LEU A 10 4.41 -7.55 -1.91
CA LEU A 10 4.31 -7.31 -0.48
C LEU A 10 5.06 -8.36 0.31
N ILE A 11 4.94 -9.62 -0.06
CA ILE A 11 5.63 -10.66 0.69
C ILE A 11 7.12 -10.43 0.61
N ALA A 12 7.59 -10.07 -0.57
CA ALA A 12 9.01 -9.85 -0.77
C ALA A 12 9.49 -8.59 -0.05
N LEU A 13 8.65 -7.57 -0.01
CA LEU A 13 8.97 -6.33 0.65
C LEU A 13 9.08 -6.61 2.14
N CYS A 14 8.19 -7.45 2.61
CA CYS A 14 8.21 -7.86 4.00
C CYS A 14 9.50 -8.64 4.28
N GLU A 15 9.93 -9.50 3.37
CA GLU A 15 11.15 -10.25 3.59
C GLU A 15 12.36 -9.32 3.65
N GLU A 16 12.43 -8.27 2.84
CA GLU A 16 13.61 -7.40 2.93
C GLU A 16 13.53 -6.59 4.22
N HIS A 17 12.33 -6.23 4.68
CA HIS A 17 12.23 -5.52 5.96
C HIS A 17 12.65 -6.44 7.04
N ALA A 18 12.37 -7.72 6.92
CA ALA A 18 12.81 -8.64 7.96
C ALA A 18 14.34 -8.58 8.03
N LYS A 19 15.03 -8.52 6.90
CA LYS A 19 16.50 -8.46 6.93
C LYS A 19 17.01 -7.15 7.55
N LYS A 20 16.27 -6.08 7.29
CA LYS A 20 16.63 -4.74 7.78
C LYS A 20 16.30 -4.54 9.27
N ASN A 21 15.38 -5.32 9.79
CA ASN A 21 14.99 -5.18 11.18
C ASN A 21 15.63 -6.31 11.98
N GLN A 22 16.49 -7.05 11.31
CA GLN A 22 17.22 -8.18 11.87
C GLN A 22 16.24 -9.14 12.52
N ALA A 23 15.16 -9.40 11.77
CA ALA A 23 14.08 -10.23 12.23
C ALA A 23 13.97 -11.44 11.30
N HIS A 24 13.54 -12.56 11.86
CA HIS A 24 13.44 -13.79 11.07
C HIS A 24 12.00 -14.15 10.71
N LYS A 25 11.04 -13.54 11.40
CA LYS A 25 9.63 -13.88 11.26
C LYS A 25 8.76 -12.67 11.56
N ILE A 26 7.76 -12.41 10.72
CA ILE A 26 6.83 -11.30 10.88
C ILE A 26 5.46 -11.81 11.34
N GLU A 27 4.94 -11.34 12.48
CA GLU A 27 3.64 -11.78 12.97
C GLU A 27 2.47 -10.89 12.57
N ARG A 28 2.69 -9.63 12.25
CA ARG A 28 1.59 -8.69 11.87
C ARG A 28 2.07 -7.74 10.78
N VAL A 29 1.28 -7.55 9.74
CA VAL A 29 1.58 -6.61 8.67
C VAL A 29 0.36 -5.70 8.54
N VAL A 30 0.53 -4.40 8.68
CA VAL A 30 -0.65 -3.55 8.45
C VAL A 30 -0.24 -2.69 7.27
N VAL A 31 -1.20 -2.46 6.38
CA VAL A 31 -0.90 -1.76 5.15
C VAL A 31 -1.86 -0.63 5.02
N GLY A 32 -1.47 0.32 4.19
CA GLY A 32 -2.30 1.46 3.92
C GLY A 32 -2.60 1.32 2.48
N ILE A 33 -3.89 1.27 2.14
CA ILE A 33 -4.33 1.15 0.75
C ILE A 33 -5.25 2.32 0.51
N GLY A 34 -5.00 3.04 -0.55
CA GLY A 34 -5.77 4.25 -0.78
C GLY A 34 -7.20 4.03 -1.15
N GLU A 35 -8.03 4.98 -0.76
CA GLU A 35 -9.46 4.92 -1.04
C GLU A 35 -9.75 4.96 -2.57
N ARG A 36 -8.82 5.53 -3.35
CA ARG A 36 -8.91 5.57 -4.80
C ARG A 36 -7.76 4.82 -5.45
N SER A 37 -7.26 3.81 -4.75
CA SER A 37 -6.25 2.96 -5.32
C SER A 37 -6.93 2.09 -6.34
N ALA A 38 -6.20 1.61 -7.31
CA ALA A 38 -6.75 0.72 -8.35
C ALA A 38 -7.13 -0.64 -7.75
N MET A 39 -6.60 -0.92 -6.58
CA MET A 39 -6.74 -2.19 -5.89
C MET A 39 -8.12 -2.55 -5.40
N ASP A 40 -8.40 -3.83 -5.44
CA ASP A 40 -9.64 -4.45 -4.97
C ASP A 40 -9.32 -5.05 -3.61
N LYS A 41 -9.89 -4.53 -2.55
CA LYS A 41 -9.56 -4.97 -1.19
C LYS A 41 -10.01 -6.36 -0.89
N SER A 42 -11.06 -6.82 -1.56
CA SER A 42 -11.58 -8.16 -1.30
C SER A 42 -10.67 -9.18 -1.98
N LEU A 43 -10.12 -8.83 -3.13
CA LEU A 43 -9.22 -9.77 -3.80
C LEU A 43 -7.86 -9.71 -3.13
N PHE A 44 -7.55 -8.55 -2.58
CA PHE A 44 -6.26 -8.35 -1.92
C PHE A 44 -6.13 -9.27 -0.72
N VAL A 45 -7.17 -9.36 0.12
CA VAL A 45 -7.07 -10.24 1.29
C VAL A 45 -7.13 -11.68 0.81
N SER A 46 -7.72 -11.94 -0.35
CA SER A 46 -7.80 -13.30 -0.83
C SER A 46 -6.41 -13.73 -1.28
N ALA A 47 -5.73 -12.83 -2.00
CA ALA A 47 -4.38 -13.07 -2.49
C ALA A 47 -3.40 -13.17 -1.33
N PHE A 48 -3.59 -12.44 -0.24
CA PHE A 48 -2.64 -12.53 0.86
C PHE A 48 -2.71 -13.89 1.54
N GLU A 49 -3.87 -14.53 1.59
CA GLU A 49 -3.95 -15.87 2.17
C GLU A 49 -3.25 -16.86 1.23
N THR A 50 -3.36 -16.62 -0.08
CA THR A 50 -2.77 -17.49 -1.06
C THR A 50 -1.24 -17.41 -1.01
N PHE A 51 -0.70 -16.19 -0.90
CA PHE A 51 0.77 -16.03 -0.90
C PHE A 51 1.43 -16.14 0.47
N ARG A 52 0.73 -15.95 1.58
CA ARG A 52 1.47 -15.94 2.87
C ARG A 52 2.16 -17.28 3.19
N GLU A 53 1.57 -18.39 2.75
CA GLU A 53 2.14 -19.73 2.98
C GLU A 53 3.45 -19.97 2.22
N GLU A 54 3.68 -19.24 1.14
CA GLU A 54 4.90 -19.38 0.31
C GLU A 54 6.14 -18.95 1.04
N SER A 55 5.98 -18.15 2.08
CA SER A 55 7.14 -17.69 2.83
C SER A 55 6.99 -17.95 4.32
N LEU A 56 7.99 -18.54 4.93
CA LEU A 56 7.96 -18.86 6.35
C LEU A 56 7.82 -17.56 7.13
N VAL A 57 8.50 -16.54 6.62
CA VAL A 57 8.55 -15.25 7.26
C VAL A 57 7.17 -14.66 7.47
N CYS A 58 6.30 -14.76 6.48
CA CYS A 58 4.98 -14.16 6.55
C CYS A 58 3.84 -15.16 6.71
N LYS A 59 4.16 -16.43 6.93
CA LYS A 59 3.13 -17.49 6.98
C LYS A 59 2.09 -17.28 8.08
N ASP A 60 2.48 -16.78 9.24
CA ASP A 60 1.51 -16.54 10.31
C ASP A 60 1.19 -15.06 10.43
N ALA A 61 1.58 -14.26 9.44
CA ALA A 61 1.33 -12.83 9.53
C ALA A 61 -0.18 -12.52 9.46
N ILE A 62 -0.58 -11.52 10.24
CA ILE A 62 -1.96 -11.04 10.26
C ILE A 62 -1.97 -9.84 9.33
N LEU A 63 -2.89 -9.79 8.38
CA LEU A 63 -2.99 -8.68 7.42
C LEU A 63 -4.17 -7.81 7.81
N ASP A 64 -3.95 -6.50 7.88
CA ASP A 64 -5.03 -5.54 8.25
C ASP A 64 -4.89 -4.31 7.34
N ILE A 65 -5.96 -3.95 6.65
CA ILE A 65 -5.98 -2.82 5.69
C ILE A 65 -6.49 -1.55 6.37
N VAL A 66 -5.73 -0.47 6.20
CA VAL A 66 -6.12 0.85 6.65
C VAL A 66 -6.45 1.69 5.42
N ASP A 67 -7.64 2.26 5.35
CA ASP A 67 -7.98 3.11 4.20
C ASP A 67 -7.27 4.43 4.35
N GLU A 68 -6.68 4.95 3.29
CA GLU A 68 -6.03 6.23 3.35
C GLU A 68 -6.47 7.19 2.28
N LYS A 69 -6.57 8.47 2.67
CA LYS A 69 -6.96 9.55 1.73
C LYS A 69 -5.75 9.85 0.85
N VAL A 70 -6.01 10.17 -0.39
CA VAL A 70 -5.01 10.44 -1.42
C VAL A 70 -4.42 11.85 -1.34
N GLU A 71 -3.21 11.96 -1.88
CA GLU A 71 -2.51 13.25 -2.08
C GLU A 71 -2.37 13.30 -3.58
N LEU A 72 -2.49 14.48 -4.17
CA LEU A 72 -2.45 14.61 -5.60
C LEU A 72 -1.34 15.50 -6.05
N GLU A 73 -0.78 15.10 -7.18
CA GLU A 73 0.26 15.83 -7.86
C GLU A 73 -0.27 16.01 -9.25
N CYS A 74 -0.04 17.15 -9.81
CA CYS A 74 -0.54 17.47 -11.12
C CYS A 74 0.66 17.33 -12.04
N LYS A 75 0.43 16.80 -13.27
CA LYS A 75 1.48 16.67 -14.28
C LYS A 75 1.97 18.15 -14.42
N ASP A 76 3.20 18.41 -14.82
CA ASP A 76 3.93 19.64 -14.36
C ASP A 76 3.21 20.99 -14.25
N CYS A 77 2.78 21.14 -13.01
CA CYS A 77 2.02 22.23 -12.40
C CYS A 77 2.43 21.93 -10.95
N SER A 78 3.48 22.53 -10.44
CA SER A 78 3.93 22.17 -9.05
C SER A 78 2.99 22.71 -8.01
N HIS A 79 2.15 21.77 -7.54
CA HIS A 79 1.02 22.06 -6.65
C HIS A 79 0.70 21.11 -5.53
N VAL A 80 1.56 20.15 -5.18
CA VAL A 80 1.08 18.91 -4.53
C VAL A 80 0.57 19.07 -3.10
N PHE A 81 -0.65 18.49 -2.90
CA PHE A 81 -1.49 18.70 -1.69
C PHE A 81 -2.50 17.57 -1.47
N LYS A 82 -3.11 17.48 -0.30
CA LYS A 82 -4.19 16.50 -0.06
C LYS A 82 -5.55 17.17 -0.26
N PRO A 83 -6.40 16.70 -1.20
CA PRO A 83 -7.70 17.35 -1.35
C PRO A 83 -8.64 16.98 -0.18
N ASN A 84 -9.60 17.83 0.15
CA ASN A 84 -10.54 17.55 1.24
C ASN A 84 -11.99 17.62 0.75
N ALA A 85 -12.20 17.29 -0.52
CA ALA A 85 -13.51 17.39 -1.15
C ALA A 85 -13.62 16.35 -2.23
N LEU A 86 -14.83 16.22 -2.81
CA LEU A 86 -15.06 15.26 -3.91
C LEU A 86 -14.53 15.74 -5.24
N ASP A 87 -13.68 16.76 -5.22
CA ASP A 87 -13.05 17.31 -6.43
C ASP A 87 -11.82 16.47 -6.83
N TYR A 88 -11.77 15.25 -6.36
CA TYR A 88 -10.66 14.36 -6.67
C TYR A 88 -10.55 14.13 -8.17
N GLY A 89 -9.30 13.97 -8.62
CA GLY A 89 -9.00 13.71 -10.02
C GLY A 89 -8.63 14.91 -10.86
N VAL A 90 -8.62 16.09 -10.27
CA VAL A 90 -8.17 17.30 -10.95
C VAL A 90 -7.33 18.07 -9.95
N CYS A 91 -6.51 18.97 -10.43
CA CYS A 91 -5.68 19.84 -9.60
C CYS A 91 -6.61 20.91 -9.01
N GLU A 92 -6.12 21.69 -8.06
CA GLU A 92 -6.89 22.83 -7.52
C GLU A 92 -6.31 24.17 -8.03
N LYS A 93 -5.06 24.16 -8.48
CA LYS A 93 -4.38 25.38 -8.98
C LYS A 93 -4.96 25.76 -10.33
N CYS A 94 -5.30 24.68 -11.01
CA CYS A 94 -5.89 24.64 -12.32
C CYS A 94 -6.86 23.54 -12.06
N HIS A 95 -7.82 23.27 -12.91
CA HIS A 95 -8.73 22.13 -12.65
C HIS A 95 -8.59 21.15 -13.77
N SER A 96 -7.36 20.98 -14.16
CA SER A 96 -7.02 20.10 -15.25
C SER A 96 -6.97 18.63 -14.82
N LYS A 97 -7.45 17.76 -15.70
CA LYS A 97 -7.42 16.29 -15.62
C LYS A 97 -5.99 15.90 -15.93
N ASN A 98 -5.62 14.68 -15.59
CA ASN A 98 -4.25 14.15 -15.74
C ASN A 98 -3.40 14.68 -14.63
N VAL A 99 -3.87 14.29 -13.46
CA VAL A 99 -3.15 14.49 -12.24
C VAL A 99 -2.88 13.05 -11.77
N ILE A 100 -1.93 12.88 -10.87
CA ILE A 100 -1.58 11.55 -10.38
C ILE A 100 -1.70 11.53 -8.84
N ILE A 101 -1.77 10.33 -8.32
CA ILE A 101 -1.90 10.07 -6.90
C ILE A 101 -0.53 9.74 -6.35
N THR A 102 -0.09 10.47 -5.34
CA THR A 102 1.26 10.27 -4.77
C THR A 102 1.26 9.46 -3.45
N GLN A 103 0.11 9.35 -2.80
CA GLN A 103 -0.01 8.44 -1.67
C GLN A 103 -1.38 7.79 -1.85
N GLY A 104 -1.48 6.49 -1.62
CA GLY A 104 -2.78 5.85 -1.80
C GLY A 104 -3.05 5.43 -3.23
N ASN A 105 -2.07 5.48 -4.11
CA ASN A 105 -2.29 5.08 -5.50
C ASN A 105 -2.41 3.54 -5.59
N GLU A 106 -1.74 2.86 -4.64
CA GLU A 106 -1.74 1.42 -4.56
C GLU A 106 -1.70 1.00 -3.07
N MET A 107 -0.54 0.53 -2.61
CA MET A 107 -0.36 -0.01 -1.26
C MET A 107 0.98 0.48 -0.68
N ARG A 108 1.03 0.69 0.64
CA ARG A 108 2.28 1.01 1.32
C ARG A 108 2.25 0.32 2.69
N LEU A 109 3.42 0.02 3.24
CA LEU A 109 3.52 -0.62 4.57
C LEU A 109 3.50 0.46 5.61
N LEU A 110 2.67 0.30 6.65
CA LEU A 110 2.60 1.34 7.70
C LEU A 110 3.35 0.89 8.94
N SER A 111 3.15 -0.33 9.40
CA SER A 111 3.84 -0.86 10.62
C SER A 111 3.91 -2.37 10.54
N LEU A 112 4.92 -2.98 11.18
CA LEU A 112 5.05 -4.43 11.18
C LEU A 112 5.39 -4.91 12.62
N GLU A 113 4.84 -6.06 13.03
CA GLU A 113 5.21 -6.66 14.31
C GLU A 113 6.16 -7.76 13.88
N MET A 114 7.37 -7.75 14.40
CA MET A 114 8.43 -8.64 13.93
C MET A 114 9.16 -9.29 15.06
N LEU A 115 9.64 -10.51 14.86
CA LEU A 115 10.39 -11.25 15.88
C LEU A 115 11.86 -11.26 15.47
N ALA A 116 12.69 -10.77 16.38
CA ALA A 116 14.13 -10.67 16.13
C ALA A 116 14.73 -12.07 15.90
N GLU A 117 15.86 -12.15 15.23
CA GLU A 117 16.53 -13.44 14.94
C GLU A 117 16.91 -14.17 16.21
ZN ZN B . -2.54 21.65 -11.74
N MET A 1 -1.08 -3.20 -10.77
CA MET A 1 -2.56 -3.02 -10.64
C MET A 1 -3.25 -4.30 -10.16
N HIS A 2 -2.83 -5.46 -10.68
CA HIS A 2 -3.48 -6.72 -10.31
C HIS A 2 -3.21 -7.01 -8.81
N GLU A 3 -4.20 -7.52 -8.08
CA GLU A 3 -4.03 -7.71 -6.62
C GLU A 3 -3.02 -8.79 -6.31
N TYR A 4 -3.00 -9.86 -7.08
CA TYR A 4 -2.03 -10.94 -6.85
C TYR A 4 -0.62 -10.45 -7.21
N SER A 5 -0.50 -9.53 -8.16
CA SER A 5 0.83 -9.03 -8.52
C SER A 5 1.40 -8.17 -7.41
N VAL A 6 0.54 -7.36 -6.79
CA VAL A 6 0.98 -6.48 -5.70
C VAL A 6 1.29 -7.29 -4.47
N VAL A 7 0.46 -8.26 -4.14
CA VAL A 7 0.68 -9.08 -2.97
C VAL A 7 1.93 -9.96 -3.17
N SER A 8 2.18 -10.43 -4.37
CA SER A 8 3.43 -11.17 -4.60
C SER A 8 4.64 -10.25 -4.33
N SER A 9 4.55 -8.95 -4.68
CA SER A 9 5.67 -8.05 -4.38
C SER A 9 5.67 -7.65 -2.90
N LEU A 10 4.52 -7.74 -2.25
CA LEU A 10 4.36 -7.39 -0.85
C LEU A 10 5.19 -8.36 -0.03
N ILE A 11 5.12 -9.63 -0.36
CA ILE A 11 5.83 -10.61 0.46
C ILE A 11 7.32 -10.35 0.38
N ALA A 12 7.82 -10.02 -0.79
CA ALA A 12 9.23 -9.71 -0.92
C ALA A 12 9.57 -8.40 -0.21
N LEU A 13 8.65 -7.46 -0.23
CA LEU A 13 8.87 -6.18 0.45
C LEU A 13 8.97 -6.41 1.95
N CYS A 14 8.13 -7.33 2.43
CA CYS A 14 8.10 -7.67 3.83
C CYS A 14 9.41 -8.35 4.15
N GLU A 15 9.87 -9.27 3.31
CA GLU A 15 11.13 -9.96 3.58
C GLU A 15 12.31 -8.98 3.52
N GLU A 16 12.33 -7.99 2.64
CA GLU A 16 13.50 -7.09 2.65
C GLU A 16 13.48 -6.20 3.89
N HIS A 17 12.31 -5.88 4.41
CA HIS A 17 12.23 -5.15 5.69
C HIS A 17 12.70 -6.06 6.79
N ALA A 18 12.47 -7.35 6.65
CA ALA A 18 12.94 -8.31 7.62
C ALA A 18 14.49 -8.26 7.62
N LYS A 19 15.13 -8.11 6.47
CA LYS A 19 16.59 -8.05 6.40
C LYS A 19 17.11 -6.78 7.06
N LYS A 20 16.36 -5.70 6.90
CA LYS A 20 16.77 -4.39 7.40
C LYS A 20 16.52 -4.31 8.91
N ASN A 21 15.60 -5.11 9.40
CA ASN A 21 15.28 -5.10 10.83
C ASN A 21 15.96 -6.26 11.54
N GLN A 22 16.60 -7.11 10.75
CA GLN A 22 17.28 -8.35 11.20
C GLN A 22 16.26 -9.15 11.97
N ALA A 23 15.05 -9.14 11.43
CA ALA A 23 13.93 -9.81 12.01
C ALA A 23 13.85 -11.19 11.35
N HIS A 24 13.53 -12.21 12.14
CA HIS A 24 13.42 -13.54 11.55
C HIS A 24 11.98 -13.95 11.24
N LYS A 25 11.02 -13.21 11.82
CA LYS A 25 9.63 -13.56 11.68
C LYS A 25 8.73 -12.31 11.81
N ILE A 26 7.73 -12.14 10.93
CA ILE A 26 6.84 -11.00 11.01
C ILE A 26 5.49 -11.47 11.60
N GLU A 27 5.08 -10.84 12.71
CA GLU A 27 3.81 -11.19 13.38
C GLU A 27 2.60 -10.45 12.84
N ARG A 28 2.75 -9.22 12.40
CA ARG A 28 1.62 -8.42 11.90
C ARG A 28 2.06 -7.46 10.82
N VAL A 29 1.27 -7.34 9.78
CA VAL A 29 1.53 -6.42 8.69
C VAL A 29 0.26 -5.64 8.56
N VAL A 30 0.32 -4.32 8.68
CA VAL A 30 -0.90 -3.52 8.48
C VAL A 30 -0.62 -2.70 7.23
N VAL A 31 -1.60 -2.66 6.35
CA VAL A 31 -1.44 -1.95 5.09
C VAL A 31 -2.56 -0.95 4.91
N GLY A 32 -2.36 -0.01 4.02
CA GLY A 32 -3.39 0.93 3.70
C GLY A 32 -3.70 0.68 2.24
N ILE A 33 -4.98 0.68 1.90
CA ILE A 33 -5.43 0.51 0.52
C ILE A 33 -6.38 1.70 0.40
N GLY A 34 -6.15 2.54 -0.60
CA GLY A 34 -6.95 3.74 -0.69
C GLY A 34 -8.37 3.60 -1.22
N GLU A 35 -9.14 4.65 -0.98
CA GLU A 35 -10.55 4.74 -1.33
C GLU A 35 -10.77 4.82 -2.83
N ARG A 36 -9.72 5.15 -3.57
CA ARG A 36 -9.78 5.22 -5.05
C ARG A 36 -8.84 4.20 -5.67
N SER A 37 -8.60 3.14 -4.93
CA SER A 37 -7.69 2.11 -5.38
C SER A 37 -8.23 1.26 -6.53
N ALA A 38 -7.30 0.75 -7.33
CA ALA A 38 -7.61 -0.12 -8.44
C ALA A 38 -7.62 -1.61 -7.96
N MET A 39 -7.69 -1.81 -6.65
CA MET A 39 -7.59 -3.13 -6.04
C MET A 39 -8.82 -3.53 -5.22
N ASP A 40 -9.30 -4.75 -5.43
CA ASP A 40 -10.42 -5.29 -4.63
C ASP A 40 -9.84 -5.76 -3.29
N LYS A 41 -10.47 -5.39 -2.18
CA LYS A 41 -9.99 -5.81 -0.86
C LYS A 41 -10.24 -7.29 -0.63
N SER A 42 -11.26 -7.86 -1.26
CA SER A 42 -11.57 -9.25 -1.04
C SER A 42 -10.54 -10.08 -1.74
N LEU A 43 -10.07 -9.64 -2.91
CA LEU A 43 -9.07 -10.39 -3.62
C LEU A 43 -7.73 -10.16 -2.99
N PHE A 44 -7.58 -9.01 -2.35
CA PHE A 44 -6.32 -8.72 -1.72
C PHE A 44 -6.10 -9.70 -0.56
N VAL A 45 -7.11 -9.87 0.28
CA VAL A 45 -6.95 -10.77 1.40
C VAL A 45 -6.89 -12.24 0.94
N SER A 46 -7.49 -12.56 -0.17
CA SER A 46 -7.45 -13.93 -0.67
C SER A 46 -6.03 -14.17 -1.19
N ALA A 47 -5.46 -13.17 -1.83
CA ALA A 47 -4.11 -13.27 -2.34
C ALA A 47 -3.11 -13.29 -1.17
N PHE A 48 -3.37 -12.58 -0.09
CA PHE A 48 -2.42 -12.61 1.01
C PHE A 48 -2.40 -13.98 1.63
N GLU A 49 -3.56 -14.60 1.74
CA GLU A 49 -3.60 -15.96 2.30
C GLU A 49 -2.89 -16.92 1.35
N THR A 50 -2.94 -16.64 0.04
CA THR A 50 -2.28 -17.49 -0.96
C THR A 50 -0.76 -17.32 -0.96
N PHE A 51 -0.26 -16.08 -0.90
CA PHE A 51 1.18 -15.81 -0.97
C PHE A 51 1.91 -15.87 0.36
N ARG A 52 1.25 -15.72 1.50
CA ARG A 52 1.93 -15.75 2.80
C ARG A 52 2.62 -17.11 3.03
N GLU A 53 2.10 -18.14 2.39
CA GLU A 53 2.60 -19.51 2.49
C GLU A 53 3.99 -19.64 1.87
N GLU A 54 4.32 -18.73 0.97
CA GLU A 54 5.59 -18.73 0.26
C GLU A 54 6.83 -18.56 1.17
N SER A 55 6.65 -17.95 2.35
CA SER A 55 7.76 -17.78 3.29
C SER A 55 7.29 -17.89 4.74
N LEU A 56 8.06 -18.56 5.58
CA LEU A 56 7.73 -18.71 7.01
C LEU A 56 7.68 -17.38 7.70
N VAL A 57 8.54 -16.48 7.22
CA VAL A 57 8.71 -15.13 7.78
C VAL A 57 7.36 -14.41 7.79
N CYS A 58 6.58 -14.56 6.74
CA CYS A 58 5.28 -13.90 6.63
C CYS A 58 4.05 -14.80 6.71
N LYS A 59 4.25 -16.10 6.83
CA LYS A 59 3.07 -17.05 6.86
C LYS A 59 2.07 -16.82 7.98
N ASP A 60 2.52 -16.47 9.18
CA ASP A 60 1.62 -16.33 10.31
C ASP A 60 1.31 -14.84 10.60
N ALA A 61 1.72 -13.99 9.66
CA ALA A 61 1.52 -12.53 9.84
C ALA A 61 0.04 -12.21 9.78
N ILE A 62 -0.40 -11.38 10.71
CA ILE A 62 -1.77 -10.91 10.75
C ILE A 62 -1.88 -9.79 9.72
N LEU A 63 -2.88 -9.84 8.87
CA LEU A 63 -3.08 -8.80 7.85
C LEU A 63 -4.26 -7.94 8.23
N ASP A 64 -4.11 -6.64 8.13
CA ASP A 64 -5.19 -5.71 8.46
C ASP A 64 -5.19 -4.54 7.48
N ILE A 65 -6.28 -4.28 6.80
CA ILE A 65 -6.40 -3.18 5.82
C ILE A 65 -7.02 -1.93 6.46
N VAL A 66 -6.34 -0.80 6.25
CA VAL A 66 -6.81 0.53 6.66
C VAL A 66 -7.26 1.23 5.39
N ASP A 67 -8.47 1.79 5.39
CA ASP A 67 -8.97 2.53 4.22
C ASP A 67 -8.30 3.90 4.27
N GLU A 68 -7.78 4.42 3.17
CA GLU A 68 -7.10 5.73 3.17
C GLU A 68 -7.49 6.68 2.05
N LYS A 69 -7.34 7.96 2.34
CA LYS A 69 -7.55 9.02 1.36
C LYS A 69 -6.30 9.13 0.47
N VAL A 70 -6.51 9.45 -0.78
CA VAL A 70 -5.47 9.57 -1.80
C VAL A 70 -4.49 10.74 -1.63
N GLU A 71 -3.30 10.56 -2.21
CA GLU A 71 -2.28 11.64 -2.35
C GLU A 71 -2.25 11.93 -3.85
N LEU A 72 -2.16 13.21 -4.22
CA LEU A 72 -2.13 13.60 -5.64
C LEU A 72 -0.86 14.35 -5.98
N GLU A 73 -0.39 14.12 -7.18
CA GLU A 73 0.80 14.77 -7.72
C GLU A 73 0.38 15.38 -9.00
N CYS A 74 0.90 16.55 -9.32
CA CYS A 74 0.66 17.21 -10.57
C CYS A 74 1.87 17.10 -11.48
N LYS A 75 1.63 17.07 -12.79
CA LYS A 75 2.72 17.08 -13.77
C LYS A 75 3.36 18.41 -13.46
N ASP A 76 4.68 18.49 -13.50
CA ASP A 76 5.40 19.56 -12.80
C ASP A 76 5.01 21.04 -12.97
N CYS A 77 4.16 21.37 -12.01
CA CYS A 77 3.73 22.69 -11.58
C CYS A 77 3.48 22.27 -10.11
N SER A 78 4.48 21.63 -9.50
CA SER A 78 4.31 20.77 -8.32
C SER A 78 3.71 21.39 -7.06
N HIS A 79 2.81 20.59 -6.49
CA HIS A 79 1.90 20.96 -5.38
C HIS A 79 1.66 19.82 -4.33
N VAL A 80 2.45 18.76 -4.36
CA VAL A 80 1.96 17.43 -3.96
C VAL A 80 1.61 17.29 -2.50
N PHE A 81 0.43 16.73 -2.32
CA PHE A 81 -0.34 16.79 -1.06
C PHE A 81 -1.45 15.75 -1.05
N LYS A 82 -2.16 15.63 0.06
CA LYS A 82 -3.38 14.78 0.12
C LYS A 82 -4.57 15.77 0.04
N PRO A 83 -5.49 15.62 -0.94
CA PRO A 83 -6.59 16.58 -0.97
C PRO A 83 -7.56 16.42 0.18
N ASN A 84 -8.15 17.53 0.59
CA ASN A 84 -9.13 17.59 1.70
C ASN A 84 -10.50 18.01 1.18
N ALA A 85 -10.64 18.10 -0.13
CA ALA A 85 -11.89 18.60 -0.77
C ALA A 85 -12.19 17.90 -2.09
N LEU A 86 -13.37 18.22 -2.61
CA LEU A 86 -13.92 17.67 -3.83
C LEU A 86 -13.18 18.14 -5.09
N ASP A 87 -12.11 18.89 -4.94
CA ASP A 87 -11.34 19.37 -6.10
C ASP A 87 -10.36 18.33 -6.62
N TYR A 88 -10.78 17.08 -6.56
CA TYR A 88 -9.98 15.96 -7.09
C TYR A 88 -9.84 16.08 -8.61
N GLY A 89 -8.68 15.69 -9.13
CA GLY A 89 -8.45 15.69 -10.57
C GLY A 89 -7.81 16.95 -11.12
N VAL A 90 -7.59 17.92 -10.26
CA VAL A 90 -6.91 19.18 -10.65
C VAL A 90 -5.96 19.48 -9.51
N CYS A 91 -5.01 20.37 -9.78
CA CYS A 91 -4.07 20.80 -8.80
C CYS A 91 -4.84 21.75 -7.82
N GLU A 92 -4.35 22.05 -6.60
CA GLU A 92 -5.06 23.08 -5.78
C GLU A 92 -4.22 24.37 -5.60
N LYS A 93 -2.89 24.23 -5.46
CA LYS A 93 -1.96 25.36 -5.27
C LYS A 93 -1.93 26.22 -6.57
N CYS A 94 -2.03 25.45 -7.63
CA CYS A 94 -2.07 25.81 -9.02
C CYS A 94 -3.34 25.01 -9.36
N HIS A 95 -3.96 25.17 -10.52
CA HIS A 95 -5.19 24.38 -10.85
C HIS A 95 -5.11 23.77 -12.25
N SER A 96 -3.94 23.27 -12.57
CA SER A 96 -3.71 22.64 -13.87
C SER A 96 -4.43 21.32 -13.93
N LYS A 97 -4.89 20.96 -15.11
CA LYS A 97 -5.45 19.66 -15.39
C LYS A 97 -4.24 18.75 -15.54
N ASN A 98 -4.47 17.46 -15.46
CA ASN A 98 -3.45 16.40 -15.55
C ASN A 98 -2.64 16.28 -14.27
N VAL A 99 -3.25 15.58 -13.32
CA VAL A 99 -2.66 15.23 -12.05
C VAL A 99 -2.80 13.74 -12.00
N ILE A 100 -2.05 13.09 -11.16
CA ILE A 100 -2.10 11.65 -11.01
C ILE A 100 -2.23 11.35 -9.52
N ILE A 101 -2.63 10.14 -9.21
CA ILE A 101 -2.76 9.69 -7.84
C ILE A 101 -1.48 8.91 -7.58
N THR A 102 -0.76 9.30 -6.56
CA THR A 102 0.48 8.60 -6.24
C THR A 102 0.34 7.71 -5.03
N GLN A 103 -0.63 7.95 -4.20
CA GLN A 103 -0.86 7.06 -3.09
C GLN A 103 -2.35 6.91 -2.98
N GLY A 104 -2.80 5.74 -2.55
CA GLY A 104 -4.21 5.48 -2.42
C GLY A 104 -4.84 4.89 -3.67
N ASN A 105 -4.03 4.67 -4.70
CA ASN A 105 -4.50 4.08 -5.97
C ASN A 105 -4.19 2.59 -5.89
N GLU A 106 -3.22 2.28 -5.03
CA GLU A 106 -2.75 0.92 -4.81
C GLU A 106 -2.37 0.80 -3.32
N MET A 107 -1.92 -0.38 -2.94
CA MET A 107 -1.51 -0.67 -1.55
C MET A 107 -0.26 0.10 -1.08
N ARG A 108 -0.22 0.39 0.23
CA ARG A 108 0.95 1.00 0.92
C ARG A 108 1.18 0.24 2.25
N LEU A 109 2.42 0.10 2.69
CA LEU A 109 2.66 -0.49 4.01
C LEU A 109 2.60 0.61 5.04
N LEU A 110 1.92 0.38 6.17
CA LEU A 110 1.89 1.41 7.22
C LEU A 110 2.80 1.03 8.41
N SER A 111 2.75 -0.22 8.85
CA SER A 111 3.54 -0.66 10.00
C SER A 111 3.67 -2.19 10.02
N LEU A 112 4.75 -2.70 10.56
CA LEU A 112 4.98 -4.15 10.70
C LEU A 112 5.41 -4.46 12.14
N GLU A 113 4.92 -5.54 12.70
CA GLU A 113 5.32 -6.01 14.01
C GLU A 113 6.27 -7.18 13.70
N MET A 114 7.48 -7.13 14.20
CA MET A 114 8.52 -8.08 13.77
C MET A 114 9.33 -8.63 14.95
N LEU A 115 9.78 -9.87 14.88
CA LEU A 115 10.56 -10.48 15.96
C LEU A 115 12.02 -10.56 15.59
N ALA A 116 12.90 -10.15 16.50
CA ALA A 116 14.32 -10.09 16.22
C ALA A 116 14.90 -11.51 16.07
N GLU A 117 15.96 -11.64 15.28
CA GLU A 117 16.62 -12.93 15.03
C GLU A 117 17.31 -13.54 16.27
ZN ZN B . -0.03 21.57 -10.49
N MET A 1 -0.56 -3.63 -10.40
CA MET A 1 -2.02 -3.29 -10.36
C MET A 1 -2.85 -4.44 -9.83
N HIS A 2 -2.67 -5.64 -10.37
CA HIS A 2 -3.50 -6.78 -10.00
C HIS A 2 -3.14 -7.17 -8.56
N GLU A 3 -4.11 -7.61 -7.77
CA GLU A 3 -3.84 -7.84 -6.33
C GLU A 3 -2.86 -8.95 -6.15
N TYR A 4 -2.96 -10.03 -6.92
CA TYR A 4 -2.03 -11.14 -6.77
C TYR A 4 -0.60 -10.74 -7.16
N SER A 5 -0.42 -9.82 -8.09
CA SER A 5 0.95 -9.41 -8.44
C SER A 5 1.54 -8.49 -7.36
N VAL A 6 0.71 -7.64 -6.77
CA VAL A 6 1.19 -6.73 -5.73
C VAL A 6 1.54 -7.55 -4.50
N VAL A 7 0.72 -8.53 -4.15
CA VAL A 7 1.01 -9.36 -3.00
C VAL A 7 2.26 -10.21 -3.22
N SER A 8 2.46 -10.69 -4.43
CA SER A 8 3.65 -11.48 -4.65
C SER A 8 4.90 -10.62 -4.44
N SER A 9 4.90 -9.35 -4.85
CA SER A 9 6.05 -8.50 -4.59
C SER A 9 6.06 -8.06 -3.13
N LEU A 10 4.90 -8.10 -2.47
CA LEU A 10 4.77 -7.69 -1.07
C LEU A 10 5.51 -8.62 -0.18
N ILE A 11 5.44 -9.90 -0.44
CA ILE A 11 6.11 -10.87 0.43
C ILE A 11 7.60 -10.56 0.44
N ALA A 12 8.16 -10.21 -0.73
CA ALA A 12 9.59 -9.89 -0.78
C ALA A 12 9.87 -8.56 -0.05
N LEU A 13 8.94 -7.61 -0.13
CA LEU A 13 9.11 -6.33 0.52
C LEU A 13 9.09 -6.52 2.03
N CYS A 14 8.23 -7.42 2.47
CA CYS A 14 8.14 -7.76 3.87
C CYS A 14 9.42 -8.44 4.29
N GLU A 15 9.97 -9.31 3.45
CA GLU A 15 11.23 -9.96 3.79
C GLU A 15 12.36 -8.96 3.86
N GLU A 16 12.43 -7.98 3.00
CA GLU A 16 13.55 -7.04 3.09
C GLU A 16 13.41 -6.23 4.33
N HIS A 17 12.20 -5.92 4.74
CA HIS A 17 12.03 -5.21 6.00
C HIS A 17 12.47 -6.11 7.16
N ALA A 18 12.24 -7.41 7.04
CA ALA A 18 12.70 -8.33 8.09
C ALA A 18 14.23 -8.27 8.17
N LYS A 19 14.90 -8.14 7.04
CA LYS A 19 16.35 -8.02 7.05
C LYS A 19 16.77 -6.72 7.71
N LYS A 20 16.03 -5.66 7.44
CA LYS A 20 16.33 -4.32 7.98
C LYS A 20 16.09 -4.30 9.49
N ASN A 21 15.15 -5.08 9.96
CA ASN A 21 14.82 -5.05 11.39
C ASN A 21 15.43 -6.23 12.14
N GLN A 22 16.26 -7.00 11.44
CA GLN A 22 16.92 -8.18 12.01
C GLN A 22 15.87 -9.02 12.68
N ALA A 23 14.78 -9.22 11.95
CA ALA A 23 13.65 -9.97 12.46
C ALA A 23 13.51 -11.24 11.63
N HIS A 24 13.09 -12.32 12.25
CA HIS A 24 12.99 -13.59 11.54
C HIS A 24 11.57 -14.02 11.19
N LYS A 25 10.59 -13.37 11.82
CA LYS A 25 9.16 -13.76 11.67
C LYS A 25 8.27 -12.55 11.93
N ILE A 26 7.28 -12.32 11.09
CA ILE A 26 6.37 -11.21 11.25
C ILE A 26 5.01 -11.67 11.79
N GLU A 27 4.54 -11.09 12.88
CA GLU A 27 3.22 -11.43 13.45
C GLU A 27 2.06 -10.66 12.79
N ARG A 28 2.31 -9.41 12.40
CA ARG A 28 1.25 -8.58 11.83
C ARG A 28 1.79 -7.62 10.78
N VAL A 29 1.06 -7.44 9.72
CA VAL A 29 1.40 -6.51 8.68
C VAL A 29 0.21 -5.62 8.48
N VAL A 30 0.36 -4.30 8.59
CA VAL A 30 -0.77 -3.45 8.37
C VAL A 30 -0.40 -2.62 7.14
N VAL A 31 -1.36 -2.44 6.25
CA VAL A 31 -1.15 -1.77 4.98
C VAL A 31 -2.17 -0.66 4.84
N GLY A 32 -1.91 0.25 3.92
CA GLY A 32 -2.84 1.29 3.62
C GLY A 32 -3.16 1.12 2.18
N ILE A 33 -4.45 1.16 1.84
CA ILE A 33 -4.88 1.02 0.46
C ILE A 33 -5.62 2.30 0.20
N GLY A 34 -5.27 2.96 -0.90
CA GLY A 34 -5.91 4.21 -1.22
C GLY A 34 -7.37 3.94 -1.54
N GLU A 35 -8.23 4.87 -1.14
CA GLU A 35 -9.66 4.72 -1.31
C GLU A 35 -10.06 4.75 -2.79
N ARG A 36 -9.16 5.26 -3.63
CA ARG A 36 -9.36 5.29 -5.10
C ARG A 36 -8.34 4.43 -5.81
N SER A 37 -7.86 3.41 -5.13
CA SER A 37 -6.86 2.50 -5.71
C SER A 37 -7.47 1.58 -6.78
N ALA A 38 -6.62 1.14 -7.68
CA ALA A 38 -6.95 0.22 -8.76
C ALA A 38 -7.05 -1.22 -8.20
N MET A 39 -7.11 -1.34 -6.87
CA MET A 39 -7.10 -2.62 -6.18
C MET A 39 -8.35 -2.85 -5.33
N ASP A 40 -8.83 -4.10 -5.38
CA ASP A 40 -9.98 -4.50 -4.50
C ASP A 40 -9.42 -5.01 -3.17
N LYS A 41 -10.04 -4.64 -2.06
CA LYS A 41 -9.57 -4.99 -0.75
C LYS A 41 -9.84 -6.43 -0.42
N SER A 42 -10.92 -6.98 -0.96
CA SER A 42 -11.33 -8.35 -0.67
C SER A 42 -10.41 -9.30 -1.41
N LEU A 43 -10.05 -8.96 -2.64
CA LEU A 43 -9.15 -9.81 -3.39
C LEU A 43 -7.75 -9.66 -2.84
N PHE A 44 -7.44 -8.51 -2.27
CA PHE A 44 -6.11 -8.32 -1.70
C PHE A 44 -5.90 -9.24 -0.47
N VAL A 45 -6.89 -9.37 0.40
CA VAL A 45 -6.69 -10.21 1.57
C VAL A 45 -6.73 -11.67 1.17
N SER A 46 -7.40 -11.98 0.05
CA SER A 46 -7.46 -13.36 -0.40
C SER A 46 -6.10 -13.75 -0.98
N ALA A 47 -5.50 -12.81 -1.69
CA ALA A 47 -4.20 -13.06 -2.30
C ALA A 47 -3.12 -13.16 -1.22
N PHE A 48 -3.26 -12.42 -0.13
CA PHE A 48 -2.25 -12.47 0.96
C PHE A 48 -2.26 -13.82 1.61
N GLU A 49 -3.43 -14.40 1.78
CA GLU A 49 -3.53 -15.74 2.37
C GLU A 49 -2.91 -16.75 1.37
N THR A 50 -3.04 -16.50 0.07
CA THR A 50 -2.52 -17.42 -0.95
C THR A 50 -0.96 -17.40 -0.98
N PHE A 51 -0.37 -16.21 -0.94
CA PHE A 51 1.10 -16.07 -0.94
C PHE A 51 1.82 -16.18 0.40
N ARG A 52 1.20 -15.94 1.52
CA ARG A 52 1.95 -15.92 2.77
C ARG A 52 2.65 -17.26 3.06
N GLU A 53 2.08 -18.36 2.60
CA GLU A 53 2.67 -19.70 2.82
C GLU A 53 4.04 -19.84 2.11
N GLU A 54 4.31 -19.03 1.09
CA GLU A 54 5.56 -19.08 0.34
C GLU A 54 6.77 -18.73 1.19
N SER A 55 6.56 -18.04 2.31
CA SER A 55 7.67 -17.68 3.22
C SER A 55 7.29 -17.81 4.69
N LEU A 56 8.19 -18.40 5.47
CA LEU A 56 8.01 -18.58 6.92
C LEU A 56 7.82 -17.20 7.54
N VAL A 57 8.57 -16.25 7.01
CA VAL A 57 8.59 -14.89 7.55
C VAL A 57 7.19 -14.28 7.60
N CYS A 58 6.37 -14.59 6.59
CA CYS A 58 5.02 -14.02 6.50
C CYS A 58 3.88 -15.03 6.73
N LYS A 59 4.20 -16.31 6.91
CA LYS A 59 3.20 -17.37 6.97
C LYS A 59 2.12 -17.19 7.99
N ASP A 60 2.47 -16.72 9.17
CA ASP A 60 1.44 -16.57 10.21
C ASP A 60 1.01 -15.12 10.36
N ALA A 61 1.45 -14.22 9.49
CA ALA A 61 1.13 -12.80 9.64
C ALA A 61 -0.36 -12.47 9.46
N ILE A 62 -0.83 -11.55 10.28
CA ILE A 62 -2.21 -11.06 10.23
C ILE A 62 -2.15 -9.82 9.34
N LEU A 63 -2.97 -9.77 8.31
CA LEU A 63 -2.96 -8.65 7.40
C LEU A 63 -4.14 -7.75 7.75
N ASP A 64 -3.92 -6.48 7.96
CA ASP A 64 -4.98 -5.49 8.24
C ASP A 64 -4.87 -4.37 7.21
N ILE A 65 -6.00 -3.78 6.86
CA ILE A 65 -6.05 -2.67 5.91
C ILE A 65 -6.62 -1.43 6.56
N VAL A 66 -5.90 -0.32 6.36
CA VAL A 66 -6.31 1.01 6.81
C VAL A 66 -6.66 1.82 5.58
N ASP A 67 -7.83 2.40 5.52
CA ASP A 67 -8.21 3.16 4.33
C ASP A 67 -7.41 4.45 4.36
N GLU A 68 -6.88 4.87 3.20
CA GLU A 68 -6.11 6.11 3.13
C GLU A 68 -6.48 6.97 1.93
N LYS A 69 -6.31 8.30 2.07
CA LYS A 69 -6.56 9.25 0.96
C LYS A 69 -5.36 9.19 0.01
N VAL A 70 -5.66 9.33 -1.28
CA VAL A 70 -4.64 9.24 -2.31
C VAL A 70 -3.85 10.54 -2.39
N GLU A 71 -2.64 10.48 -2.90
CA GLU A 71 -1.78 11.69 -3.08
C GLU A 71 -1.92 12.06 -4.54
N LEU A 72 -2.00 13.34 -4.83
CA LEU A 72 -2.19 13.82 -6.20
C LEU A 72 -1.07 14.75 -6.66
N GLU A 73 -0.82 14.63 -7.95
CA GLU A 73 0.14 15.45 -8.67
C GLU A 73 -0.65 16.04 -9.80
N CYS A 74 -0.31 17.26 -10.16
CA CYS A 74 -1.01 17.95 -11.26
C CYS A 74 -0.01 17.85 -12.41
N LYS A 75 -0.48 17.58 -13.62
CA LYS A 75 0.40 17.51 -14.79
C LYS A 75 1.10 18.89 -14.84
N ASP A 76 2.29 19.00 -15.42
CA ASP A 76 3.32 19.95 -14.91
C ASP A 76 2.86 21.32 -14.39
N CYS A 77 2.71 21.30 -13.10
CA CYS A 77 2.28 22.34 -12.19
C CYS A 77 2.83 21.82 -10.85
N SER A 78 3.98 22.24 -10.38
CA SER A 78 4.51 21.60 -9.15
C SER A 78 3.83 22.08 -7.91
N HIS A 79 2.93 21.24 -7.47
CA HIS A 79 2.01 21.41 -6.35
C HIS A 79 1.74 20.19 -5.49
N VAL A 80 2.51 19.12 -5.55
CA VAL A 80 1.98 17.78 -5.21
C VAL A 80 1.72 17.65 -3.70
N PHE A 81 0.54 17.11 -3.41
CA PHE A 81 -0.10 17.19 -2.10
C PHE A 81 -1.07 16.05 -1.87
N LYS A 82 -1.58 15.92 -0.63
CA LYS A 82 -2.65 14.95 -0.36
C LYS A 82 -3.97 15.63 -0.04
N PRO A 83 -4.98 15.47 -0.92
CA PRO A 83 -6.28 16.06 -0.54
C PRO A 83 -6.92 15.32 0.66
N ASN A 84 -7.70 16.04 1.44
CA ASN A 84 -8.42 15.49 2.61
C ASN A 84 -9.77 16.21 2.67
N ALA A 85 -10.29 16.50 1.50
CA ALA A 85 -11.55 17.21 1.35
C ALA A 85 -12.13 16.69 0.03
N LEU A 86 -13.36 17.09 -0.25
CA LEU A 86 -14.08 16.63 -1.43
C LEU A 86 -13.53 17.17 -2.76
N ASP A 87 -12.44 17.93 -2.70
CA ASP A 87 -11.81 18.57 -3.85
C ASP A 87 -10.89 17.61 -4.65
N TYR A 88 -11.13 16.31 -4.49
CA TYR A 88 -10.38 15.30 -5.23
C TYR A 88 -10.49 15.48 -6.74
N GLY A 89 -9.43 15.14 -7.43
CA GLY A 89 -9.40 15.13 -8.89
C GLY A 89 -8.90 16.37 -9.58
N VAL A 90 -8.57 17.41 -8.83
CA VAL A 90 -8.04 18.65 -9.38
C VAL A 90 -6.86 19.05 -8.50
N CYS A 91 -6.05 19.97 -9.00
CA CYS A 91 -4.92 20.52 -8.26
C CYS A 91 -5.49 21.45 -7.15
N GLU A 92 -4.75 21.70 -6.09
CA GLU A 92 -5.22 22.54 -5.01
C GLU A 92 -4.86 24.04 -5.18
N LYS A 93 -3.81 24.37 -5.92
CA LYS A 93 -3.43 25.80 -6.11
C LYS A 93 -3.68 26.33 -7.54
N CYS A 94 -4.07 25.44 -8.44
CA CYS A 94 -4.74 25.82 -9.67
C CYS A 94 -5.86 24.81 -9.51
N HIS A 95 -6.97 24.92 -10.20
CA HIS A 95 -8.03 23.92 -10.02
C HIS A 95 -8.21 23.26 -11.35
N SER A 96 -7.12 23.13 -12.09
CA SER A 96 -7.14 22.52 -13.40
C SER A 96 -7.38 21.02 -13.26
N LYS A 97 -8.18 20.49 -14.16
CA LYS A 97 -8.38 19.05 -14.23
C LYS A 97 -7.18 18.48 -14.94
N ASN A 98 -7.00 17.17 -14.80
CA ASN A 98 -5.92 16.36 -15.32
C ASN A 98 -4.78 16.36 -14.34
N VAL A 99 -4.98 15.53 -13.33
CA VAL A 99 -4.04 15.29 -12.28
C VAL A 99 -3.86 13.78 -12.26
N ILE A 100 -2.81 13.32 -11.63
CA ILE A 100 -2.54 11.90 -11.54
C ILE A 100 -2.37 11.57 -10.09
N ILE A 101 -2.53 10.30 -9.77
CA ILE A 101 -2.37 9.80 -8.42
C ILE A 101 -0.97 9.27 -8.33
N THR A 102 -0.19 9.77 -7.39
CA THR A 102 1.19 9.30 -7.22
C THR A 102 1.25 8.22 -6.18
N GLN A 103 0.43 8.30 -5.17
CA GLN A 103 0.39 7.31 -4.10
C GLN A 103 -1.08 7.01 -3.74
N GLY A 104 -1.32 5.77 -3.36
CA GLY A 104 -2.66 5.32 -3.02
C GLY A 104 -3.39 4.79 -4.25
N ASN A 105 -2.74 4.79 -5.41
CA ASN A 105 -3.33 4.22 -6.60
C ASN A 105 -3.17 2.71 -6.45
N GLU A 106 -2.26 2.35 -5.58
CA GLU A 106 -1.91 0.98 -5.26
C GLU A 106 -1.62 0.96 -3.74
N MET A 107 -1.55 -0.24 -3.21
CA MET A 107 -1.30 -0.49 -1.78
C MET A 107 0.12 -0.06 -1.33
N ARG A 108 0.24 0.37 -0.06
CA ARG A 108 1.49 0.79 0.58
C ARG A 108 1.58 0.16 1.98
N LEU A 109 2.75 -0.30 2.41
CA LEU A 109 2.93 -0.85 3.76
C LEU A 109 2.96 0.30 4.77
N LEU A 110 2.25 0.14 5.91
CA LEU A 110 2.30 1.20 6.94
C LEU A 110 3.21 0.81 8.12
N SER A 111 3.06 -0.41 8.64
CA SER A 111 3.86 -0.89 9.78
C SER A 111 3.88 -2.41 9.85
N LEU A 112 4.94 -2.97 10.42
CA LEU A 112 5.04 -4.44 10.59
C LEU A 112 5.32 -4.72 12.08
N GLU A 113 4.62 -5.68 12.65
CA GLU A 113 4.91 -6.10 14.04
C GLU A 113 5.73 -7.40 13.90
N MET A 114 6.94 -7.45 14.46
CA MET A 114 7.94 -8.47 14.11
C MET A 114 8.67 -9.07 15.30
N LEU A 115 9.13 -10.32 15.17
CA LEU A 115 9.89 -10.99 16.24
C LEU A 115 11.36 -10.95 15.86
N ALA A 116 12.21 -10.48 16.76
CA ALA A 116 13.64 -10.38 16.47
C ALA A 116 14.30 -11.74 16.29
N GLU A 117 15.33 -11.77 15.47
CA GLU A 117 16.09 -13.00 15.22
C GLU A 117 16.95 -13.37 16.42
ZN ZN B . -2.10 22.39 -10.71
N MET A 1 0.85 -3.06 -9.48
CA MET A 1 -0.53 -2.46 -9.59
C MET A 1 -1.63 -3.54 -9.45
N HIS A 2 -1.45 -4.67 -10.13
CA HIS A 2 -2.42 -5.81 -10.10
C HIS A 2 -2.35 -6.48 -8.70
N GLU A 3 -3.43 -7.07 -8.18
CA GLU A 3 -3.42 -7.59 -6.81
C GLU A 3 -2.46 -8.70 -6.54
N TYR A 4 -2.44 -9.67 -7.41
CA TYR A 4 -1.54 -10.79 -7.15
C TYR A 4 -0.08 -10.33 -7.34
N SER A 5 0.16 -9.33 -8.20
CA SER A 5 1.54 -8.83 -8.37
C SER A 5 1.98 -8.04 -7.13
N VAL A 6 1.07 -7.28 -6.54
CA VAL A 6 1.39 -6.49 -5.37
C VAL A 6 1.63 -7.42 -4.21
N VAL A 7 0.76 -8.41 -4.05
CA VAL A 7 0.94 -9.33 -2.93
C VAL A 7 2.18 -10.20 -3.17
N SER A 8 2.51 -10.54 -4.42
CA SER A 8 3.71 -11.31 -4.69
C SER A 8 4.94 -10.44 -4.30
N SER A 9 4.87 -9.14 -4.55
CA SER A 9 5.99 -8.27 -4.19
C SER A 9 6.00 -7.98 -2.70
N LEU A 10 4.85 -8.08 -2.07
CA LEU A 10 4.73 -7.91 -0.63
C LEU A 10 5.55 -8.96 0.09
N ILE A 11 5.61 -10.17 -0.46
CA ILE A 11 6.39 -11.20 0.20
C ILE A 11 7.83 -10.77 0.27
N ALA A 12 8.38 -10.26 -0.83
CA ALA A 12 9.78 -9.86 -0.84
C ALA A 12 9.99 -8.64 0.03
N LEU A 13 9.00 -7.76 0.04
CA LEU A 13 9.05 -6.56 0.88
C LEU A 13 9.05 -6.97 2.36
N CYS A 14 8.25 -7.97 2.69
CA CYS A 14 8.21 -8.45 4.07
C CYS A 14 9.55 -9.08 4.40
N GLU A 15 10.11 -9.85 3.48
CA GLU A 15 11.41 -10.46 3.73
C GLU A 15 12.50 -9.43 3.81
N GLU A 16 12.47 -8.35 3.04
CA GLU A 16 13.55 -7.38 3.14
C GLU A 16 13.48 -6.71 4.50
N HIS A 17 12.27 -6.51 5.02
CA HIS A 17 12.13 -5.89 6.33
C HIS A 17 12.66 -6.87 7.35
N ALA A 18 12.48 -8.16 7.11
CA ALA A 18 12.98 -9.17 8.02
C ALA A 18 14.49 -9.07 8.10
N LYS A 19 15.13 -8.78 6.99
CA LYS A 19 16.60 -8.62 6.98
C LYS A 19 17.05 -7.32 7.63
N LYS A 20 16.26 -6.26 7.48
CA LYS A 20 16.59 -4.96 8.04
C LYS A 20 16.40 -4.94 9.55
N ASN A 21 15.49 -5.80 10.00
CA ASN A 21 15.12 -5.90 11.41
C ASN A 21 15.86 -7.04 12.06
N GLN A 22 16.46 -7.90 11.23
CA GLN A 22 17.21 -9.04 11.69
C GLN A 22 16.20 -9.89 12.51
N ALA A 23 15.01 -10.02 11.93
CA ALA A 23 13.89 -10.74 12.53
C ALA A 23 13.60 -11.94 11.64
N HIS A 24 13.17 -13.05 12.22
CA HIS A 24 12.99 -14.26 11.43
C HIS A 24 11.53 -14.56 11.10
N LYS A 25 10.60 -13.88 11.78
CA LYS A 25 9.17 -14.18 11.61
C LYS A 25 8.29 -12.93 11.88
N ILE A 26 7.30 -12.68 11.04
CA ILE A 26 6.40 -11.54 11.15
C ILE A 26 5.01 -11.97 11.65
N GLU A 27 4.56 -11.40 12.76
CA GLU A 27 3.24 -11.74 13.32
C GLU A 27 2.07 -10.89 12.82
N ARG A 28 2.30 -9.63 12.47
CA ARG A 28 1.23 -8.76 12.01
C ARG A 28 1.80 -7.78 10.98
N VAL A 29 1.03 -7.54 9.94
CA VAL A 29 1.35 -6.55 8.91
C VAL A 29 0.10 -5.70 8.78
N VAL A 30 0.25 -4.40 8.89
CA VAL A 30 -0.90 -3.52 8.61
C VAL A 30 -0.49 -2.78 7.36
N VAL A 31 -1.44 -2.53 6.47
CA VAL A 31 -1.09 -1.91 5.17
C VAL A 31 -1.90 -0.66 4.99
N GLY A 32 -1.39 0.24 4.16
CA GLY A 32 -2.13 1.45 3.83
C GLY A 32 -2.41 1.38 2.37
N ILE A 33 -3.67 1.31 1.99
CA ILE A 33 -4.06 1.17 0.59
C ILE A 33 -4.81 2.48 0.31
N GLY A 34 -4.44 3.20 -0.72
CA GLY A 34 -5.05 4.48 -0.99
C GLY A 34 -6.51 4.37 -1.33
N GLU A 35 -7.21 5.39 -0.89
CA GLU A 35 -8.65 5.50 -1.04
C GLU A 35 -9.04 5.65 -2.53
N ARG A 36 -8.09 6.04 -3.38
CA ARG A 36 -8.32 6.10 -4.82
C ARG A 36 -7.41 5.12 -5.55
N SER A 37 -6.88 4.15 -4.83
CA SER A 37 -5.97 3.21 -5.46
C SER A 37 -6.73 2.32 -6.43
N ALA A 38 -6.01 1.76 -7.39
CA ALA A 38 -6.58 0.87 -8.38
C ALA A 38 -6.88 -0.49 -7.73
N MET A 39 -6.48 -0.65 -6.49
CA MET A 39 -6.59 -1.90 -5.83
C MET A 39 -7.97 -2.32 -5.31
N ASP A 40 -8.21 -3.61 -5.43
CA ASP A 40 -9.44 -4.25 -4.96
C ASP A 40 -9.16 -4.95 -3.63
N LYS A 41 -9.77 -4.46 -2.56
CA LYS A 41 -9.55 -5.05 -1.22
C LYS A 41 -10.07 -6.46 -1.05
N SER A 42 -11.11 -6.82 -1.78
CA SER A 42 -11.70 -8.16 -1.66
C SER A 42 -10.74 -9.21 -2.21
N LEU A 43 -10.07 -8.89 -3.32
CA LEU A 43 -9.09 -9.81 -3.90
C LEU A 43 -7.78 -9.73 -3.16
N PHE A 44 -7.52 -8.59 -2.54
CA PHE A 44 -6.27 -8.41 -1.82
C PHE A 44 -6.22 -9.33 -0.62
N VAL A 45 -7.33 -9.43 0.11
CA VAL A 45 -7.33 -10.26 1.30
C VAL A 45 -7.28 -11.73 0.92
N SER A 46 -7.75 -12.04 -0.28
CA SER A 46 -7.73 -13.44 -0.76
C SER A 46 -6.29 -13.82 -1.17
N ALA A 47 -5.60 -12.90 -1.85
CA ALA A 47 -4.25 -13.12 -2.34
C ALA A 47 -3.25 -13.18 -1.19
N PHE A 48 -3.56 -12.42 -0.15
CA PHE A 48 -2.72 -12.36 1.03
C PHE A 48 -2.65 -13.74 1.68
N GLU A 49 -3.74 -14.51 1.59
CA GLU A 49 -3.73 -15.84 2.17
C GLU A 49 -2.88 -16.81 1.35
N THR A 50 -2.92 -16.64 0.03
CA THR A 50 -2.26 -17.52 -0.93
C THR A 50 -0.75 -17.42 -1.03
N PHE A 51 -0.19 -16.23 -1.07
CA PHE A 51 1.27 -16.14 -1.25
C PHE A 51 2.12 -16.26 0.00
N ARG A 52 1.58 -16.03 1.17
CA ARG A 52 2.38 -15.98 2.38
C ARG A 52 2.77 -17.31 2.93
N GLU A 53 2.04 -18.37 2.58
CA GLU A 53 2.38 -19.71 3.05
C GLU A 53 3.71 -20.18 2.45
N GLU A 54 4.05 -19.59 1.33
CA GLU A 54 5.29 -19.91 0.59
C GLU A 54 6.55 -19.51 1.38
N SER A 55 6.39 -18.69 2.41
CA SER A 55 7.50 -18.25 3.22
C SER A 55 7.17 -18.26 4.72
N LEU A 56 8.03 -18.88 5.52
CA LEU A 56 7.81 -19.02 6.97
C LEU A 56 7.72 -17.64 7.60
N VAL A 57 8.53 -16.74 7.10
CA VAL A 57 8.59 -15.37 7.60
C VAL A 57 7.24 -14.68 7.53
N CYS A 58 6.52 -14.94 6.47
CA CYS A 58 5.23 -14.29 6.23
C CYS A 58 3.99 -15.09 6.61
N LYS A 59 4.15 -16.39 6.82
CA LYS A 59 2.99 -17.32 6.91
C LYS A 59 1.94 -17.11 8.00
N ASP A 60 2.33 -16.72 9.20
CA ASP A 60 1.31 -16.55 10.27
C ASP A 60 0.87 -15.09 10.50
N ALA A 61 1.25 -14.20 9.60
CA ALA A 61 0.98 -12.80 9.80
C ALA A 61 -0.54 -12.40 9.74
N ILE A 62 -0.92 -11.55 10.67
CA ILE A 62 -2.27 -10.98 10.78
C ILE A 62 -2.38 -9.76 9.85
N LEU A 63 -3.47 -9.63 9.11
CA LEU A 63 -3.64 -8.53 8.15
C LEU A 63 -4.81 -7.61 8.46
N ASP A 64 -4.55 -6.31 8.37
CA ASP A 64 -5.52 -5.24 8.63
C ASP A 64 -5.24 -4.13 7.63
N ILE A 65 -6.25 -3.77 6.81
CA ILE A 65 -6.09 -2.70 5.77
C ILE A 65 -6.59 -1.38 6.30
N VAL A 66 -5.76 -0.35 6.17
CA VAL A 66 -6.14 1.01 6.53
C VAL A 66 -6.25 1.81 5.21
N ASP A 67 -7.40 2.43 5.00
CA ASP A 67 -7.60 3.23 3.79
C ASP A 67 -6.85 4.56 4.00
N GLU A 68 -6.17 5.06 3.00
CA GLU A 68 -5.42 6.32 3.16
C GLU A 68 -5.67 7.38 2.10
N LYS A 69 -5.49 8.61 2.51
CA LYS A 69 -5.63 9.78 1.63
C LYS A 69 -4.53 9.75 0.55
N VAL A 70 -4.81 10.48 -0.52
CA VAL A 70 -3.91 10.53 -1.67
C VAL A 70 -3.34 11.93 -1.93
N GLU A 71 -2.19 11.96 -2.63
CA GLU A 71 -1.56 13.20 -3.02
C GLU A 71 -1.77 13.27 -4.54
N LEU A 72 -2.06 14.46 -5.04
CA LEU A 72 -2.37 14.69 -6.44
C LEU A 72 -1.43 15.70 -7.07
N GLU A 73 -1.18 15.49 -8.36
CA GLU A 73 -0.40 16.39 -9.19
C GLU A 73 -1.30 16.68 -10.36
N CYS A 74 -1.21 17.89 -10.86
CA CYS A 74 -2.04 18.33 -11.97
C CYS A 74 -1.12 18.29 -13.20
N LYS A 75 -1.72 17.84 -14.32
CA LYS A 75 -1.02 17.81 -15.60
C LYS A 75 -0.52 19.24 -15.76
N ASP A 76 0.62 19.47 -16.44
CA ASP A 76 1.46 20.63 -16.13
C ASP A 76 0.78 22.01 -15.81
N CYS A 77 0.78 22.10 -14.49
CA CYS A 77 0.26 23.17 -13.64
C CYS A 77 1.10 22.80 -12.36
N SER A 78 1.97 23.67 -11.84
CA SER A 78 2.76 23.21 -10.69
C SER A 78 1.96 23.42 -9.42
N HIS A 79 1.37 22.35 -8.93
CA HIS A 79 0.46 22.36 -7.79
C HIS A 79 0.49 21.29 -6.70
N VAL A 80 1.46 20.39 -6.56
CA VAL A 80 1.18 19.11 -5.96
C VAL A 80 0.87 19.27 -4.47
N PHE A 81 -0.24 18.66 -4.06
CA PHE A 81 -0.84 18.84 -2.76
C PHE A 81 -1.69 17.63 -2.40
N LYS A 82 -2.22 17.58 -1.17
CA LYS A 82 -3.17 16.56 -0.81
C LYS A 82 -4.56 17.23 -0.67
N PRO A 83 -5.58 16.78 -1.43
CA PRO A 83 -6.90 17.41 -1.30
C PRO A 83 -7.60 16.98 0.00
N ASN A 84 -8.50 17.82 0.52
CA ASN A 84 -9.25 17.49 1.73
C ASN A 84 -10.74 17.78 1.55
N ALA A 85 -11.29 17.58 0.36
CA ALA A 85 -12.69 17.86 0.05
C ALA A 85 -13.13 16.87 -1.01
N LEU A 86 -14.40 16.90 -1.37
CA LEU A 86 -14.98 16.03 -2.38
C LEU A 86 -14.49 16.39 -3.80
N ASP A 87 -13.60 17.37 -3.88
CA ASP A 87 -13.02 17.86 -5.12
C ASP A 87 -11.91 16.98 -5.63
N TYR A 88 -11.88 15.72 -5.23
CA TYR A 88 -10.89 14.78 -5.76
C TYR A 88 -11.04 14.67 -7.27
N GLY A 89 -9.94 14.54 -7.95
CA GLY A 89 -9.94 14.38 -9.41
C GLY A 89 -9.79 15.66 -10.21
N VAL A 90 -9.69 16.77 -9.51
CA VAL A 90 -9.41 18.07 -10.14
C VAL A 90 -8.34 18.74 -9.28
N CYS A 91 -7.66 19.67 -9.89
CA CYS A 91 -6.66 20.51 -9.21
C CYS A 91 -7.43 21.54 -8.36
N GLU A 92 -6.74 22.27 -7.51
CA GLU A 92 -7.36 23.36 -6.73
C GLU A 92 -6.86 24.72 -7.24
N LYS A 93 -5.74 24.73 -7.98
CA LYS A 93 -5.13 25.95 -8.54
C LYS A 93 -6.00 26.45 -9.69
N CYS A 94 -6.49 25.46 -10.39
CA CYS A 94 -7.35 25.57 -11.53
C CYS A 94 -8.25 24.37 -11.20
N HIS A 95 -9.34 24.14 -11.89
CA HIS A 95 -10.15 22.97 -11.56
C HIS A 95 -10.17 22.06 -12.76
N SER A 96 -8.99 21.98 -13.33
CA SER A 96 -8.78 21.16 -14.49
C SER A 96 -8.96 19.70 -14.14
N LYS A 97 -9.64 19.00 -15.05
CA LYS A 97 -9.89 17.56 -14.93
C LYS A 97 -8.66 16.87 -15.42
N ASN A 98 -8.50 15.60 -15.08
CA ASN A 98 -7.31 14.79 -15.44
C ASN A 98 -6.10 15.28 -14.69
N VAL A 99 -6.03 14.81 -13.47
CA VAL A 99 -4.92 15.08 -12.55
C VAL A 99 -4.41 13.68 -12.29
N ILE A 100 -3.21 13.54 -11.79
CA ILE A 100 -2.67 12.21 -11.57
C ILE A 100 -2.39 12.07 -10.08
N ILE A 101 -2.25 10.83 -9.66
CA ILE A 101 -2.02 10.51 -8.28
C ILE A 101 -0.57 10.18 -8.09
N THR A 102 0.06 10.87 -7.18
CA THR A 102 1.50 10.68 -6.97
C THR A 102 1.71 9.74 -5.80
N GLN A 103 0.81 9.78 -4.82
CA GLN A 103 0.89 8.92 -3.64
C GLN A 103 -0.51 8.40 -3.35
N GLY A 104 -0.61 7.16 -2.89
CA GLY A 104 -1.88 6.57 -2.59
C GLY A 104 -2.54 5.88 -3.80
N ASN A 105 -1.76 5.60 -4.83
CA ASN A 105 -2.28 4.94 -6.01
C ASN A 105 -2.02 3.41 -5.81
N GLU A 106 -0.98 3.11 -5.05
CA GLU A 106 -0.54 1.76 -4.74
C GLU A 106 -0.39 1.57 -3.24
N MET A 107 -0.26 0.32 -2.82
CA MET A 107 -0.13 -0.02 -1.39
C MET A 107 1.23 0.36 -0.79
N ARG A 108 1.24 0.75 0.46
CA ARG A 108 2.47 1.12 1.21
C ARG A 108 2.26 0.41 2.58
N LEU A 109 3.34 -0.03 3.24
CA LEU A 109 3.20 -0.68 4.56
C LEU A 109 3.30 0.34 5.64
N LEU A 110 2.48 0.24 6.69
CA LEU A 110 2.53 1.24 7.75
C LEU A 110 3.27 0.76 9.00
N SER A 111 3.01 -0.47 9.46
CA SER A 111 3.70 -1.03 10.63
C SER A 111 3.82 -2.56 10.52
N LEU A 112 4.86 -3.13 11.12
CA LEU A 112 5.00 -4.61 11.15
C LEU A 112 5.34 -5.06 12.58
N GLU A 113 4.73 -6.13 13.05
CA GLU A 113 5.09 -6.69 14.37
C GLU A 113 5.95 -7.88 14.04
N MET A 114 7.14 -7.96 14.63
CA MET A 114 8.14 -8.97 14.22
C MET A 114 8.82 -9.65 15.41
N LEU A 115 9.29 -10.89 15.19
CA LEU A 115 10.01 -11.66 16.21
C LEU A 115 11.51 -11.74 15.85
N ALA A 116 12.39 -11.39 16.79
CA ALA A 116 13.83 -11.37 16.55
C ALA A 116 14.38 -12.77 16.24
N GLU A 117 15.43 -12.78 15.42
CA GLU A 117 16.07 -14.02 14.97
C GLU A 117 16.79 -14.72 16.14
ZN ZN B . -3.98 22.53 -11.86
N MET A 1 -1.16 -3.33 -10.02
CA MET A 1 -2.64 -3.19 -9.95
C MET A 1 -3.33 -4.51 -9.78
N HIS A 2 -2.86 -5.59 -10.44
CA HIS A 2 -3.49 -6.93 -10.29
C HIS A 2 -3.27 -7.37 -8.83
N GLU A 3 -4.22 -8.02 -8.19
CA GLU A 3 -4.09 -8.22 -6.76
C GLU A 3 -2.98 -9.18 -6.36
N TYR A 4 -2.80 -10.25 -7.09
CA TYR A 4 -1.74 -11.22 -6.75
C TYR A 4 -0.35 -10.61 -7.01
N SER A 5 -0.30 -9.72 -7.99
CA SER A 5 0.98 -9.07 -8.33
C SER A 5 1.37 -8.06 -7.23
N VAL A 6 0.39 -7.38 -6.65
CA VAL A 6 0.68 -6.45 -5.55
C VAL A 6 1.09 -7.26 -4.34
N VAL A 7 0.42 -8.36 -4.06
CA VAL A 7 0.76 -9.18 -2.88
C VAL A 7 2.13 -9.85 -3.12
N SER A 8 2.41 -10.26 -4.35
CA SER A 8 3.73 -10.84 -4.65
C SER A 8 4.84 -9.79 -4.38
N SER A 9 4.54 -8.54 -4.66
CA SER A 9 5.51 -7.49 -4.39
C SER A 9 5.59 -7.27 -2.88
N LEU A 10 4.44 -7.34 -2.24
CA LEU A 10 4.33 -7.11 -0.81
C LEU A 10 5.13 -8.12 -0.02
N ILE A 11 5.10 -9.39 -0.38
CA ILE A 11 5.83 -10.37 0.41
C ILE A 11 7.32 -10.06 0.36
N ALA A 12 7.82 -9.72 -0.80
CA ALA A 12 9.24 -9.42 -0.94
C ALA A 12 9.58 -8.14 -0.16
N LEU A 13 8.68 -7.18 -0.20
CA LEU A 13 8.86 -5.93 0.53
C LEU A 13 8.86 -6.19 2.02
N CYS A 14 8.04 -7.14 2.43
CA CYS A 14 8.00 -7.51 3.83
C CYS A 14 9.33 -8.16 4.18
N GLU A 15 9.85 -9.00 3.29
CA GLU A 15 11.13 -9.65 3.58
C GLU A 15 12.25 -8.61 3.61
N GLU A 16 12.20 -7.59 2.76
CA GLU A 16 13.32 -6.64 2.81
C GLU A 16 13.24 -5.82 4.10
N HIS A 17 12.03 -5.55 4.58
CA HIS A 17 11.88 -4.80 5.85
C HIS A 17 12.39 -5.68 6.93
N ALA A 18 12.21 -6.99 6.84
CA ALA A 18 12.73 -7.87 7.87
C ALA A 18 14.27 -7.76 7.92
N LYS A 19 14.91 -7.65 6.78
CA LYS A 19 16.36 -7.48 6.74
C LYS A 19 16.74 -6.13 7.33
N LYS A 20 15.93 -5.12 7.05
CA LYS A 20 16.20 -3.77 7.55
C LYS A 20 15.98 -3.65 9.03
N ASN A 21 15.12 -4.50 9.59
CA ASN A 21 14.77 -4.42 11.01
C ASN A 21 15.50 -5.51 11.81
N GLN A 22 16.40 -6.27 11.13
CA GLN A 22 17.15 -7.36 11.78
C GLN A 22 16.11 -8.28 12.44
N ALA A 23 15.10 -8.61 11.68
CA ALA A 23 14.00 -9.45 12.12
C ALA A 23 13.92 -10.69 11.24
N HIS A 24 13.37 -11.79 11.72
CA HIS A 24 13.28 -13.04 10.92
C HIS A 24 11.87 -13.56 10.74
N LYS A 25 10.90 -12.99 11.44
CA LYS A 25 9.53 -13.47 11.38
C LYS A 25 8.63 -12.27 11.57
N ILE A 26 7.61 -12.14 10.74
CA ILE A 26 6.66 -11.03 10.86
C ILE A 26 5.34 -11.55 11.42
N GLU A 27 4.88 -11.03 12.56
CA GLU A 27 3.63 -11.49 13.16
C GLU A 27 2.39 -10.84 12.59
N ARG A 28 2.48 -9.60 12.18
CA ARG A 28 1.33 -8.85 11.64
C ARG A 28 1.83 -7.87 10.58
N VAL A 29 1.08 -7.68 9.53
CA VAL A 29 1.39 -6.72 8.46
C VAL A 29 0.15 -5.84 8.35
N VAL A 30 0.29 -4.53 8.49
CA VAL A 30 -0.89 -3.66 8.35
C VAL A 30 -0.59 -2.82 7.15
N VAL A 31 -1.57 -2.69 6.28
CA VAL A 31 -1.38 -1.97 5.01
C VAL A 31 -2.43 -0.90 4.93
N GLY A 32 -2.20 0.07 4.08
CA GLY A 32 -3.18 1.09 3.81
C GLY A 32 -3.52 0.93 2.37
N ILE A 33 -4.80 0.91 2.05
CA ILE A 33 -5.27 0.76 0.69
C ILE A 33 -6.15 1.97 0.52
N GLY A 34 -5.89 2.74 -0.53
CA GLY A 34 -6.62 3.97 -0.74
C GLY A 34 -8.10 3.81 -0.95
N GLU A 35 -8.86 4.74 -0.45
CA GLU A 35 -10.33 4.68 -0.58
C GLU A 35 -10.74 4.87 -2.05
N ARG A 36 -9.82 5.36 -2.89
CA ARG A 36 -10.05 5.53 -4.33
C ARG A 36 -9.13 4.61 -5.13
N SER A 37 -8.61 3.61 -4.47
CA SER A 37 -7.69 2.65 -5.14
C SER A 37 -8.38 1.71 -6.12
N ALA A 38 -7.59 1.23 -7.07
CA ALA A 38 -8.08 0.31 -8.10
C ALA A 38 -8.25 -1.08 -7.51
N MET A 39 -7.68 -1.31 -6.33
CA MET A 39 -7.64 -2.67 -5.72
C MET A 39 -8.92 -3.17 -5.05
N ASP A 40 -9.08 -4.49 -5.13
CA ASP A 40 -10.20 -5.20 -4.55
C ASP A 40 -9.74 -5.84 -3.22
N LYS A 41 -10.33 -5.43 -2.11
CA LYS A 41 -9.94 -5.92 -0.78
C LYS A 41 -10.24 -7.40 -0.56
N SER A 42 -11.29 -7.94 -1.15
CA SER A 42 -11.65 -9.35 -0.89
C SER A 42 -10.65 -10.25 -1.56
N LEU A 43 -10.23 -9.87 -2.76
CA LEU A 43 -9.26 -10.65 -3.49
C LEU A 43 -7.87 -10.38 -2.95
N PHE A 44 -7.69 -9.24 -2.34
CA PHE A 44 -6.39 -8.93 -1.75
C PHE A 44 -6.13 -9.80 -0.53
N VAL A 45 -7.13 -9.95 0.32
CA VAL A 45 -6.93 -10.79 1.53
C VAL A 45 -6.88 -12.29 1.15
N SER A 46 -7.48 -12.64 0.01
CA SER A 46 -7.46 -14.01 -0.46
C SER A 46 -6.04 -14.29 -1.00
N ALA A 47 -5.51 -13.29 -1.72
CA ALA A 47 -4.19 -13.43 -2.29
C ALA A 47 -3.15 -13.48 -1.19
N PHE A 48 -3.35 -12.71 -0.13
CA PHE A 48 -2.37 -12.66 0.95
C PHE A 48 -2.26 -14.04 1.62
N GLU A 49 -3.39 -14.72 1.80
CA GLU A 49 -3.38 -16.04 2.42
C GLU A 49 -2.71 -17.03 1.47
N THR A 50 -2.89 -16.85 0.16
CA THR A 50 -2.29 -17.71 -0.85
C THR A 50 -0.76 -17.56 -0.81
N PHE A 51 -0.33 -16.32 -0.62
CA PHE A 51 1.09 -15.95 -0.54
C PHE A 51 1.73 -16.22 0.83
N ARG A 52 0.99 -16.35 1.92
CA ARG A 52 1.65 -16.59 3.22
C ARG A 52 2.48 -17.83 3.19
N GLU A 53 2.08 -18.82 2.44
CA GLU A 53 2.78 -20.10 2.42
C GLU A 53 4.11 -20.02 1.69
N GLU A 54 4.25 -19.03 0.80
CA GLU A 54 5.47 -18.84 0.02
C GLU A 54 6.76 -18.56 0.83
N SER A 55 6.62 -17.96 2.00
CA SER A 55 7.78 -17.61 2.81
C SER A 55 7.46 -17.80 4.30
N LEU A 56 8.39 -18.42 5.03
CA LEU A 56 8.23 -18.68 6.47
C LEU A 56 8.08 -17.34 7.21
N VAL A 57 8.80 -16.34 6.71
CA VAL A 57 8.84 -14.99 7.31
C VAL A 57 7.42 -14.39 7.42
N CYS A 58 6.56 -14.61 6.44
CA CYS A 58 5.21 -14.07 6.46
C CYS A 58 4.11 -15.11 6.66
N LYS A 59 4.46 -16.34 6.95
CA LYS A 59 3.44 -17.40 7.02
C LYS A 59 2.42 -17.24 8.16
N ASP A 60 2.83 -16.78 9.34
CA ASP A 60 1.90 -16.60 10.46
C ASP A 60 1.45 -15.15 10.55
N ALA A 61 1.74 -14.34 9.54
CA ALA A 61 1.40 -12.93 9.56
C ALA A 61 -0.13 -12.72 9.56
N ILE A 62 -0.59 -11.67 10.22
CA ILE A 62 -2.01 -11.31 10.26
C ILE A 62 -2.11 -10.05 9.39
N LEU A 63 -3.05 -10.02 8.46
CA LEU A 63 -3.19 -8.90 7.53
C LEU A 63 -4.38 -7.99 7.90
N ASP A 64 -4.10 -6.69 8.04
CA ASP A 64 -5.15 -5.69 8.34
C ASP A 64 -5.11 -4.64 7.24
N ILE A 65 -6.26 -4.11 6.86
CA ILE A 65 -6.32 -3.08 5.80
C ILE A 65 -6.95 -1.80 6.35
N VAL A 66 -6.22 -0.70 6.18
CA VAL A 66 -6.66 0.61 6.62
C VAL A 66 -7.04 1.45 5.41
N ASP A 67 -8.23 2.00 5.45
CA ASP A 67 -8.70 2.83 4.34
C ASP A 67 -8.04 4.22 4.44
N GLU A 68 -7.38 4.65 3.40
CA GLU A 68 -6.67 5.96 3.43
C GLU A 68 -6.99 6.89 2.25
N LYS A 69 -6.86 8.20 2.51
CA LYS A 69 -7.07 9.24 1.53
C LYS A 69 -5.86 9.36 0.58
N VAL A 70 -6.15 9.70 -0.67
CA VAL A 70 -5.17 9.90 -1.74
C VAL A 70 -4.26 11.14 -1.55
N GLU A 71 -3.08 11.08 -2.17
CA GLU A 71 -2.13 12.22 -2.19
C GLU A 71 -1.93 12.56 -3.68
N LEU A 72 -1.84 13.82 -4.07
CA LEU A 72 -1.83 14.16 -5.51
C LEU A 72 -0.56 14.91 -5.97
N GLU A 73 -0.15 14.55 -7.17
CA GLU A 73 0.98 15.15 -7.86
C GLU A 73 0.42 15.56 -9.22
N CYS A 74 0.93 16.61 -9.83
CA CYS A 74 0.46 17.12 -11.11
C CYS A 74 1.51 16.67 -12.13
N LYS A 75 1.10 16.37 -13.36
CA LYS A 75 2.06 16.03 -14.41
C LYS A 75 2.91 17.34 -14.42
N ASP A 76 4.19 17.23 -14.70
CA ASP A 76 5.19 18.17 -14.13
C ASP A 76 4.79 19.64 -13.97
N CYS A 77 4.34 19.83 -12.73
CA CYS A 77 3.90 21.03 -12.04
C CYS A 77 4.06 20.67 -10.53
N SER A 78 4.92 21.38 -9.78
CA SER A 78 5.29 20.96 -8.41
C SER A 78 4.27 21.47 -7.35
N HIS A 79 3.41 20.56 -6.86
CA HIS A 79 2.37 20.95 -5.89
C HIS A 79 2.02 19.98 -4.76
N VAL A 80 2.80 18.94 -4.51
CA VAL A 80 2.24 17.76 -3.85
C VAL A 80 1.91 18.00 -2.41
N PHE A 81 0.68 17.58 -2.12
CA PHE A 81 0.03 17.75 -0.84
C PHE A 81 -1.07 16.73 -0.78
N LYS A 82 -1.64 16.48 0.39
CA LYS A 82 -2.84 15.64 0.45
C LYS A 82 -4.07 16.58 0.41
N PRO A 83 -5.02 16.36 -0.52
CA PRO A 83 -6.14 17.28 -0.58
C PRO A 83 -7.11 17.14 0.60
N ASN A 84 -7.87 18.21 0.87
CA ASN A 84 -8.85 18.24 1.96
C ASN A 84 -10.13 18.94 1.47
N ALA A 85 -10.40 18.81 0.19
CA ALA A 85 -11.56 19.42 -0.45
C ALA A 85 -12.01 18.42 -1.51
N LEU A 86 -13.19 18.69 -2.08
CA LEU A 86 -13.79 17.79 -3.07
C LEU A 86 -13.26 18.05 -4.50
N ASP A 87 -12.24 18.90 -4.61
CA ASP A 87 -11.61 19.17 -5.93
C ASP A 87 -10.57 18.10 -6.31
N TYR A 88 -10.91 16.85 -6.07
CA TYR A 88 -10.07 15.73 -6.45
C TYR A 88 -9.94 15.69 -7.96
N GLY A 89 -8.76 15.37 -8.44
CA GLY A 89 -8.51 15.29 -9.87
C GLY A 89 -7.94 16.54 -10.51
N VAL A 90 -7.69 17.58 -9.75
CA VAL A 90 -7.03 18.77 -10.27
C VAL A 90 -5.92 19.17 -9.30
N CYS A 91 -4.97 19.90 -9.84
CA CYS A 91 -3.87 20.48 -9.11
C CYS A 91 -4.37 21.71 -8.34
N GLU A 92 -3.54 22.25 -7.44
CA GLU A 92 -3.85 23.53 -6.80
C GLU A 92 -2.83 24.63 -7.18
N LYS A 93 -1.70 24.25 -7.75
CA LYS A 93 -0.67 25.20 -8.24
C LYS A 93 -1.22 25.86 -9.48
N CYS A 94 -1.97 25.04 -10.19
CA CYS A 94 -2.71 25.39 -11.38
C CYS A 94 -3.97 24.63 -11.06
N HIS A 95 -5.10 24.82 -11.73
CA HIS A 95 -6.29 24.04 -11.37
C HIS A 95 -6.71 23.29 -12.58
N SER A 96 -5.70 22.82 -13.30
CA SER A 96 -5.85 22.03 -14.50
C SER A 96 -6.00 20.55 -14.18
N LYS A 97 -6.71 19.87 -15.05
CA LYS A 97 -6.80 18.41 -15.00
C LYS A 97 -5.45 17.92 -15.50
N ASN A 98 -5.13 16.65 -15.25
CA ASN A 98 -3.84 15.94 -15.60
C ASN A 98 -2.97 15.86 -14.37
N VAL A 99 -3.52 15.28 -13.33
CA VAL A 99 -2.78 15.01 -12.11
C VAL A 99 -2.75 13.51 -11.95
N ILE A 100 -1.83 13.00 -11.17
CA ILE A 100 -1.72 11.59 -10.90
C ILE A 100 -1.73 11.41 -9.37
N ILE A 101 -2.04 10.20 -8.96
CA ILE A 101 -2.08 9.87 -7.56
C ILE A 101 -0.76 9.23 -7.21
N THR A 102 -0.09 9.76 -6.20
CA THR A 102 1.21 9.16 -5.81
C THR A 102 0.99 8.12 -4.75
N GLN A 103 0.04 8.35 -3.87
CA GLN A 103 -0.23 7.42 -2.79
C GLN A 103 -1.75 7.27 -2.69
N GLY A 104 -2.24 6.11 -2.31
CA GLY A 104 -3.67 5.86 -2.22
C GLY A 104 -4.33 5.36 -3.52
N ASN A 105 -3.54 5.07 -4.55
CA ASN A 105 -4.10 4.53 -5.82
C ASN A 105 -3.96 3.00 -5.73
N GLU A 106 -2.96 2.61 -4.93
CA GLU A 106 -2.56 1.22 -4.72
C GLU A 106 -2.11 1.09 -3.26
N MET A 107 -1.85 -0.13 -2.85
CA MET A 107 -1.52 -0.46 -1.47
C MET A 107 -0.14 0.08 -1.06
N ARG A 108 -0.03 0.42 0.23
CA ARG A 108 1.18 0.93 0.89
C ARG A 108 1.33 0.20 2.23
N LEU A 109 2.55 -0.13 2.67
CA LEU A 109 2.76 -0.75 3.98
C LEU A 109 2.82 0.38 5.01
N LEU A 110 2.10 0.23 6.12
CA LEU A 110 2.15 1.26 7.16
C LEU A 110 3.06 0.88 8.34
N SER A 111 2.85 -0.31 8.88
CA SER A 111 3.62 -0.81 10.01
C SER A 111 3.65 -2.34 10.02
N LEU A 112 4.63 -2.95 10.69
CA LEU A 112 4.71 -4.43 10.80
C LEU A 112 4.97 -4.79 12.29
N GLU A 113 4.46 -5.92 12.74
CA GLU A 113 4.76 -6.48 14.07
C GLU A 113 5.84 -7.52 13.74
N MET A 114 7.01 -7.47 14.36
CA MET A 114 8.13 -8.31 13.95
C MET A 114 8.92 -8.94 15.11
N LEU A 115 9.49 -10.12 14.89
CA LEU A 115 10.34 -10.77 15.91
C LEU A 115 11.78 -10.70 15.49
N ALA A 116 12.62 -10.28 16.41
CA ALA A 116 14.05 -10.09 16.15
C ALA A 116 14.76 -11.39 15.78
N GLU A 117 15.76 -11.25 14.91
CA GLU A 117 16.53 -12.40 14.40
C GLU A 117 17.44 -13.05 15.46
ZN ZN B . -0.51 21.61 -11.54
#